data_9IFI
#
_entry.id   9IFI
#
_cell.length_a   102.224
_cell.length_b   63.976
_cell.length_c   171.119
_cell.angle_alpha   90.000
_cell.angle_beta   97.745
_cell.angle_gamma   90.000
#
_symmetry.space_group_name_H-M   'P 1 21 1'
#
loop_
_entity.id
_entity.type
_entity.pdbx_description
1 polymer 'Trypanothione reductase'
2 non-polymer 'FLAVIN-ADENINE DINUCLEOTIDE'
3 non-polymer IMIDAZOLE
4 non-polymer DI(HYDROXYETHYL)ETHER
5 non-polymer 'BROMIDE ION'
6 non-polymer 1-ethanoylpiperidine-4-carboxamide
7 water water
#
_entity_poly.entity_id   1
_entity_poly.type   'polypeptide(L)'
_entity_poly.pdbx_seq_one_letter_code
;GSHMSKAFDLVVIGAGSGGLEAGWNAATLYGKRVAVVDVQTSHGPPFYAALGGTCVNVGCVPKKLMVTGAQYMDHLRESA
GFGWEFDGSSVKANWKKLIAAKNEAVLDINKSYEGMFNDTEGLDFFLGWGSLESKNVVVVRETADPKSAVKERLQADHIL
LATGSWPQMPAIPGIEHCISSNEAFYLPEPPRRVLTVGGGFISVEFAGIFNAYKPPGGKVTLCYRNNLILRGFDETIREE
VTKQLTANGIEIMTNENPAKVSLNTDGSKHVTFESGKTLDVDVVMMAIGRIPRTNDLQLGNVGVKLTPKGGVQVDEFSRT
NVPNIYAIGDITDRLMLTPVAINEGAALVDTVFGNKPRKTDHTRVASAVFSIPPIGTCGLIEEVAAKEFEKVAVYMSSFT
PLMHNISGSKYKKFVAKIVTNHSDGTVLGVHLLGDGAPEIIQAVGVCLRLNAKISDFYNTIGVHPTSAEELCSMRTPSYY
YVKGEKMEKLPDSNL
;
_entity_poly.pdbx_strand_id   A,B,C,D
#
loop_
_chem_comp.id
_chem_comp.type
_chem_comp.name
_chem_comp.formula
A1I3U non-polymer 1-ethanoylpiperidine-4-carboxamide 'C8 H14 N2 O2'
BR non-polymer 'BROMIDE ION' 'Br -1'
FAD non-polymer 'FLAVIN-ADENINE DINUCLEOTIDE' 'C27 H33 N9 O15 P2'
IMD non-polymer IMIDAZOLE 'C3 H5 N2 1'
PEG non-polymer DI(HYDROXYETHYL)ETHER 'C4 H10 O3'
#
# COMPACT_ATOMS: atom_id res chain seq x y z
N HIS A 3 24.03 -2.54 41.55
CA HIS A 3 24.63 -3.24 40.41
C HIS A 3 25.36 -2.27 39.49
N MET A 4 26.60 -2.61 39.10
CA MET A 4 27.47 -1.71 38.35
C MET A 4 27.54 -2.09 36.87
N SER A 5 27.68 -1.07 36.03
CA SER A 5 27.95 -1.32 34.62
C SER A 5 29.33 -1.96 34.45
N LYS A 6 29.49 -2.63 33.34
CA LYS A 6 30.71 -3.35 33.00
C LYS A 6 31.37 -2.64 31.83
N ALA A 7 32.72 -2.70 31.74
CA ALA A 7 33.47 -1.94 30.75
C ALA A 7 34.30 -2.85 29.85
N PHE A 8 34.36 -2.51 28.57
CA PHE A 8 35.01 -3.35 27.57
C PHE A 8 35.79 -2.50 26.57
N ASP A 9 36.77 -3.14 25.93
CA ASP A 9 37.42 -2.51 24.78
C ASP A 9 36.47 -2.45 23.58
N LEU A 10 35.70 -3.52 23.37
CA LEU A 10 34.84 -3.66 22.21
C LEU A 10 33.52 -4.27 22.65
N VAL A 11 32.41 -3.65 22.24
CA VAL A 11 31.08 -4.23 22.42
C VAL A 11 30.50 -4.51 21.04
N VAL A 12 30.07 -5.76 20.82
CA VAL A 12 29.49 -6.20 19.56
C VAL A 12 28.00 -6.40 19.75
N ILE A 13 27.18 -5.75 18.92
CA ILE A 13 25.73 -5.93 18.96
C ILE A 13 25.37 -6.89 17.83
N GLY A 14 25.03 -8.13 18.20
CA GLY A 14 24.73 -9.18 17.24
C GLY A 14 25.78 -10.28 17.24
N ALA A 15 25.43 -11.47 17.73
CA ALA A 15 26.37 -12.58 17.84
C ALA A 15 26.23 -13.53 16.67
N GLY A 16 26.37 -12.96 15.47
CA GLY A 16 26.20 -13.68 14.23
C GLY A 16 27.51 -13.92 13.51
N SER A 17 27.41 -14.15 12.20
CA SER A 17 28.57 -14.55 11.41
C SER A 17 29.73 -13.56 11.57
N GLY A 18 29.48 -12.29 11.31
CA GLY A 18 30.51 -11.27 11.43
C GLY A 18 30.85 -10.89 12.86
N GLY A 19 29.84 -10.75 13.71
CA GLY A 19 30.08 -10.32 15.08
C GLY A 19 30.88 -11.33 15.91
N LEU A 20 30.62 -12.62 15.72
CA LEU A 20 31.38 -13.64 16.45
C LEU A 20 32.83 -13.70 15.96
N GLU A 21 33.06 -13.56 14.65
CA GLU A 21 34.44 -13.53 14.14
C GLU A 21 35.21 -12.37 14.76
N ALA A 22 34.64 -11.16 14.70
CA ALA A 22 35.30 -9.99 15.27
C ALA A 22 35.57 -10.18 16.76
N GLY A 23 34.56 -10.65 17.51
CA GLY A 23 34.71 -10.76 18.95
C GLY A 23 35.73 -11.80 19.37
N TRP A 24 35.67 -12.99 18.78
CA TRP A 24 36.66 -14.02 19.09
C TRP A 24 38.07 -13.58 18.73
N ASN A 25 38.26 -12.96 17.57
CA ASN A 25 39.59 -12.54 17.16
C ASN A 25 40.14 -11.45 18.08
N ALA A 26 39.29 -10.47 18.45
CA ALA A 26 39.75 -9.42 19.35
C ALA A 26 40.19 -9.99 20.69
N ALA A 27 39.45 -10.96 21.23
CA ALA A 27 39.76 -11.49 22.56
C ALA A 27 40.97 -12.42 22.54
N THR A 28 41.00 -13.37 21.60
CA THR A 28 42.02 -14.42 21.61
C THR A 28 43.31 -14.04 20.87
N LEU A 29 43.23 -13.21 19.83
CA LEU A 29 44.45 -12.82 19.11
C LEU A 29 45.11 -11.59 19.72
N TYR A 30 44.34 -10.62 20.22
CA TYR A 30 44.89 -9.35 20.66
C TYR A 30 44.67 -9.06 22.13
N GLY A 31 44.12 -10.01 22.90
CA GLY A 31 43.98 -9.86 24.34
C GLY A 31 43.05 -8.75 24.78
N LYS A 32 42.03 -8.44 23.97
CA LYS A 32 41.12 -7.36 24.35
C LYS A 32 39.92 -7.90 25.12
N ARG A 33 39.26 -7.01 25.85
CA ARG A 33 38.06 -7.36 26.61
C ARG A 33 36.85 -7.07 25.73
N VAL A 34 36.03 -8.09 25.51
CA VAL A 34 34.94 -8.03 24.53
C VAL A 34 33.63 -8.46 25.17
N ALA A 35 32.55 -7.75 24.85
CA ALA A 35 31.19 -8.19 25.12
C ALA A 35 30.43 -8.36 23.80
N VAL A 36 29.58 -9.39 23.74
CA VAL A 36 28.72 -9.61 22.58
C VAL A 36 27.28 -9.78 23.07
N VAL A 37 26.33 -9.15 22.36
CA VAL A 37 24.93 -9.10 22.73
C VAL A 37 24.10 -9.84 21.68
N ASP A 38 23.21 -10.73 22.11
CA ASP A 38 22.18 -11.26 21.21
C ASP A 38 20.88 -11.51 21.98
N VAL A 39 19.79 -11.70 21.23
CA VAL A 39 18.45 -11.68 21.81
C VAL A 39 17.96 -13.03 22.28
N GLN A 40 18.66 -14.11 21.96
CA GLN A 40 18.16 -15.45 22.19
C GLN A 40 19.35 -16.41 22.16
N THR A 41 19.32 -17.44 23.02
CA THR A 41 20.47 -18.33 23.15
C THR A 41 20.40 -19.55 22.23
N SER A 42 19.23 -19.85 21.64
CA SER A 42 19.12 -20.98 20.71
C SER A 42 18.04 -20.67 19.68
N HIS A 43 17.99 -21.49 18.63
CA HIS A 43 17.24 -21.19 17.41
C HIS A 43 15.72 -21.19 17.65
N GLY A 44 15.00 -20.47 16.79
CA GLY A 44 13.58 -20.67 16.61
C GLY A 44 12.71 -19.57 17.19
N PRO A 45 11.39 -19.75 17.12
CA PRO A 45 10.50 -18.73 17.65
C PRO A 45 10.83 -18.44 19.10
N PRO A 46 10.61 -17.20 19.57
CA PRO A 46 9.99 -16.07 18.87
C PRO A 46 10.88 -15.26 17.92
N PHE A 47 12.20 -15.23 18.12
CA PHE A 47 13.04 -14.26 17.41
C PHE A 47 13.84 -14.89 16.26
N TYR A 48 13.79 -16.23 16.14
CA TYR A 48 14.32 -17.05 15.03
C TYR A 48 15.84 -17.06 14.98
N ALA A 49 16.46 -15.92 14.65
CA ALA A 49 17.90 -15.86 14.79
C ALA A 49 18.26 -15.78 16.27
N ALA A 50 19.51 -16.11 16.56
CA ALA A 50 19.94 -16.29 17.95
C ALA A 50 21.46 -16.34 17.96
N LEU A 51 22.04 -16.61 19.13
CA LEU A 51 23.46 -16.91 19.24
C LEU A 51 23.95 -17.76 18.08
N GLY A 52 24.94 -17.25 17.33
CA GLY A 52 25.42 -17.90 16.13
C GLY A 52 25.02 -17.20 14.84
N GLY A 53 23.87 -16.53 14.84
CA GLY A 53 23.50 -15.65 13.74
C GLY A 53 22.45 -16.25 12.81
N THR A 54 22.20 -15.54 11.71
CA THR A 54 21.13 -15.98 10.81
C THR A 54 21.54 -17.24 10.04
N CYS A 55 22.81 -17.35 9.67
CA CYS A 55 23.26 -18.50 8.89
C CYS A 55 23.12 -19.80 9.68
N VAL A 56 23.56 -19.79 10.94
CA VAL A 56 23.50 -20.96 11.79
C VAL A 56 22.06 -21.34 12.10
N ASN A 57 21.21 -20.36 12.40
CA ASN A 57 19.93 -20.68 12.99
C ASN A 57 18.80 -20.82 11.97
N VAL A 58 18.71 -19.93 10.98
CA VAL A 58 17.59 -19.94 10.04
C VAL A 58 18.11 -19.51 8.67
N GLY A 59 19.24 -20.10 8.26
CA GLY A 59 19.95 -19.69 7.07
C GLY A 59 20.76 -20.80 6.43
N CYS A 60 22.02 -20.53 6.09
CA CYS A 60 22.82 -21.46 5.27
C CYS A 60 22.85 -22.87 5.86
N VAL A 61 23.07 -23.00 7.17
CA VAL A 61 23.32 -24.32 7.74
C VAL A 61 22.06 -25.17 7.68
N PRO A 62 20.92 -24.75 8.22
CA PRO A 62 19.73 -25.61 8.10
C PRO A 62 19.20 -25.74 6.67
N LYS A 63 19.26 -24.70 5.84
CA LYS A 63 18.72 -24.86 4.49
C LYS A 63 19.55 -25.86 3.68
N LYS A 64 20.86 -25.90 3.88
CA LYS A 64 21.68 -26.85 3.13
C LYS A 64 21.36 -28.28 3.54
N LEU A 65 21.09 -28.51 4.83
CA LEU A 65 20.66 -29.84 5.28
C LEU A 65 19.33 -30.22 4.65
N MET A 66 18.43 -29.25 4.49
CA MET A 66 17.11 -29.52 3.93
C MET A 66 17.19 -29.73 2.41
N VAL A 67 18.04 -28.98 1.72
CA VAL A 67 18.26 -29.24 0.30
C VAL A 67 18.88 -30.62 0.09
N THR A 68 19.84 -30.98 0.95
CA THR A 68 20.42 -32.33 0.88
C THR A 68 19.33 -33.38 1.03
N GLY A 69 18.42 -33.19 1.99
CA GLY A 69 17.30 -34.09 2.12
C GLY A 69 16.45 -34.13 0.86
N ALA A 70 16.21 -32.97 0.25
CA ALA A 70 15.37 -32.93 -0.94
C ALA A 70 16.02 -33.62 -2.13
N GLN A 71 17.35 -33.61 -2.21
CA GLN A 71 18.06 -34.26 -3.31
C GLN A 71 17.79 -35.76 -3.36
N TYR A 72 17.41 -36.40 -2.25
CA TYR A 72 17.16 -37.84 -2.31
C TYR A 72 15.95 -38.19 -3.18
N MET A 73 15.02 -37.28 -3.39
CA MET A 73 13.97 -37.57 -4.36
C MET A 73 14.56 -37.88 -5.72
N ASP A 74 15.54 -37.08 -6.16
CA ASP A 74 16.21 -37.34 -7.42
C ASP A 74 17.03 -38.62 -7.36
N HIS A 75 17.80 -38.82 -6.27
CA HIS A 75 18.66 -40.01 -6.18
C HIS A 75 17.86 -41.30 -6.27
N LEU A 76 16.72 -41.38 -5.58
CA LEU A 76 15.92 -42.60 -5.60
C LEU A 76 15.40 -42.90 -7.00
N ARG A 77 14.91 -41.89 -7.70
CA ARG A 77 14.45 -42.11 -9.07
C ARG A 77 15.62 -42.45 -10.00
N GLU A 78 16.74 -41.72 -9.88
CA GLU A 78 17.85 -41.87 -10.81
C GLU A 78 18.58 -43.20 -10.62
N SER A 79 18.43 -43.83 -9.46
CA SER A 79 19.13 -45.09 -9.20
C SER A 79 18.67 -46.23 -10.11
N ALA A 80 17.45 -46.15 -10.67
CA ALA A 80 16.93 -47.26 -11.46
C ALA A 80 17.73 -47.45 -12.74
N GLY A 81 18.15 -46.36 -13.39
CA GLY A 81 18.94 -46.47 -14.60
C GLY A 81 20.24 -47.24 -14.41
N PHE A 82 20.75 -47.27 -13.18
CA PHE A 82 21.96 -48.01 -12.87
C PHE A 82 21.65 -49.39 -12.28
N GLY A 83 20.41 -49.85 -12.41
CA GLY A 83 20.06 -51.19 -12.02
C GLY A 83 19.42 -51.34 -10.66
N TRP A 84 19.21 -50.26 -9.93
CA TRP A 84 18.63 -50.40 -8.59
C TRP A 84 17.12 -50.61 -8.69
N GLU A 85 16.62 -51.59 -7.96
CA GLU A 85 15.20 -51.93 -7.95
C GLU A 85 14.71 -51.90 -6.51
N PHE A 86 13.52 -51.35 -6.30
CA PHE A 86 12.86 -51.39 -5.00
C PHE A 86 11.39 -50.99 -5.21
N ASP A 87 10.59 -51.16 -4.16
CA ASP A 87 9.14 -50.93 -4.21
C ASP A 87 8.87 -49.43 -4.26
N GLY A 88 8.67 -48.89 -5.47
CA GLY A 88 8.44 -47.46 -5.61
C GLY A 88 7.19 -46.96 -4.91
N SER A 89 6.16 -47.81 -4.81
CA SER A 89 4.92 -47.41 -4.17
C SER A 89 5.08 -47.16 -2.67
N SER A 90 6.13 -47.69 -2.06
CA SER A 90 6.35 -47.58 -0.62
C SER A 90 7.10 -46.32 -0.22
N VAL A 91 7.54 -45.49 -1.16
CA VAL A 91 8.42 -44.37 -0.86
C VAL A 91 7.63 -43.24 -0.22
N LYS A 92 8.10 -42.73 0.93
CA LYS A 92 7.49 -41.61 1.61
C LYS A 92 8.57 -40.67 2.12
N ALA A 93 8.30 -39.36 2.04
CA ALA A 93 9.21 -38.32 2.51
C ALA A 93 8.66 -37.76 3.82
N ASN A 94 9.33 -38.06 4.93
CA ASN A 94 8.83 -37.70 6.25
C ASN A 94 9.45 -36.36 6.63
N TRP A 95 8.65 -35.31 6.47
CA TRP A 95 9.10 -33.94 6.76
C TRP A 95 9.37 -33.74 8.25
N LYS A 96 8.57 -34.37 9.12
CA LYS A 96 8.79 -34.18 10.55
C LYS A 96 10.14 -34.71 11.00
N LYS A 97 10.60 -35.82 10.40
CA LYS A 97 11.91 -36.35 10.75
C LYS A 97 13.03 -35.44 10.25
N LEU A 98 12.88 -34.89 9.04
CA LEU A 98 13.85 -33.93 8.54
C LEU A 98 13.98 -32.71 9.46
N ILE A 99 12.84 -32.12 9.84
CA ILE A 99 12.86 -30.94 10.71
C ILE A 99 13.43 -31.28 12.08
N ALA A 100 13.09 -32.45 12.63
CA ALA A 100 13.65 -32.84 13.93
C ALA A 100 15.16 -33.02 13.86
N ALA A 101 15.66 -33.61 12.78
CA ALA A 101 17.10 -33.79 12.64
C ALA A 101 17.82 -32.45 12.49
N LYS A 102 17.25 -31.57 11.67
CA LYS A 102 17.79 -30.22 11.50
C LYS A 102 17.82 -29.47 12.84
N ASN A 103 16.72 -29.54 13.60
CA ASN A 103 16.66 -28.82 14.88
C ASN A 103 17.74 -29.29 15.83
N GLU A 104 17.97 -30.60 15.89
CA GLU A 104 18.98 -31.12 16.82
C GLU A 104 20.38 -30.68 16.40
N ALA A 105 20.65 -30.64 15.09
CA ALA A 105 21.95 -30.18 14.60
C ALA A 105 22.20 -28.72 14.96
N VAL A 106 21.20 -27.85 14.71
CA VAL A 106 21.37 -26.43 14.98
C VAL A 106 21.55 -26.19 16.47
N LEU A 107 20.74 -26.87 17.29
CA LEU A 107 20.86 -26.71 18.75
C LEU A 107 22.24 -27.12 19.25
N ASP A 108 22.83 -28.16 18.65
CA ASP A 108 24.19 -28.54 19.02
C ASP A 108 25.19 -27.41 18.77
N ILE A 109 25.01 -26.68 17.67
CA ILE A 109 25.87 -25.52 17.41
C ILE A 109 25.60 -24.43 18.44
N ASN A 110 24.32 -24.14 18.70
CA ASN A 110 23.96 -23.18 19.76
C ASN A 110 24.71 -23.49 21.06
N LYS A 111 24.64 -24.74 21.51
CA LYS A 111 25.25 -25.10 22.79
C LYS A 111 26.76 -24.92 22.75
N SER A 112 27.40 -25.26 21.62
CA SER A 112 28.84 -25.11 21.54
C SER A 112 29.26 -23.63 21.62
N TYR A 113 28.51 -22.73 20.97
CA TYR A 113 28.79 -21.29 21.10
C TYR A 113 28.58 -20.82 22.53
N GLU A 114 27.49 -21.28 23.16
CA GLU A 114 27.26 -20.97 24.57
C GLU A 114 28.44 -21.38 25.43
N GLY A 115 29.03 -22.55 25.15
CA GLY A 115 30.16 -23.00 25.94
C GLY A 115 31.43 -22.22 25.66
N MET A 116 31.59 -21.75 24.42
CA MET A 116 32.71 -20.88 24.09
C MET A 116 32.72 -19.61 24.94
N PHE A 117 31.57 -18.95 25.09
CA PHE A 117 31.48 -17.76 25.92
C PHE A 117 31.70 -18.09 27.39
N ASN A 118 31.09 -19.17 27.88
CA ASN A 118 31.29 -19.55 29.28
C ASN A 118 32.76 -19.82 29.58
N ASP A 119 33.55 -20.22 28.58
CA ASP A 119 34.93 -20.67 28.79
C ASP A 119 36.00 -19.61 28.56
N THR A 120 35.81 -18.71 27.61
CA THR A 120 36.92 -17.97 26.99
C THR A 120 37.20 -16.66 27.71
N GLU A 121 38.46 -16.43 28.06
CA GLU A 121 38.83 -15.24 28.82
C GLU A 121 38.70 -13.97 27.98
N GLY A 122 38.01 -12.97 28.53
CA GLY A 122 37.82 -11.69 27.84
C GLY A 122 36.76 -11.69 26.76
N LEU A 123 35.91 -12.70 26.71
CA LEU A 123 34.86 -12.81 25.70
C LEU A 123 33.57 -13.19 26.42
N ASP A 124 32.69 -12.20 26.67
CA ASP A 124 31.50 -12.39 27.48
C ASP A 124 30.25 -12.21 26.61
N PHE A 125 29.20 -12.97 26.92
CA PHE A 125 27.92 -12.87 26.23
C PHE A 125 26.86 -12.26 27.14
N PHE A 126 26.06 -11.34 26.60
CA PHE A 126 24.94 -10.75 27.32
C PHE A 126 23.65 -10.94 26.53
N LEU A 127 22.61 -11.41 27.21
CA LEU A 127 21.33 -11.71 26.58
C LEU A 127 20.40 -10.50 26.65
N GLY A 128 19.93 -10.05 25.49
CA GLY A 128 18.94 -9.00 25.43
C GLY A 128 19.07 -8.20 24.16
N TRP A 129 18.39 -7.05 24.12
CA TRP A 129 18.36 -6.19 22.94
C TRP A 129 19.32 -5.02 23.10
N GLY A 130 20.32 -4.92 22.22
CA GLY A 130 21.33 -3.88 22.32
C GLY A 130 20.92 -2.64 21.55
N SER A 131 21.19 -1.47 22.12
CA SER A 131 21.03 -0.21 21.39
C SER A 131 22.08 0.79 21.86
N LEU A 132 22.23 1.87 21.11
CA LEU A 132 23.24 2.89 21.41
C LEU A 132 22.63 4.01 22.25
N GLU A 133 23.15 4.21 23.45
CA GLU A 133 22.74 5.32 24.28
C GLU A 133 23.62 6.54 24.04
N SER A 134 24.92 6.32 23.97
CA SER A 134 25.87 7.38 23.66
C SER A 134 27.07 6.72 23.00
N LYS A 135 28.06 7.56 22.64
CA LYS A 135 29.20 7.12 21.83
C LYS A 135 29.97 5.97 22.48
N ASN A 136 29.91 5.85 23.81
CA ASN A 136 30.66 4.84 24.53
C ASN A 136 29.79 4.03 25.49
N VAL A 137 28.48 3.98 25.29
CA VAL A 137 27.60 3.18 26.16
C VAL A 137 26.58 2.45 25.31
N VAL A 138 26.58 1.11 25.39
CA VAL A 138 25.54 0.26 24.80
C VAL A 138 24.62 -0.17 25.93
N VAL A 139 23.33 0.01 25.74
CA VAL A 139 22.33 -0.41 26.72
C VAL A 139 21.73 -1.72 26.24
N VAL A 140 21.49 -2.65 27.17
CA VAL A 140 20.85 -3.93 26.88
C VAL A 140 19.51 -3.95 27.58
N ARG A 141 18.42 -4.06 26.81
CA ARG A 141 17.07 -4.01 27.36
C ARG A 141 16.38 -5.36 27.19
N GLU A 142 15.22 -5.50 27.86
CA GLU A 142 14.50 -6.78 27.83
C GLU A 142 13.80 -7.02 26.50
N THR A 143 13.38 -5.97 25.78
CA THR A 143 12.77 -6.16 24.45
C THR A 143 13.29 -5.09 23.49
N ALA A 144 12.84 -5.19 22.24
CA ALA A 144 13.17 -4.19 21.22
C ALA A 144 12.56 -2.82 21.51
N ASP A 145 11.58 -2.74 22.39
CA ASP A 145 10.96 -1.47 22.77
C ASP A 145 11.96 -0.66 23.60
N PRO A 146 12.30 0.56 23.21
CA PRO A 146 13.29 1.33 24.00
C PRO A 146 12.76 1.77 25.37
N LYS A 147 11.49 1.54 25.68
CA LYS A 147 10.95 1.78 27.01
C LYS A 147 11.02 0.56 27.92
N SER A 148 11.48 -0.58 27.41
CA SER A 148 11.52 -1.79 28.22
C SER A 148 12.68 -1.71 29.23
N ALA A 149 12.69 -2.64 30.17
CA ALA A 149 13.61 -2.55 31.31
C ALA A 149 15.06 -2.74 30.90
N VAL A 150 15.96 -2.03 31.59
CA VAL A 150 17.39 -2.13 31.33
C VAL A 150 17.99 -3.29 32.12
N LYS A 151 18.61 -4.24 31.40
CA LYS A 151 19.32 -5.35 32.04
C LYS A 151 20.79 -5.03 32.31
N GLU A 152 21.47 -4.34 31.39
CA GLU A 152 22.88 -4.01 31.56
C GLU A 152 23.18 -2.70 30.85
N ARG A 153 24.23 -2.02 31.31
CA ARG A 153 24.87 -0.97 30.54
C ARG A 153 26.32 -1.37 30.32
N LEU A 154 26.75 -1.41 29.05
CA LEU A 154 28.09 -1.84 28.69
C LEU A 154 28.88 -0.65 28.17
N GLN A 155 29.92 -0.24 28.92
CA GLN A 155 30.81 0.81 28.45
C GLN A 155 31.77 0.22 27.42
N ALA A 156 32.06 0.99 26.37
CA ALA A 156 32.79 0.49 25.20
C ALA A 156 33.66 1.57 24.60
N ASP A 157 34.96 1.29 24.44
CA ASP A 157 35.81 2.18 23.65
C ASP A 157 35.48 2.10 22.17
N HIS A 158 35.11 0.91 21.69
CA HIS A 158 34.78 0.66 20.29
C HIS A 158 33.48 -0.12 20.23
N ILE A 159 32.59 0.23 19.30
CA ILE A 159 31.29 -0.44 19.17
C ILE A 159 31.13 -0.97 17.76
N LEU A 160 30.75 -2.25 17.64
CA LEU A 160 30.54 -2.90 16.34
C LEU A 160 29.07 -3.22 16.15
N LEU A 161 28.45 -2.64 15.11
CA LEU A 161 27.06 -2.94 14.74
C LEU A 161 27.07 -4.13 13.77
N ALA A 162 26.47 -5.25 14.17
CA ALA A 162 26.45 -6.46 13.35
C ALA A 162 25.15 -7.23 13.54
N THR A 163 24.02 -6.54 13.43
CA THR A 163 22.68 -7.09 13.69
C THR A 163 22.04 -7.77 12.48
N GLY A 164 22.69 -7.77 11.31
CA GLY A 164 22.18 -8.55 10.17
C GLY A 164 20.99 -7.91 9.47
N SER A 165 20.12 -8.78 8.90
CA SER A 165 18.95 -8.34 8.15
C SER A 165 17.71 -9.14 8.54
N TRP A 166 16.60 -8.89 7.86
CA TRP A 166 15.28 -9.39 8.21
C TRP A 166 14.42 -9.49 6.94
N PRO A 167 13.50 -10.47 6.85
CA PRO A 167 12.67 -10.58 5.66
C PRO A 167 11.78 -9.35 5.48
N GLN A 168 11.65 -8.95 4.23
CA GLN A 168 10.78 -7.85 3.84
C GLN A 168 9.42 -8.40 3.45
N MET A 169 8.36 -7.74 3.90
CA MET A 169 7.01 -8.20 3.62
C MET A 169 6.25 -7.09 2.89
N PRO A 170 5.66 -7.39 1.74
CA PRO A 170 4.95 -6.33 0.99
C PRO A 170 3.66 -5.93 1.69
N ALA A 171 3.26 -4.68 1.49
CA ALA A 171 2.05 -4.15 2.14
C ALA A 171 0.84 -4.40 1.24
N ILE A 172 0.36 -5.63 1.27
CA ILE A 172 -0.83 -6.00 0.48
C ILE A 172 -1.92 -6.44 1.46
N PRO A 173 -3.19 -6.30 1.11
CA PRO A 173 -4.24 -6.85 2.00
C PRO A 173 -4.09 -8.34 2.16
N GLY A 174 -4.23 -8.81 3.41
CA GLY A 174 -4.06 -10.21 3.71
C GLY A 174 -2.62 -10.66 3.93
N ILE A 175 -1.68 -9.73 4.08
CA ILE A 175 -0.28 -10.13 4.29
C ILE A 175 -0.11 -10.93 5.58
N GLU A 176 -1.05 -10.80 6.52
CA GLU A 176 -1.01 -11.56 7.77
C GLU A 176 -1.22 -13.05 7.56
N HIS A 177 -1.73 -13.48 6.40
CA HIS A 177 -1.91 -14.89 6.08
C HIS A 177 -0.66 -15.51 5.45
N CYS A 178 0.42 -14.75 5.31
CA CYS A 178 1.65 -15.18 4.65
C CYS A 178 2.77 -15.35 5.67
N ILE A 179 3.80 -16.10 5.29
CA ILE A 179 4.97 -16.33 6.13
C ILE A 179 6.23 -15.91 5.37
N SER A 180 7.36 -15.98 6.06
CA SER A 180 8.70 -15.79 5.48
C SER A 180 9.51 -17.06 5.64
N SER A 181 10.77 -17.02 5.22
CA SER A 181 11.63 -18.19 5.39
C SER A 181 11.80 -18.57 6.86
N ASN A 182 11.71 -17.59 7.78
CA ASN A 182 11.86 -17.90 9.20
C ASN A 182 10.87 -18.96 9.63
N GLU A 183 9.59 -18.77 9.28
CA GLU A 183 8.54 -19.71 9.67
C GLU A 183 8.63 -21.00 8.88
N ALA A 184 9.09 -20.94 7.64
CA ALA A 184 9.20 -22.15 6.81
C ALA A 184 10.04 -23.23 7.49
N PHE A 185 11.05 -22.84 8.27
CA PHE A 185 11.95 -23.78 8.94
C PHE A 185 11.25 -24.54 10.04
N TYR A 186 10.03 -24.15 10.41
CA TYR A 186 9.33 -24.75 11.55
C TYR A 186 7.93 -25.24 11.21
N LEU A 187 7.58 -25.34 9.94
CA LEU A 187 6.23 -25.80 9.58
C LEU A 187 5.96 -27.18 10.18
N PRO A 188 4.84 -27.39 10.88
CA PRO A 188 4.57 -28.73 11.46
C PRO A 188 4.47 -29.83 10.42
N GLU A 189 3.86 -29.56 9.28
CA GLU A 189 3.68 -30.52 8.20
C GLU A 189 4.11 -29.88 6.89
N PRO A 190 4.52 -30.67 5.90
CA PRO A 190 4.88 -30.10 4.60
C PRO A 190 3.63 -29.70 3.85
N PRO A 191 3.60 -28.51 3.22
CA PRO A 191 2.39 -28.05 2.53
C PRO A 191 2.08 -28.87 1.29
N ARG A 192 0.80 -29.19 1.13
CA ARG A 192 0.36 -29.83 -0.12
C ARG A 192 0.55 -28.89 -1.30
N ARG A 193 0.06 -27.65 -1.18
CA ARG A 193 0.21 -26.60 -2.19
C ARG A 193 0.88 -25.40 -1.55
N VAL A 194 1.93 -24.89 -2.19
CA VAL A 194 2.65 -23.75 -1.66
C VAL A 194 3.05 -22.83 -2.81
N LEU A 195 2.91 -21.52 -2.58
CA LEU A 195 3.42 -20.48 -3.47
C LEU A 195 4.63 -19.83 -2.80
N THR A 196 5.80 -19.88 -3.46
CA THR A 196 6.94 -19.08 -3.01
C THR A 196 7.02 -17.83 -3.90
N VAL A 197 7.03 -16.67 -3.26
CA VAL A 197 6.98 -15.38 -3.94
C VAL A 197 8.38 -14.77 -3.96
N GLY A 198 8.95 -14.63 -5.14
CA GLY A 198 10.29 -14.05 -5.29
C GLY A 198 11.06 -14.84 -6.33
N GLY A 199 11.98 -14.15 -6.99
CA GLY A 199 12.84 -14.78 -7.98
C GLY A 199 14.27 -14.98 -7.52
N GLY A 200 14.58 -14.69 -6.26
CA GLY A 200 15.93 -14.80 -5.74
C GLY A 200 16.24 -16.17 -5.18
N PHE A 201 17.42 -16.29 -4.58
CA PHE A 201 17.94 -17.61 -4.24
C PHE A 201 17.12 -18.28 -3.14
N ILE A 202 16.55 -17.50 -2.21
CA ILE A 202 15.80 -18.12 -1.11
C ILE A 202 14.51 -18.73 -1.63
N SER A 203 13.81 -18.02 -2.51
CA SER A 203 12.59 -18.55 -3.11
C SER A 203 12.87 -19.81 -3.91
N VAL A 204 13.93 -19.78 -4.72
CA VAL A 204 14.27 -20.92 -5.58
C VAL A 204 14.66 -22.12 -4.73
N GLU A 205 15.50 -21.89 -3.71
CA GLU A 205 15.94 -22.99 -2.85
C GLU A 205 14.77 -23.62 -2.10
N PHE A 206 13.87 -22.81 -1.54
CA PHE A 206 12.75 -23.40 -0.81
C PHE A 206 11.77 -24.10 -1.74
N ALA A 207 11.62 -23.60 -2.96
CA ALA A 207 10.78 -24.30 -3.93
C ALA A 207 11.26 -25.72 -4.13
N GLY A 208 12.58 -25.91 -4.20
CA GLY A 208 13.13 -27.24 -4.35
C GLY A 208 12.87 -28.13 -3.15
N ILE A 209 13.01 -27.58 -1.94
CA ILE A 209 12.78 -28.34 -0.71
C ILE A 209 11.32 -28.79 -0.64
N PHE A 210 10.38 -27.84 -0.78
CA PHE A 210 8.96 -28.19 -0.70
C PHE A 210 8.56 -29.18 -1.79
N ASN A 211 9.20 -29.10 -2.96
CA ASN A 211 8.85 -30.01 -4.07
C ASN A 211 9.17 -31.45 -3.72
N ALA A 212 10.23 -31.69 -2.95
CA ALA A 212 10.61 -33.06 -2.63
C ALA A 212 9.78 -33.64 -1.50
N TYR A 213 9.36 -32.82 -0.53
CA TYR A 213 8.66 -33.33 0.65
C TYR A 213 7.15 -33.16 0.55
N LYS A 214 6.64 -32.64 -0.57
CA LYS A 214 5.20 -32.41 -0.68
C LYS A 214 4.45 -33.74 -0.57
N PRO A 215 3.28 -33.75 0.05
CA PRO A 215 2.48 -34.99 0.11
C PRO A 215 1.93 -35.35 -1.25
N PRO A 216 1.41 -36.58 -1.41
CA PRO A 216 0.88 -36.99 -2.71
C PRO A 216 -0.15 -36.01 -3.26
N GLY A 217 -0.05 -35.73 -4.55
CA GLY A 217 -0.95 -34.80 -5.20
C GLY A 217 -0.66 -33.34 -4.94
N GLY A 218 0.48 -33.03 -4.36
CA GLY A 218 0.81 -31.64 -4.11
C GLY A 218 1.43 -30.94 -5.30
N LYS A 219 1.65 -29.64 -5.14
CA LYS A 219 2.17 -28.81 -6.23
C LYS A 219 2.86 -27.60 -5.63
N VAL A 220 4.07 -27.32 -6.10
CA VAL A 220 4.82 -26.13 -5.70
C VAL A 220 4.76 -25.13 -6.85
N THR A 221 4.38 -23.89 -6.55
CA THR A 221 4.38 -22.80 -7.52
C THR A 221 5.30 -21.68 -7.02
N LEU A 222 6.15 -21.18 -7.93
CA LEU A 222 7.00 -20.04 -7.67
C LEU A 222 6.55 -18.90 -8.58
N CYS A 223 6.33 -17.72 -8.03
CA CYS A 223 5.98 -16.56 -8.86
C CYS A 223 7.04 -15.48 -8.71
N TYR A 224 7.19 -14.67 -9.76
CA TYR A 224 8.19 -13.61 -9.80
C TYR A 224 7.65 -12.48 -10.67
N ARG A 225 7.84 -11.23 -10.22
CA ARG A 225 7.13 -10.12 -10.84
C ARG A 225 7.70 -9.73 -12.20
N ASN A 226 8.95 -10.08 -12.48
CA ASN A 226 9.60 -9.76 -13.75
C ASN A 226 9.71 -11.04 -14.60
N ASN A 227 10.42 -10.96 -15.72
CA ASN A 227 10.29 -11.97 -16.76
C ASN A 227 11.15 -13.22 -16.54
N LEU A 228 12.24 -13.10 -15.78
CA LEU A 228 13.20 -14.20 -15.66
C LEU A 228 13.79 -14.21 -14.26
N ILE A 229 13.72 -15.36 -13.58
CA ILE A 229 14.17 -15.44 -12.19
C ILE A 229 15.69 -15.27 -12.10
N LEU A 230 16.16 -15.04 -10.87
CA LEU A 230 17.59 -15.05 -10.49
C LEU A 230 18.36 -13.91 -11.15
N ARG A 231 17.80 -12.70 -11.09
CA ARG A 231 18.53 -11.52 -11.54
C ARG A 231 19.90 -11.44 -10.87
N GLY A 232 20.91 -11.01 -11.63
CA GLY A 232 22.27 -10.93 -11.15
C GLY A 232 23.13 -12.13 -11.49
N PHE A 233 22.52 -13.28 -11.79
CA PHE A 233 23.28 -14.46 -12.20
C PHE A 233 23.37 -14.51 -13.72
N ASP A 234 24.27 -15.37 -14.20
CA ASP A 234 24.48 -15.55 -15.63
C ASP A 234 23.16 -15.87 -16.35
N GLU A 235 22.96 -15.24 -17.51
CA GLU A 235 21.64 -15.32 -18.15
C GLU A 235 21.38 -16.72 -18.74
N THR A 236 22.40 -17.36 -19.32
CA THR A 236 22.23 -18.74 -19.76
C THR A 236 21.80 -19.63 -18.60
N ILE A 237 22.42 -19.42 -17.43
CA ILE A 237 22.11 -20.22 -16.25
C ILE A 237 20.72 -19.88 -15.73
N ARG A 238 20.33 -18.61 -15.78
CA ARG A 238 18.96 -18.24 -15.37
C ARG A 238 17.93 -18.99 -16.20
N GLU A 239 18.13 -19.05 -17.52
CA GLU A 239 17.17 -19.75 -18.38
C GLU A 239 17.18 -21.26 -18.13
N GLU A 240 18.36 -21.85 -17.93
CA GLU A 240 18.43 -23.31 -17.72
C GLU A 240 17.85 -23.72 -16.38
N VAL A 241 18.13 -22.98 -15.31
CA VAL A 241 17.55 -23.30 -14.01
C VAL A 241 16.04 -23.30 -14.11
N THR A 242 15.48 -22.30 -14.79
CA THR A 242 14.04 -22.25 -15.00
C THR A 242 13.53 -23.54 -15.63
N LYS A 243 14.20 -24.00 -16.70
CA LYS A 243 13.78 -25.21 -17.40
C LYS A 243 13.90 -26.44 -16.51
N GLN A 244 14.95 -26.51 -15.70
CA GLN A 244 15.16 -27.74 -14.94
C GLN A 244 14.29 -27.79 -13.70
N LEU A 245 13.92 -26.63 -13.14
CA LEU A 245 12.90 -26.61 -12.11
C LEU A 245 11.56 -27.06 -12.69
N THR A 246 11.19 -26.51 -13.84
CA THR A 246 9.97 -26.92 -14.51
C THR A 246 9.94 -28.42 -14.78
N ALA A 247 11.10 -28.99 -15.17
CA ALA A 247 11.16 -30.40 -15.52
C ALA A 247 10.97 -31.29 -14.30
N ASN A 248 11.25 -30.78 -13.08
CA ASN A 248 11.03 -31.53 -11.86
C ASN A 248 9.68 -31.22 -11.22
N GLY A 249 8.77 -30.59 -11.97
CA GLY A 249 7.40 -30.43 -11.54
C GLY A 249 7.05 -29.13 -10.84
N ILE A 250 7.97 -28.16 -10.78
CA ILE A 250 7.68 -26.87 -10.18
C ILE A 250 7.11 -25.95 -11.25
N GLU A 251 5.98 -25.29 -10.96
CA GLU A 251 5.35 -24.34 -11.87
C GLU A 251 5.91 -22.95 -11.60
N ILE A 252 6.46 -22.32 -12.64
CA ILE A 252 7.09 -21.00 -12.50
C ILE A 252 6.22 -19.96 -13.20
N MET A 253 5.56 -19.10 -12.41
CA MET A 253 4.75 -17.98 -12.92
C MET A 253 5.59 -16.71 -12.94
N THR A 254 6.12 -16.36 -14.11
CA THR A 254 6.81 -15.08 -14.24
C THR A 254 5.85 -13.99 -14.72
N ASN A 255 6.27 -12.73 -14.53
CA ASN A 255 5.47 -11.54 -14.79
C ASN A 255 4.17 -11.54 -13.99
N GLU A 256 4.23 -12.05 -12.75
CA GLU A 256 3.06 -12.18 -11.88
C GLU A 256 3.44 -11.79 -10.45
N ASN A 257 2.49 -11.19 -9.74
CA ASN A 257 2.78 -10.64 -8.41
C ASN A 257 1.49 -10.56 -7.59
N PRO A 258 1.47 -11.14 -6.38
CA PRO A 258 0.25 -11.14 -5.58
C PRO A 258 -0.24 -9.72 -5.28
N ALA A 259 -1.55 -9.52 -5.43
CA ALA A 259 -2.21 -8.27 -5.05
C ALA A 259 -2.88 -8.34 -3.69
N LYS A 260 -3.37 -9.51 -3.30
CA LYS A 260 -4.07 -9.66 -2.03
C LYS A 260 -4.19 -11.15 -1.73
N VAL A 261 -4.39 -11.46 -0.46
CA VAL A 261 -4.60 -12.83 0.01
C VAL A 261 -5.78 -12.83 0.95
N SER A 262 -6.68 -13.81 0.79
CA SER A 262 -7.80 -13.98 1.70
C SER A 262 -7.92 -15.46 2.04
N LEU A 263 -8.72 -15.77 3.06
CA LEU A 263 -8.93 -17.15 3.46
C LEU A 263 -10.22 -17.68 2.85
N ASN A 264 -10.13 -18.84 2.20
CA ASN A 264 -11.32 -19.58 1.81
C ASN A 264 -12.01 -20.13 3.05
N THR A 265 -13.25 -20.60 2.88
CA THR A 265 -14.01 -21.10 4.02
C THR A 265 -13.34 -22.32 4.65
N ASP A 266 -12.61 -23.11 3.87
CA ASP A 266 -11.91 -24.24 4.45
C ASP A 266 -10.58 -23.85 5.11
N GLY A 267 -10.20 -22.57 5.10
CA GLY A 267 -8.97 -22.14 5.73
C GLY A 267 -7.75 -22.04 4.83
N SER A 268 -7.83 -22.52 3.59
CA SER A 268 -6.73 -22.35 2.64
C SER A 268 -6.64 -20.89 2.19
N LYS A 269 -5.51 -20.54 1.58
CA LYS A 269 -5.25 -19.17 1.13
C LYS A 269 -5.68 -19.02 -0.32
N HIS A 270 -6.42 -17.96 -0.58
CA HIS A 270 -6.86 -17.58 -1.92
C HIS A 270 -6.04 -16.36 -2.34
N VAL A 271 -5.10 -16.57 -3.26
CA VAL A 271 -4.22 -15.51 -3.75
C VAL A 271 -4.82 -14.94 -5.02
N THR A 272 -4.98 -13.61 -5.07
CA THR A 272 -5.30 -12.90 -6.31
C THR A 272 -4.08 -12.12 -6.76
N PHE A 273 -3.66 -12.36 -8.00
CA PHE A 273 -2.55 -11.64 -8.59
C PHE A 273 -3.01 -10.32 -9.19
N GLU A 274 -2.05 -9.44 -9.47
CA GLU A 274 -2.35 -8.18 -10.13
C GLU A 274 -3.03 -8.40 -11.48
N SER A 275 -2.69 -9.46 -12.18
CA SER A 275 -3.33 -9.78 -13.46
C SER A 275 -4.76 -10.29 -13.33
N GLY A 276 -5.20 -10.64 -12.12
CA GLY A 276 -6.50 -11.23 -11.94
C GLY A 276 -6.54 -12.73 -11.93
N LYS A 277 -5.42 -13.39 -12.25
CA LYS A 277 -5.32 -14.82 -12.00
C LYS A 277 -5.50 -15.09 -10.51
N THR A 278 -5.97 -16.30 -10.20
CA THR A 278 -6.14 -16.73 -8.82
C THR A 278 -5.44 -18.07 -8.62
N LEU A 279 -5.03 -18.31 -7.38
CA LEU A 279 -4.40 -19.58 -7.03
C LEU A 279 -4.75 -19.89 -5.57
N ASP A 280 -5.15 -21.13 -5.33
CA ASP A 280 -5.45 -21.60 -3.98
C ASP A 280 -4.27 -22.43 -3.49
N VAL A 281 -3.69 -22.03 -2.35
CA VAL A 281 -2.56 -22.75 -1.76
C VAL A 281 -2.76 -22.87 -0.26
N ASP A 282 -1.97 -23.76 0.35
CA ASP A 282 -1.99 -23.92 1.80
C ASP A 282 -0.98 -23.02 2.51
N VAL A 283 0.09 -22.62 1.84
CA VAL A 283 1.11 -21.73 2.42
C VAL A 283 1.54 -20.72 1.36
N VAL A 284 1.63 -19.45 1.74
CA VAL A 284 2.26 -18.41 0.94
C VAL A 284 3.54 -17.99 1.66
N MET A 285 4.70 -18.23 1.03
CA MET A 285 5.99 -17.82 1.61
C MET A 285 6.56 -16.66 0.80
N MET A 286 6.71 -15.52 1.46
CA MET A 286 7.27 -14.32 0.84
C MET A 286 8.79 -14.35 0.97
N ALA A 287 9.47 -14.24 -0.17
CA ALA A 287 10.92 -14.21 -0.22
C ALA A 287 11.31 -13.16 -1.27
N ILE A 288 10.84 -11.94 -1.06
CA ILE A 288 11.04 -10.87 -2.04
C ILE A 288 12.22 -9.98 -1.68
N GLY A 289 12.90 -10.23 -0.57
CA GLY A 289 14.07 -9.45 -0.24
C GLY A 289 14.29 -9.41 1.26
N ARG A 290 15.50 -8.97 1.65
CA ARG A 290 15.86 -8.84 3.05
C ARG A 290 16.42 -7.45 3.29
N ILE A 291 16.05 -6.85 4.43
CA ILE A 291 16.42 -5.45 4.69
C ILE A 291 17.25 -5.36 5.96
N PRO A 292 18.17 -4.41 6.06
CA PRO A 292 19.04 -4.33 7.23
C PRO A 292 18.27 -3.97 8.51
N ARG A 293 18.73 -4.55 9.62
CA ARG A 293 18.08 -4.41 10.93
C ARG A 293 18.69 -3.24 11.68
N THR A 294 18.22 -2.04 11.37
CA THR A 294 18.71 -0.83 12.01
C THR A 294 17.73 -0.19 12.97
N ASN A 295 16.43 -0.48 12.84
CA ASN A 295 15.40 0.28 13.56
C ASN A 295 15.61 0.22 15.07
N ASP A 296 16.01 -0.95 15.60
CA ASP A 296 16.00 -1.10 17.04
C ASP A 296 17.26 -0.56 17.71
N LEU A 297 18.27 -0.16 16.93
CA LEU A 297 19.55 0.27 17.50
C LEU A 297 19.52 1.68 18.05
N GLN A 298 18.45 2.44 17.80
CA GLN A 298 18.33 3.85 18.21
C GLN A 298 19.53 4.66 17.74
N LEU A 299 19.85 4.54 16.45
CA LEU A 299 21.04 5.20 15.92
C LEU A 299 20.96 6.71 15.98
N GLY A 300 19.76 7.28 16.02
CA GLY A 300 19.60 8.71 16.24
C GLY A 300 20.25 9.23 17.50
N ASN A 301 20.46 8.38 18.52
CA ASN A 301 21.03 8.88 19.76
C ASN A 301 22.45 9.38 19.56
N VAL A 302 23.17 8.82 18.60
CA VAL A 302 24.57 9.17 18.36
C VAL A 302 24.80 9.73 16.97
N GLY A 303 23.82 9.68 16.07
CA GLY A 303 23.96 10.28 14.77
C GLY A 303 24.62 9.44 13.71
N VAL A 304 24.55 8.11 13.80
CA VAL A 304 25.12 7.24 12.78
C VAL A 304 24.30 7.36 11.50
N LYS A 305 24.96 7.71 10.39
CA LYS A 305 24.27 7.95 9.14
C LYS A 305 23.90 6.65 8.45
N LEU A 306 22.66 6.59 7.96
CA LEU A 306 22.20 5.52 7.09
C LEU A 306 22.24 5.99 5.63
N THR A 307 22.37 5.04 4.72
CA THR A 307 22.34 5.36 3.31
C THR A 307 20.88 5.53 2.86
N PRO A 308 20.66 6.13 1.68
CA PRO A 308 19.29 6.16 1.14
C PRO A 308 18.61 4.81 1.15
N LYS A 309 19.31 3.75 0.76
CA LYS A 309 18.69 2.42 0.70
C LYS A 309 18.35 1.88 2.09
N GLY A 310 19.04 2.32 3.14
CA GLY A 310 18.69 1.94 4.50
C GLY A 310 19.78 1.24 5.29
N GLY A 311 20.91 0.89 4.68
CA GLY A 311 21.99 0.27 5.42
C GLY A 311 22.82 1.30 6.14
N VAL A 312 23.60 0.84 7.12
CA VAL A 312 24.55 1.74 7.77
C VAL A 312 25.63 2.12 6.77
N GLN A 313 25.85 3.41 6.58
CA GLN A 313 26.91 3.86 5.70
C GLN A 313 28.28 3.55 6.30
N VAL A 314 29.17 2.94 5.50
CA VAL A 314 30.53 2.65 5.95
C VAL A 314 31.54 3.00 4.86
N ASP A 315 32.77 3.29 5.26
CA ASP A 315 33.88 3.43 4.32
C ASP A 315 34.48 2.05 4.08
N GLU A 316 35.63 1.99 3.39
CA GLU A 316 36.22 0.70 3.03
C GLU A 316 36.72 -0.07 4.24
N PHE A 317 36.92 0.60 5.38
CA PHE A 317 37.40 -0.04 6.60
C PHE A 317 36.29 -0.24 7.63
N SER A 318 35.03 -0.23 7.19
CA SER A 318 33.86 -0.49 8.01
C SER A 318 33.56 0.61 9.03
N ARG A 319 34.11 1.81 8.85
CA ARG A 319 33.89 2.90 9.82
C ARG A 319 32.63 3.68 9.45
N THR A 320 31.79 3.96 10.46
CA THR A 320 30.66 4.86 10.30
C THR A 320 31.16 6.30 10.34
N ASN A 321 30.24 7.27 10.32
CA ASN A 321 30.63 8.67 10.46
C ASN A 321 30.98 9.04 11.91
N VAL A 322 30.74 8.14 12.85
CA VAL A 322 31.12 8.33 14.25
C VAL A 322 32.40 7.55 14.50
N PRO A 323 33.50 8.20 14.93
CA PRO A 323 34.84 7.59 14.79
C PRO A 323 35.03 6.17 15.31
N ASN A 324 34.48 5.86 16.47
CA ASN A 324 34.72 4.59 17.15
C ASN A 324 33.58 3.60 16.98
N ILE A 325 32.68 3.83 16.03
CA ILE A 325 31.54 2.94 15.78
C ILE A 325 31.68 2.36 14.37
N TYR A 326 31.55 1.04 14.26
CA TYR A 326 31.80 0.33 13.02
C TYR A 326 30.59 -0.52 12.66
N ALA A 327 30.53 -0.96 11.41
CA ALA A 327 29.42 -1.84 10.99
C ALA A 327 29.90 -2.80 9.90
N ILE A 328 29.47 -4.05 10.00
CA ILE A 328 29.85 -5.11 9.05
C ILE A 328 28.63 -5.99 8.81
N GLY A 329 28.70 -6.78 7.73
CA GLY A 329 27.66 -7.77 7.48
C GLY A 329 26.42 -7.20 6.81
N ASP A 330 25.32 -7.94 6.93
CA ASP A 330 24.09 -7.56 6.22
C ASP A 330 23.59 -6.16 6.60
N ILE A 331 23.96 -5.63 7.77
CA ILE A 331 23.47 -4.31 8.15
C ILE A 331 24.00 -3.23 7.21
N THR A 332 25.09 -3.48 6.50
CA THR A 332 25.62 -2.52 5.53
C THR A 332 24.96 -2.66 4.15
N ASP A 333 24.08 -3.65 3.98
CA ASP A 333 23.19 -3.74 2.81
C ASP A 333 23.95 -3.77 1.49
N ARG A 334 24.93 -4.68 1.40
CA ARG A 334 25.77 -4.86 0.23
C ARG A 334 25.69 -6.31 -0.22
N LEU A 335 26.80 -7.07 -0.10
CA LEU A 335 26.74 -8.52 -0.35
C LEU A 335 26.29 -9.19 0.93
N MET A 336 25.13 -9.84 0.89
CA MET A 336 24.62 -10.51 2.09
C MET A 336 25.02 -11.98 2.03
N LEU A 337 26.28 -12.24 2.41
CA LEU A 337 26.85 -13.58 2.50
C LEU A 337 27.60 -13.76 3.82
N THR A 338 27.50 -14.96 4.40
CA THR A 338 28.20 -15.23 5.64
C THR A 338 29.72 -15.08 5.54
N PRO A 339 30.41 -15.60 4.51
CA PRO A 339 31.88 -15.46 4.50
C PRO A 339 32.35 -14.03 4.26
N VAL A 340 31.53 -13.17 3.64
CA VAL A 340 31.91 -11.77 3.54
C VAL A 340 31.82 -11.08 4.91
N ALA A 341 30.77 -11.35 5.68
CA ALA A 341 30.66 -10.77 7.02
C ALA A 341 31.85 -11.20 7.90
N ILE A 342 32.22 -12.47 7.82
CA ILE A 342 33.36 -12.98 8.59
C ILE A 342 34.65 -12.29 8.19
N ASN A 343 34.89 -12.17 6.87
CA ASN A 343 36.08 -11.48 6.38
C ASN A 343 36.12 -10.03 6.86
N GLU A 344 34.99 -9.32 6.77
CA GLU A 344 34.95 -7.93 7.23
C GLU A 344 35.27 -7.81 8.71
N GLY A 345 34.76 -8.73 9.52
CA GLY A 345 35.01 -8.70 10.96
C GLY A 345 36.47 -8.97 11.30
N ALA A 346 37.09 -9.93 10.62
CA ALA A 346 38.51 -10.18 10.85
C ALA A 346 39.36 -9.00 10.42
N ALA A 347 39.05 -8.40 9.27
CA ALA A 347 39.81 -7.25 8.79
C ALA A 347 39.69 -6.07 9.75
N LEU A 348 38.46 -5.79 10.21
CA LEU A 348 38.25 -4.68 11.13
C LEU A 348 39.11 -4.82 12.38
N VAL A 349 39.14 -6.03 12.97
CA VAL A 349 39.85 -6.26 14.22
C VAL A 349 41.36 -6.19 14.02
N ASP A 350 41.85 -6.73 12.89
CA ASP A 350 43.26 -6.56 12.56
C ASP A 350 43.63 -5.09 12.42
N THR A 351 42.73 -4.28 11.86
CA THR A 351 43.03 -2.87 11.67
C THR A 351 43.03 -2.12 13.00
N VAL A 352 41.98 -2.32 13.80
CA VAL A 352 41.77 -1.52 14.99
C VAL A 352 42.71 -1.91 16.11
N PHE A 353 42.84 -3.22 16.38
CA PHE A 353 43.63 -3.70 17.48
C PHE A 353 44.95 -4.36 17.07
N GLY A 354 45.20 -4.55 15.79
CA GLY A 354 46.34 -5.36 15.39
C GLY A 354 47.50 -4.65 14.72
N ASN A 355 47.38 -3.35 14.46
CA ASN A 355 48.42 -2.57 13.77
C ASN A 355 48.74 -3.15 12.39
N LYS A 356 47.76 -3.79 11.75
CA LYS A 356 47.93 -4.32 10.39
C LYS A 356 46.68 -3.99 9.59
N PRO A 357 46.62 -2.80 9.01
CA PRO A 357 45.38 -2.36 8.35
C PRO A 357 45.05 -3.22 7.15
N ARG A 358 43.75 -3.47 6.96
CA ARG A 358 43.30 -4.36 5.90
C ARG A 358 41.84 -4.05 5.58
N LYS A 359 41.49 -4.07 4.30
CA LYS A 359 40.10 -3.89 3.88
C LYS A 359 39.64 -5.10 3.08
N THR A 360 38.37 -5.47 3.27
CA THR A 360 37.78 -6.58 2.54
C THR A 360 37.66 -6.27 1.05
N ASP A 361 37.99 -7.26 0.22
CA ASP A 361 37.80 -7.17 -1.22
C ASP A 361 36.41 -7.73 -1.55
N HIS A 362 35.51 -6.86 -1.99
CA HIS A 362 34.15 -7.26 -2.34
C HIS A 362 34.02 -7.67 -3.80
N THR A 363 35.12 -7.79 -4.52
CA THR A 363 35.08 -8.27 -5.90
C THR A 363 35.51 -9.73 -5.95
N ARG A 364 35.01 -10.44 -6.97
CA ARG A 364 35.48 -11.79 -7.26
C ARG A 364 35.18 -12.74 -6.12
N VAL A 365 34.07 -12.49 -5.43
CA VAL A 365 33.62 -13.35 -4.33
C VAL A 365 32.87 -14.54 -4.93
N ALA A 366 33.34 -15.74 -4.61
CA ALA A 366 32.63 -16.93 -5.05
C ALA A 366 31.37 -17.14 -4.19
N SER A 367 30.30 -17.64 -4.82
CA SER A 367 29.06 -17.91 -4.10
C SER A 367 28.29 -19.01 -4.82
N ALA A 368 27.21 -19.49 -4.18
CA ALA A 368 26.46 -20.62 -4.72
C ALA A 368 24.95 -20.42 -4.53
N VAL A 369 24.18 -21.14 -5.32
CA VAL A 369 22.74 -21.31 -5.09
C VAL A 369 22.50 -22.80 -5.01
N PHE A 370 21.92 -23.26 -3.89
CA PHE A 370 21.64 -24.68 -3.74
C PHE A 370 20.26 -25.03 -4.25
N SER A 371 20.01 -24.57 -5.47
CA SER A 371 18.93 -25.10 -6.28
C SER A 371 19.24 -26.56 -6.64
N ILE A 372 18.25 -27.24 -7.19
CA ILE A 372 18.44 -28.60 -7.67
C ILE A 372 18.26 -28.58 -9.19
N PRO A 373 19.34 -28.70 -9.98
CA PRO A 373 20.75 -28.79 -9.59
C PRO A 373 21.34 -27.41 -9.26
N PRO A 374 22.51 -27.32 -8.63
CA PRO A 374 22.98 -26.06 -8.05
C PRO A 374 23.82 -25.18 -8.97
N ILE A 375 24.04 -23.94 -8.51
CA ILE A 375 24.83 -22.94 -9.21
C ILE A 375 26.10 -22.64 -8.43
N GLY A 376 27.21 -22.46 -9.12
CA GLY A 376 28.42 -21.94 -8.51
C GLY A 376 28.96 -20.81 -9.36
N THR A 377 29.32 -19.68 -8.76
CA THR A 377 29.70 -18.53 -9.57
C THR A 377 30.76 -17.70 -8.85
N CYS A 378 31.58 -17.01 -9.64
CA CYS A 378 32.59 -16.09 -9.10
C CYS A 378 32.88 -15.03 -10.16
N GLY A 379 32.73 -13.75 -9.82
CA GLY A 379 33.10 -12.67 -10.75
C GLY A 379 31.95 -12.16 -11.60
N LEU A 380 32.33 -11.44 -12.67
CA LEU A 380 31.39 -10.67 -13.46
C LEU A 380 30.57 -11.53 -14.42
N ILE A 381 29.29 -11.17 -14.57
CA ILE A 381 28.50 -11.69 -15.69
C ILE A 381 28.84 -10.89 -16.94
N GLU A 382 28.57 -11.49 -18.11
CA GLU A 382 29.12 -10.95 -19.35
C GLU A 382 28.52 -9.59 -19.70
N GLU A 383 27.24 -9.36 -19.39
CA GLU A 383 26.66 -8.07 -19.76
C GLU A 383 27.26 -6.94 -18.92
N VAL A 384 27.63 -7.23 -17.66
CA VAL A 384 28.34 -6.26 -16.84
C VAL A 384 29.75 -6.03 -17.38
N ALA A 385 30.45 -7.11 -17.73
CA ALA A 385 31.81 -6.97 -18.24
C ALA A 385 31.83 -6.19 -19.54
N ALA A 386 30.80 -6.37 -20.38
CA ALA A 386 30.73 -5.68 -21.68
C ALA A 386 30.59 -4.18 -21.52
N LYS A 387 30.11 -3.71 -20.36
CA LYS A 387 30.03 -2.28 -20.12
C LYS A 387 31.38 -1.70 -19.72
N GLU A 388 32.26 -2.51 -19.14
CA GLU A 388 33.53 -2.02 -18.61
C GLU A 388 34.71 -2.27 -19.54
N PHE A 389 34.64 -3.26 -20.42
CA PHE A 389 35.77 -3.62 -21.25
C PHE A 389 35.40 -3.54 -22.72
N GLU A 390 36.34 -3.06 -23.53
CA GLU A 390 36.08 -2.86 -24.94
C GLU A 390 35.82 -4.18 -25.65
N LYS A 391 36.59 -5.22 -25.34
CA LYS A 391 36.43 -6.52 -25.97
C LYS A 391 36.33 -7.62 -24.91
N VAL A 392 35.21 -8.33 -24.90
CA VAL A 392 34.94 -9.40 -23.93
C VAL A 392 34.75 -10.70 -24.70
N ALA A 393 35.37 -11.77 -24.24
CA ALA A 393 35.17 -13.08 -24.84
C ALA A 393 34.43 -13.98 -23.86
N VAL A 394 33.60 -14.87 -24.42
CA VAL A 394 32.82 -15.84 -23.64
C VAL A 394 33.14 -17.23 -24.16
N TYR A 395 33.63 -18.09 -23.27
CA TYR A 395 33.86 -19.50 -23.55
C TYR A 395 32.75 -20.29 -22.85
N MET A 396 32.07 -21.18 -23.58
CA MET A 396 30.88 -21.83 -23.06
C MET A 396 30.80 -23.29 -23.48
N SER A 397 30.53 -24.16 -22.50
CA SER A 397 30.26 -25.58 -22.72
C SER A 397 28.93 -25.89 -22.04
N SER A 398 28.02 -26.55 -22.77
CA SER A 398 26.73 -26.93 -22.20
C SER A 398 26.26 -28.23 -22.84
N PHE A 399 25.92 -29.22 -22.02
CA PHE A 399 25.53 -30.54 -22.50
C PHE A 399 24.99 -31.32 -21.31
N THR A 400 24.18 -32.33 -21.59
CA THR A 400 23.78 -33.28 -20.55
C THR A 400 24.92 -34.27 -20.31
N PRO A 401 25.42 -34.40 -19.09
CA PRO A 401 26.52 -35.36 -18.85
C PRO A 401 26.04 -36.79 -19.05
N LEU A 402 26.99 -37.65 -19.42
CA LEU A 402 26.65 -39.03 -19.78
C LEU A 402 25.86 -39.73 -18.67
N MET A 403 26.22 -39.49 -17.41
CA MET A 403 25.52 -40.23 -16.37
C MET A 403 24.05 -39.84 -16.28
N HIS A 404 23.67 -38.63 -16.70
CA HIS A 404 22.24 -38.31 -16.68
C HIS A 404 21.52 -38.74 -17.95
N ASN A 405 22.25 -39.18 -18.97
CA ASN A 405 21.58 -39.92 -20.04
C ASN A 405 21.20 -41.32 -19.58
N ILE A 406 21.90 -41.88 -18.59
CA ILE A 406 21.54 -43.17 -18.02
C ILE A 406 20.53 -43.03 -16.88
N SER A 407 20.67 -41.98 -16.06
CA SER A 407 19.75 -41.80 -14.94
C SER A 407 18.34 -41.46 -15.40
N GLY A 408 18.17 -41.00 -16.64
CA GLY A 408 16.88 -40.56 -17.12
C GLY A 408 16.61 -39.07 -16.95
N SER A 409 17.48 -38.35 -16.23
CA SER A 409 17.30 -36.90 -16.02
C SER A 409 18.00 -36.12 -17.14
N LYS A 410 17.55 -36.35 -18.38
CA LYS A 410 18.25 -35.77 -19.52
C LYS A 410 18.13 -34.25 -19.56
N TYR A 411 17.15 -33.66 -18.87
CA TYR A 411 17.04 -32.21 -18.78
C TYR A 411 18.18 -31.57 -17.99
N LYS A 412 19.04 -32.36 -17.32
CA LYS A 412 20.07 -31.79 -16.44
C LYS A 412 21.34 -31.46 -17.25
N LYS A 413 21.25 -30.39 -18.03
CA LYS A 413 22.42 -29.87 -18.73
C LYS A 413 23.39 -29.21 -17.74
N PHE A 414 24.67 -29.58 -17.82
CA PHE A 414 25.74 -28.88 -17.10
C PHE A 414 26.24 -27.72 -17.95
N VAL A 415 26.26 -26.52 -17.37
CA VAL A 415 26.72 -25.31 -18.05
C VAL A 415 28.00 -24.83 -17.39
N ALA A 416 29.05 -24.61 -18.18
CA ALA A 416 30.27 -23.97 -17.72
C ALA A 416 30.58 -22.79 -18.63
N LYS A 417 30.76 -21.60 -18.05
CA LYS A 417 31.10 -20.41 -18.84
C LYS A 417 32.25 -19.65 -18.19
N ILE A 418 33.19 -19.20 -19.02
CA ILE A 418 34.29 -18.34 -18.59
C ILE A 418 34.18 -17.05 -19.38
N VAL A 419 34.21 -15.91 -18.69
CA VAL A 419 34.14 -14.58 -19.29
C VAL A 419 35.50 -13.92 -19.15
N THR A 420 36.04 -13.38 -20.24
CA THR A 420 37.38 -12.80 -20.20
C THR A 420 37.40 -11.37 -20.75
N ASN A 421 38.42 -10.65 -20.32
CA ASN A 421 38.90 -9.47 -21.03
C ASN A 421 39.75 -9.97 -22.19
N HIS A 422 39.22 -9.90 -23.41
CA HIS A 422 39.92 -10.52 -24.54
C HIS A 422 41.19 -9.79 -24.90
N SER A 423 41.35 -8.55 -24.45
CA SER A 423 42.56 -7.79 -24.78
C SER A 423 43.80 -8.37 -24.14
N ASP A 424 43.67 -9.01 -22.97
CA ASP A 424 44.83 -9.60 -22.31
C ASP A 424 44.54 -10.99 -21.73
N GLY A 425 43.34 -11.54 -21.93
CA GLY A 425 43.01 -12.87 -21.47
C GLY A 425 42.58 -13.01 -20.02
N THR A 426 42.59 -11.95 -19.22
CA THR A 426 42.24 -12.07 -17.81
C THR A 426 40.82 -12.61 -17.63
N VAL A 427 40.65 -13.59 -16.72
CA VAL A 427 39.34 -14.14 -16.43
C VAL A 427 38.57 -13.17 -15.52
N LEU A 428 37.42 -12.70 -16.01
CA LEU A 428 36.57 -11.77 -15.28
C LEU A 428 35.48 -12.45 -14.47
N GLY A 429 35.03 -13.62 -14.91
CA GLY A 429 34.01 -14.40 -14.22
C GLY A 429 33.91 -15.84 -14.71
N VAL A 430 33.45 -16.73 -13.83
CA VAL A 430 33.22 -18.15 -14.12
C VAL A 430 31.84 -18.48 -13.56
N HIS A 431 31.01 -19.17 -14.37
CA HIS A 431 29.62 -19.42 -14.01
C HIS A 431 29.27 -20.87 -14.32
N LEU A 432 28.78 -21.59 -13.31
CA LEU A 432 28.57 -23.03 -13.41
C LEU A 432 27.16 -23.41 -12.95
N LEU A 433 26.57 -24.37 -13.65
CA LEU A 433 25.27 -24.94 -13.29
C LEU A 433 25.37 -26.45 -13.41
N GLY A 434 25.08 -27.16 -12.32
CA GLY A 434 25.14 -28.61 -12.34
C GLY A 434 25.67 -29.23 -11.07
N ASP A 435 25.52 -30.55 -10.93
CA ASP A 435 25.97 -31.24 -9.73
C ASP A 435 27.44 -30.93 -9.44
N GLY A 436 27.74 -30.55 -8.20
CA GLY A 436 29.09 -30.21 -7.81
C GLY A 436 29.51 -28.76 -8.03
N ALA A 437 28.71 -27.93 -8.69
CA ALA A 437 29.12 -26.56 -9.00
C ALA A 437 29.57 -25.75 -7.78
N PRO A 438 28.89 -25.79 -6.62
CA PRO A 438 29.41 -25.03 -5.46
C PRO A 438 30.78 -25.49 -5.00
N GLU A 439 31.08 -26.79 -5.12
CA GLU A 439 32.39 -27.31 -4.72
C GLU A 439 33.48 -26.95 -5.73
N ILE A 440 33.15 -26.99 -7.03
CA ILE A 440 34.10 -26.67 -8.09
C ILE A 440 34.54 -25.22 -7.99
N ILE A 441 33.61 -24.31 -7.66
CA ILE A 441 33.91 -22.89 -7.81
C ILE A 441 34.85 -22.37 -6.72
N GLN A 442 35.01 -23.05 -5.58
CA GLN A 442 35.81 -22.48 -4.49
C GLN A 442 37.23 -22.15 -4.94
N ALA A 443 37.94 -23.13 -5.52
CA ALA A 443 39.31 -22.85 -5.92
C ALA A 443 39.38 -21.93 -7.12
N VAL A 444 38.26 -21.78 -7.85
CA VAL A 444 38.22 -20.76 -8.91
C VAL A 444 38.38 -19.37 -8.30
N GLY A 445 37.83 -19.15 -7.10
CA GLY A 445 37.99 -17.86 -6.44
C GLY A 445 39.44 -17.54 -6.12
N VAL A 446 40.21 -18.56 -5.74
CA VAL A 446 41.65 -18.35 -5.52
C VAL A 446 42.32 -17.97 -6.83
N CYS A 447 41.96 -18.64 -7.93
CA CYS A 447 42.50 -18.33 -9.24
C CYS A 447 42.23 -16.88 -9.63
N LEU A 448 41.00 -16.40 -9.46
CA LEU A 448 40.70 -15.02 -9.85
C LEU A 448 41.44 -14.03 -8.96
N ARG A 449 41.61 -14.33 -7.66
CA ARG A 449 42.40 -13.44 -6.82
C ARG A 449 43.86 -13.42 -7.23
N LEU A 450 44.32 -14.43 -7.95
CA LEU A 450 45.66 -14.43 -8.52
C LEU A 450 45.70 -13.95 -9.96
N ASN A 451 44.62 -13.32 -10.44
CA ASN A 451 44.57 -12.72 -11.78
C ASN A 451 44.83 -13.73 -12.88
N ALA A 452 44.23 -14.92 -12.74
CA ALA A 452 44.38 -15.97 -13.76
C ALA A 452 43.87 -15.47 -15.11
N LYS A 453 44.53 -15.95 -16.17
CA LYS A 453 44.10 -15.72 -17.55
C LYS A 453 43.55 -17.03 -18.11
N ILE A 454 42.84 -16.92 -19.24
CA ILE A 454 42.24 -18.11 -19.85
C ILE A 454 43.30 -19.15 -20.19
N SER A 455 44.52 -18.70 -20.55
CA SER A 455 45.59 -19.64 -20.87
C SER A 455 46.05 -20.43 -19.64
N ASP A 456 45.95 -19.85 -18.44
CA ASP A 456 46.28 -20.61 -17.24
C ASP A 456 45.29 -21.73 -17.01
N PHE A 457 44.01 -21.49 -17.29
CA PHE A 457 43.04 -22.58 -17.22
C PHE A 457 43.34 -23.63 -18.28
N TYR A 458 43.57 -23.20 -19.53
CA TYR A 458 43.68 -24.17 -20.62
C TYR A 458 44.96 -24.99 -20.52
N ASN A 459 46.07 -24.40 -20.02
CA ASN A 459 47.33 -25.13 -19.86
C ASN A 459 47.26 -26.19 -18.76
N THR A 460 46.29 -26.10 -17.86
CA THR A 460 46.18 -27.05 -16.76
C THR A 460 45.59 -28.35 -17.27
N ILE A 461 46.19 -29.46 -16.88
CA ILE A 461 45.74 -30.77 -17.31
C ILE A 461 44.47 -31.16 -16.55
N GLY A 462 43.47 -31.65 -17.28
CA GLY A 462 42.20 -31.99 -16.65
C GLY A 462 42.28 -33.23 -15.78
N VAL A 463 41.35 -33.29 -14.82
CA VAL A 463 41.04 -34.52 -14.08
C VAL A 463 39.88 -35.20 -14.78
N HIS A 464 40.05 -36.47 -15.14
CA HIS A 464 39.10 -37.18 -15.99
C HIS A 464 38.64 -38.46 -15.33
N PRO A 465 37.33 -38.79 -15.35
CA PRO A 465 36.20 -37.98 -15.85
C PRO A 465 35.58 -37.08 -14.78
N THR A 466 35.46 -35.77 -15.01
CA THR A 466 34.78 -34.86 -14.10
C THR A 466 34.01 -33.83 -14.92
N SER A 467 33.08 -33.13 -14.24
CA SER A 467 32.48 -31.94 -14.85
C SER A 467 33.50 -30.80 -14.88
N ALA A 468 34.34 -30.71 -13.85
CA ALA A 468 35.21 -29.57 -13.69
C ALA A 468 36.23 -29.46 -14.82
N GLU A 469 36.61 -30.59 -15.42
CA GLU A 469 37.64 -30.53 -16.45
C GLU A 469 37.19 -29.73 -17.67
N GLU A 470 35.87 -29.51 -17.85
CA GLU A 470 35.42 -28.62 -18.91
C GLU A 470 36.06 -27.23 -18.80
N LEU A 471 36.36 -26.78 -17.57
CA LEU A 471 36.98 -25.46 -17.39
C LEU A 471 38.39 -25.39 -17.93
N CYS A 472 39.04 -26.53 -18.13
CA CYS A 472 40.43 -26.57 -18.57
C CYS A 472 40.57 -27.06 -20.00
N SER A 473 39.47 -27.09 -20.75
CA SER A 473 39.45 -27.60 -22.12
C SER A 473 38.93 -26.58 -23.12
N MET A 474 38.78 -25.32 -22.72
CA MET A 474 38.20 -24.30 -23.59
C MET A 474 39.28 -23.35 -24.05
N ARG A 475 39.52 -23.33 -25.37
CA ARG A 475 40.55 -22.51 -25.98
C ARG A 475 40.01 -21.49 -26.97
N THR A 476 38.83 -21.70 -27.55
CA THR A 476 38.32 -20.77 -28.53
C THR A 476 37.01 -20.16 -28.06
N PRO A 477 36.87 -18.82 -28.10
CA PRO A 477 35.63 -18.20 -27.64
C PRO A 477 34.42 -18.70 -28.41
N SER A 478 33.31 -18.83 -27.70
CA SER A 478 32.03 -19.09 -28.36
C SER A 478 31.49 -17.84 -29.02
N TYR A 479 31.70 -16.67 -28.43
CA TYR A 479 31.27 -15.40 -29.00
C TYR A 479 31.94 -14.28 -28.20
N TYR A 480 31.68 -13.04 -28.63
CA TYR A 480 32.36 -11.86 -28.11
C TYR A 480 31.36 -10.75 -27.80
N TYR A 481 31.85 -9.75 -27.08
CA TYR A 481 31.24 -8.43 -27.01
C TYR A 481 32.29 -7.41 -27.43
N VAL A 482 31.96 -6.59 -28.43
CA VAL A 482 32.87 -5.55 -28.92
C VAL A 482 32.18 -4.21 -28.77
N LYS A 483 32.77 -3.34 -27.97
CA LYS A 483 32.14 -2.09 -27.52
C LYS A 483 30.67 -2.30 -27.17
N GLY A 484 30.41 -3.33 -26.37
CA GLY A 484 29.07 -3.61 -25.87
C GLY A 484 28.19 -4.45 -26.77
N GLU A 485 28.65 -4.82 -27.96
CA GLU A 485 27.82 -5.49 -28.95
C GLU A 485 28.16 -6.98 -29.07
N LYS A 486 27.15 -7.83 -28.91
CA LYS A 486 27.35 -9.28 -28.99
C LYS A 486 27.48 -9.74 -30.43
N MET A 487 28.44 -10.64 -30.69
CA MET A 487 28.70 -11.11 -32.05
C MET A 487 29.53 -12.39 -32.01
N GLU A 488 29.25 -13.30 -32.97
CA GLU A 488 29.94 -14.59 -32.97
C GLU A 488 31.44 -14.44 -33.27
N LYS A 489 31.81 -13.47 -34.10
CA LYS A 489 33.17 -13.32 -34.57
C LYS A 489 33.64 -11.88 -34.36
N LEU A 490 34.95 -11.72 -34.20
CA LEU A 490 35.52 -10.38 -34.17
C LEU A 490 35.46 -9.76 -35.56
N PRO A 491 35.24 -8.44 -35.68
CA PRO A 491 35.09 -7.81 -36.99
C PRO A 491 36.39 -7.72 -37.80
N SER B 5 49.81 -49.98 -51.20
CA SER B 5 50.69 -49.07 -50.46
C SER B 5 50.18 -47.63 -50.54
N LYS B 6 50.27 -46.90 -49.42
CA LYS B 6 49.70 -45.56 -49.31
C LYS B 6 50.64 -44.65 -48.55
N ALA B 7 50.59 -43.34 -48.85
CA ALA B 7 51.58 -42.37 -48.41
C ALA B 7 50.97 -41.35 -47.44
N PHE B 8 51.63 -41.15 -46.29
CA PHE B 8 51.06 -40.34 -45.22
C PHE B 8 52.13 -39.48 -44.58
N ASP B 9 51.70 -38.31 -44.06
CA ASP B 9 52.58 -37.49 -43.25
C ASP B 9 52.83 -38.13 -41.89
N LEU B 10 51.81 -38.72 -41.32
CA LEU B 10 51.86 -39.27 -39.97
C LEU B 10 51.04 -40.54 -39.94
N VAL B 11 51.62 -41.62 -39.41
CA VAL B 11 50.87 -42.83 -39.11
C VAL B 11 50.94 -43.05 -37.61
N VAL B 12 49.76 -43.28 -37.01
CA VAL B 12 49.60 -43.44 -35.58
C VAL B 12 49.17 -44.88 -35.32
N ILE B 13 49.96 -45.61 -34.53
CA ILE B 13 49.59 -46.96 -34.13
C ILE B 13 48.94 -46.88 -32.75
N GLY B 14 47.63 -47.12 -32.71
CA GLY B 14 46.84 -46.98 -31.50
C GLY B 14 45.86 -45.83 -31.60
N ALA B 15 44.56 -46.13 -31.72
CA ALA B 15 43.51 -45.11 -31.77
C ALA B 15 42.97 -44.76 -30.38
N GLY B 16 43.86 -44.38 -29.47
CA GLY B 16 43.51 -44.17 -28.09
C GLY B 16 43.49 -42.70 -27.70
N SER B 17 43.53 -42.46 -26.39
CA SER B 17 43.47 -41.09 -25.88
C SER B 17 44.51 -40.22 -26.55
N GLY B 18 45.77 -40.63 -26.52
CA GLY B 18 46.81 -39.80 -27.08
C GLY B 18 46.88 -39.84 -28.59
N GLY B 19 46.62 -41.03 -29.16
CA GLY B 19 46.75 -41.20 -30.59
C GLY B 19 45.70 -40.43 -31.38
N LEU B 20 44.45 -40.41 -30.87
CA LEU B 20 43.39 -39.68 -31.52
C LEU B 20 43.59 -38.17 -31.42
N GLU B 21 44.06 -37.69 -30.27
CA GLU B 21 44.36 -36.27 -30.15
C GLU B 21 45.42 -35.85 -31.15
N ALA B 22 46.49 -36.65 -31.25
CA ALA B 22 47.58 -36.31 -32.18
C ALA B 22 47.10 -36.35 -33.61
N GLY B 23 46.34 -37.38 -33.98
CA GLY B 23 45.92 -37.52 -35.36
C GLY B 23 44.93 -36.45 -35.78
N TRP B 24 43.90 -36.22 -34.97
CA TRP B 24 42.93 -35.17 -35.27
C TRP B 24 43.59 -33.80 -35.35
N ASN B 25 44.48 -33.48 -34.40
CA ASN B 25 45.15 -32.19 -34.44
C ASN B 25 46.03 -32.05 -35.69
N ALA B 26 46.76 -33.12 -36.06
CA ALA B 26 47.60 -33.03 -37.25
C ALA B 26 46.77 -32.76 -38.50
N ALA B 27 45.66 -33.48 -38.66
CA ALA B 27 44.86 -33.33 -39.87
C ALA B 27 44.12 -31.99 -39.90
N THR B 28 43.41 -31.64 -38.81
CA THR B 28 42.52 -30.49 -38.87
C THR B 28 43.23 -29.17 -38.58
N LEU B 29 44.28 -29.17 -37.75
CA LEU B 29 44.98 -27.93 -37.46
C LEU B 29 46.08 -27.62 -38.46
N TYR B 30 46.75 -28.65 -39.00
CA TYR B 30 47.91 -28.44 -39.84
C TYR B 30 47.76 -29.00 -41.26
N GLY B 31 46.59 -29.54 -41.61
CA GLY B 31 46.35 -29.96 -42.97
C GLY B 31 47.11 -31.18 -43.43
N LYS B 32 47.60 -32.00 -42.51
CA LYS B 32 48.42 -33.16 -42.83
C LYS B 32 47.57 -34.37 -43.17
N ARG B 33 48.20 -35.36 -43.79
CA ARG B 33 47.56 -36.62 -44.17
C ARG B 33 47.92 -37.65 -43.11
N VAL B 34 46.90 -38.19 -42.44
CA VAL B 34 47.08 -38.97 -41.22
C VAL B 34 46.39 -40.32 -41.37
N ALA B 35 47.07 -41.40 -40.99
CA ALA B 35 46.45 -42.71 -40.84
C ALA B 35 46.59 -43.18 -39.39
N VAL B 36 45.53 -43.79 -38.87
CA VAL B 36 45.49 -44.28 -37.49
C VAL B 36 45.06 -45.74 -37.54
N VAL B 37 45.76 -46.59 -36.79
CA VAL B 37 45.52 -48.04 -36.76
C VAL B 37 45.04 -48.44 -35.38
N ASP B 38 43.98 -49.25 -35.32
CA ASP B 38 43.60 -49.95 -34.10
C ASP B 38 43.08 -51.34 -34.49
N VAL B 39 43.02 -52.23 -33.48
CA VAL B 39 42.75 -53.65 -33.71
C VAL B 39 41.27 -54.02 -33.66
N GLN B 40 40.38 -53.10 -33.27
CA GLN B 40 38.97 -53.39 -33.09
C GLN B 40 38.21 -52.08 -33.21
N THR B 41 37.02 -52.13 -33.82
CA THR B 41 36.23 -50.91 -34.03
C THR B 41 35.31 -50.59 -32.86
N SER B 42 35.00 -51.57 -31.99
CA SER B 42 34.16 -51.30 -30.82
C SER B 42 34.62 -52.19 -29.66
N HIS B 43 34.04 -51.93 -28.49
CA HIS B 43 34.54 -52.41 -27.20
C HIS B 43 34.29 -53.90 -26.99
N GLY B 44 35.14 -54.49 -26.15
CA GLY B 44 34.84 -55.77 -25.57
C GLY B 44 35.68 -56.92 -26.10
N PRO B 45 35.37 -58.13 -25.67
CA PRO B 45 36.09 -59.32 -26.16
C PRO B 45 36.07 -59.36 -27.68
N PRO B 46 37.13 -59.90 -28.32
CA PRO B 46 38.32 -60.53 -27.71
C PRO B 46 39.47 -59.60 -27.31
N PHE B 47 39.55 -58.37 -27.81
CA PHE B 47 40.71 -57.52 -27.57
C PHE B 47 40.46 -56.39 -26.57
N TYR B 48 39.21 -56.20 -26.14
CA TYR B 48 38.80 -55.30 -25.06
C TYR B 48 38.96 -53.81 -25.39
N ALA B 49 40.20 -53.33 -25.48
CA ALA B 49 40.41 -51.98 -25.99
C ALA B 49 40.14 -51.94 -27.49
N ALA B 50 39.80 -50.76 -27.99
CA ALA B 50 39.35 -50.61 -29.37
C ALA B 50 39.44 -49.14 -29.74
N LEU B 51 38.94 -48.81 -30.93
CA LEU B 51 38.81 -47.43 -31.37
C LEU B 51 38.28 -46.57 -30.23
N GLY B 52 39.05 -45.54 -29.86
CA GLY B 52 38.75 -44.69 -28.72
C GLY B 52 39.71 -44.89 -27.56
N GLY B 53 40.28 -46.08 -27.45
CA GLY B 53 41.35 -46.34 -26.49
C GLY B 53 40.87 -47.06 -25.24
N THR B 54 41.80 -47.19 -24.29
CA THR B 54 41.50 -47.93 -23.06
C THR B 54 40.52 -47.19 -22.18
N CYS B 55 40.70 -45.88 -22.03
CA CYS B 55 39.81 -45.09 -21.18
C CYS B 55 38.36 -45.21 -21.64
N VAL B 56 38.13 -45.03 -22.95
CA VAL B 56 36.77 -45.10 -23.50
C VAL B 56 36.18 -46.48 -23.32
N ASN B 57 36.96 -47.52 -23.62
CA ASN B 57 36.37 -48.86 -23.79
C ASN B 57 36.38 -49.71 -22.53
N VAL B 58 37.49 -49.73 -21.77
CA VAL B 58 37.63 -50.57 -20.57
C VAL B 58 38.40 -49.79 -19.52
N GLY B 59 38.03 -48.52 -19.31
CA GLY B 59 38.82 -47.65 -18.45
C GLY B 59 37.98 -46.59 -17.77
N CYS B 60 38.44 -45.33 -17.83
CA CYS B 60 37.82 -44.26 -17.02
C CYS B 60 36.32 -44.14 -17.25
N VAL B 61 35.90 -44.17 -18.50
CA VAL B 61 34.50 -43.88 -18.83
C VAL B 61 33.58 -44.96 -18.27
N PRO B 62 33.73 -46.24 -18.62
CA PRO B 62 32.81 -47.24 -18.03
C PRO B 62 33.00 -47.41 -16.52
N LYS B 63 34.22 -47.34 -16.00
CA LYS B 63 34.35 -47.53 -14.55
C LYS B 63 33.68 -46.40 -13.79
N LYS B 64 33.70 -45.17 -14.30
CA LYS B 64 33.06 -44.08 -13.58
C LYS B 64 31.55 -44.29 -13.54
N LEU B 65 30.95 -44.78 -14.62
CA LEU B 65 29.54 -45.11 -14.63
C LEU B 65 29.23 -46.18 -13.59
N MET B 66 30.10 -47.19 -13.47
CA MET B 66 29.85 -48.27 -12.53
C MET B 66 30.07 -47.83 -11.09
N VAL B 67 31.02 -46.92 -10.85
CA VAL B 67 31.16 -46.36 -9.51
C VAL B 67 29.95 -45.53 -9.15
N THR B 68 29.45 -44.73 -10.10
CA THR B 68 28.23 -43.98 -9.86
C THR B 68 27.10 -44.92 -9.46
N GLY B 69 26.97 -46.04 -10.17
CA GLY B 69 25.98 -47.03 -9.79
C GLY B 69 26.17 -47.56 -8.39
N ALA B 70 27.42 -47.86 -8.02
CA ALA B 70 27.67 -48.41 -6.69
C ALA B 70 27.36 -47.39 -5.59
N GLN B 71 27.48 -46.09 -5.88
CA GLN B 71 27.19 -45.07 -4.87
C GLN B 71 25.74 -45.09 -4.41
N TYR B 72 24.82 -45.65 -5.20
CA TYR B 72 23.43 -45.65 -4.76
C TYR B 72 23.23 -46.57 -3.58
N MET B 73 24.13 -47.52 -3.33
CA MET B 73 23.99 -48.32 -2.11
C MET B 73 24.06 -47.43 -0.89
N ASP B 74 24.98 -46.46 -0.92
CA ASP B 74 25.11 -45.50 0.16
C ASP B 74 23.94 -44.52 0.18
N HIS B 75 23.52 -44.03 -0.99
CA HIS B 75 22.45 -43.02 -1.02
C HIS B 75 21.15 -43.57 -0.47
N LEU B 76 20.80 -44.81 -0.84
CA LEU B 76 19.54 -45.39 -0.34
C LEU B 76 19.56 -45.54 1.18
N ARG B 77 20.65 -46.03 1.75
CA ARG B 77 20.76 -46.12 3.20
C ARG B 77 20.73 -44.74 3.86
N GLU B 78 21.50 -43.79 3.30
CA GLU B 78 21.68 -42.49 3.95
C GLU B 78 20.44 -41.61 3.88
N SER B 79 19.55 -41.84 2.89
CA SER B 79 18.33 -41.08 2.78
C SER B 79 17.45 -41.19 4.03
N ALA B 80 17.59 -42.26 4.81
CA ALA B 80 16.70 -42.48 5.95
C ALA B 80 16.88 -41.38 6.99
N GLY B 81 18.11 -40.96 7.26
CA GLY B 81 18.36 -39.92 8.24
C GLY B 81 17.71 -38.61 7.90
N PHE B 82 17.40 -38.37 6.62
CA PHE B 82 16.73 -37.17 6.17
C PHE B 82 15.23 -37.38 5.98
N GLY B 83 14.67 -38.48 6.52
CA GLY B 83 13.24 -38.67 6.51
C GLY B 83 12.68 -39.54 5.41
N TRP B 84 13.51 -40.09 4.53
CA TRP B 84 13.00 -40.93 3.46
C TRP B 84 12.71 -42.34 4.01
N GLU B 85 11.53 -42.85 3.70
CA GLU B 85 11.06 -44.16 4.12
C GLU B 85 10.69 -44.98 2.89
N PHE B 86 11.06 -46.26 2.90
CA PHE B 86 10.62 -47.20 1.88
C PHE B 86 10.97 -48.61 2.36
N ASP B 87 10.56 -49.60 1.58
CA ASP B 87 10.72 -51.00 2.00
C ASP B 87 12.14 -51.45 1.67
N GLY B 88 13.00 -51.45 2.69
CA GLY B 88 14.40 -51.79 2.48
C GLY B 88 14.59 -53.24 2.04
N SER B 89 13.67 -54.13 2.43
CA SER B 89 13.80 -55.53 2.04
C SER B 89 13.53 -55.74 0.55
N SER B 90 12.96 -54.76 -0.14
CA SER B 90 12.71 -54.89 -1.58
C SER B 90 13.89 -54.43 -2.44
N VAL B 91 14.92 -53.85 -1.83
CA VAL B 91 16.03 -53.32 -2.62
C VAL B 91 16.86 -54.45 -3.19
N LYS B 92 17.15 -54.39 -4.48
CA LYS B 92 18.15 -55.26 -5.08
C LYS B 92 18.91 -54.50 -6.16
N ALA B 93 20.16 -54.93 -6.38
CA ALA B 93 21.09 -54.31 -7.32
C ALA B 93 21.20 -55.19 -8.55
N ASN B 94 20.67 -54.74 -9.68
CA ASN B 94 20.68 -55.51 -10.92
C ASN B 94 21.95 -55.22 -11.71
N TRP B 95 22.95 -56.11 -11.58
CA TRP B 95 24.23 -55.96 -12.28
C TRP B 95 24.06 -56.04 -13.79
N LYS B 96 23.16 -56.91 -14.27
CA LYS B 96 22.98 -57.04 -15.72
C LYS B 96 22.49 -55.74 -16.33
N LYS B 97 21.56 -55.05 -15.66
CA LYS B 97 21.09 -53.77 -16.15
C LYS B 97 22.23 -52.76 -16.18
N LEU B 98 23.05 -52.73 -15.12
CA LEU B 98 24.19 -51.84 -15.10
C LEU B 98 25.11 -52.09 -16.30
N ILE B 99 25.49 -53.34 -16.52
CA ILE B 99 26.43 -53.65 -17.59
C ILE B 99 25.82 -53.30 -18.95
N ALA B 100 24.51 -53.53 -19.12
CA ALA B 100 23.85 -53.23 -20.39
C ALA B 100 23.85 -51.73 -20.67
N ALA B 101 23.52 -50.92 -19.64
CA ALA B 101 23.58 -49.47 -19.83
C ALA B 101 25.00 -49.01 -20.13
N LYS B 102 25.97 -49.57 -19.40
CA LYS B 102 27.36 -49.22 -19.67
C LYS B 102 27.74 -49.60 -21.10
N ASN B 103 27.34 -50.79 -21.55
CA ASN B 103 27.69 -51.23 -22.91
C ASN B 103 27.11 -50.29 -23.95
N GLU B 104 25.88 -49.82 -23.74
CA GLU B 104 25.25 -48.94 -24.74
C GLU B 104 25.98 -47.61 -24.82
N ALA B 105 26.41 -47.07 -23.68
CA ALA B 105 27.11 -45.79 -23.67
C ALA B 105 28.47 -45.88 -24.35
N VAL B 106 29.20 -46.98 -24.12
CA VAL B 106 30.50 -47.11 -24.74
C VAL B 106 30.35 -47.28 -26.25
N LEU B 107 29.39 -48.11 -26.68
CA LEU B 107 29.20 -48.35 -28.10
C LEU B 107 28.83 -47.07 -28.84
N ASP B 108 27.98 -46.23 -28.23
CA ASP B 108 27.69 -44.90 -28.77
C ASP B 108 28.95 -44.09 -29.02
N ILE B 109 29.90 -44.14 -28.07
CA ILE B 109 31.16 -43.42 -28.27
C ILE B 109 31.94 -44.05 -29.41
N ASN B 110 31.98 -45.39 -29.49
CA ASN B 110 32.67 -46.06 -30.59
C ASN B 110 32.15 -45.54 -31.94
N LYS B 111 30.83 -45.55 -32.10
CA LYS B 111 30.20 -45.12 -33.35
C LYS B 111 30.49 -43.66 -33.66
N SER B 112 30.56 -42.80 -32.65
CA SER B 112 30.79 -41.39 -32.94
C SER B 112 32.21 -41.16 -33.46
N TYR B 113 33.18 -41.93 -32.96
CA TYR B 113 34.55 -41.84 -33.48
C TYR B 113 34.62 -42.34 -34.91
N GLU B 114 33.84 -43.38 -35.22
CA GLU B 114 33.72 -43.87 -36.58
C GLU B 114 33.29 -42.74 -37.53
N GLY B 115 32.22 -42.02 -37.15
CA GLY B 115 31.76 -40.91 -37.96
C GLY B 115 32.76 -39.77 -38.02
N MET B 116 33.53 -39.57 -36.95
CA MET B 116 34.57 -38.55 -36.99
C MET B 116 35.58 -38.85 -38.09
N PHE B 117 36.01 -40.11 -38.21
CA PHE B 117 36.93 -40.48 -39.28
C PHE B 117 36.27 -40.26 -40.64
N ASN B 118 35.04 -40.73 -40.81
CA ASN B 118 34.34 -40.57 -42.08
C ASN B 118 34.16 -39.11 -42.48
N ASP B 119 34.10 -38.20 -41.51
CA ASP B 119 33.76 -36.82 -41.77
C ASP B 119 34.94 -35.89 -41.90
N THR B 120 36.15 -36.33 -41.58
CA THR B 120 37.30 -35.44 -41.45
C THR B 120 38.29 -35.66 -42.59
N GLU B 121 38.62 -34.59 -43.31
CA GLU B 121 39.59 -34.70 -44.39
C GLU B 121 40.96 -35.08 -43.86
N GLY B 122 41.65 -35.96 -44.59
CA GLY B 122 43.02 -36.30 -44.29
C GLY B 122 43.22 -37.13 -43.04
N LEU B 123 42.20 -37.85 -42.59
CA LEU B 123 42.24 -38.62 -41.35
C LEU B 123 41.59 -39.98 -41.65
N ASP B 124 42.42 -41.01 -41.83
CA ASP B 124 41.94 -42.34 -42.22
C ASP B 124 42.22 -43.37 -41.14
N PHE B 125 41.28 -44.29 -40.96
CA PHE B 125 41.37 -45.35 -39.96
C PHE B 125 41.59 -46.68 -40.65
N PHE B 126 42.54 -47.47 -40.15
CA PHE B 126 42.83 -48.80 -40.66
C PHE B 126 42.70 -49.83 -39.55
N LEU B 127 41.95 -50.91 -39.81
CA LEU B 127 41.71 -51.97 -38.84
C LEU B 127 42.78 -53.06 -38.93
N GLY B 128 43.44 -53.35 -37.81
CA GLY B 128 44.41 -54.42 -37.76
C GLY B 128 45.53 -54.11 -36.78
N TRP B 129 46.59 -54.92 -36.88
CA TRP B 129 47.71 -54.86 -35.96
C TRP B 129 48.90 -54.20 -36.65
N GLY B 130 49.32 -53.05 -36.13
CA GLY B 130 50.43 -52.33 -36.71
C GLY B 130 51.76 -52.71 -36.07
N SER B 131 52.81 -52.72 -36.89
CA SER B 131 54.18 -52.93 -36.43
C SER B 131 55.14 -52.22 -37.36
N LEU B 132 56.37 -52.05 -36.89
CA LEU B 132 57.40 -51.33 -37.65
C LEU B 132 58.11 -52.32 -38.57
N GLU B 133 57.94 -52.12 -39.89
CA GLU B 133 58.70 -52.86 -40.88
C GLU B 133 60.05 -52.21 -41.16
N SER B 134 60.05 -50.89 -41.33
CA SER B 134 61.29 -50.13 -41.49
C SER B 134 61.06 -48.72 -40.96
N LYS B 135 62.11 -47.89 -41.03
CA LYS B 135 62.10 -46.57 -40.41
C LYS B 135 60.94 -45.70 -40.88
N ASN B 136 60.44 -45.94 -42.08
CA ASN B 136 59.38 -45.12 -42.65
C ASN B 136 58.24 -45.96 -43.21
N VAL B 137 58.07 -47.18 -42.72
CA VAL B 137 57.03 -48.09 -43.22
C VAL B 137 56.37 -48.76 -42.02
N VAL B 138 55.05 -48.58 -41.90
CA VAL B 138 54.22 -49.27 -40.91
C VAL B 138 53.39 -50.31 -41.66
N VAL B 139 53.43 -51.55 -41.19
CA VAL B 139 52.67 -52.65 -41.79
C VAL B 139 51.53 -53.03 -40.86
N VAL B 140 50.38 -53.31 -41.45
CA VAL B 140 49.15 -53.68 -40.74
C VAL B 140 48.81 -55.11 -41.12
N ARG B 141 48.69 -55.99 -40.14
CA ARG B 141 48.41 -57.40 -40.37
C ARG B 141 47.09 -57.82 -39.73
N GLU B 142 46.70 -59.07 -40.00
CA GLU B 142 45.40 -59.57 -39.57
C GLU B 142 45.36 -59.88 -38.07
N THR B 143 46.45 -60.40 -37.51
CA THR B 143 46.50 -60.75 -36.10
C THR B 143 47.82 -60.25 -35.52
N ALA B 144 47.98 -60.42 -34.20
CA ALA B 144 49.23 -60.03 -33.56
C ALA B 144 50.42 -60.87 -34.03
N ASP B 145 50.18 -61.98 -34.72
CA ASP B 145 51.25 -62.83 -35.21
C ASP B 145 52.01 -62.14 -36.35
N PRO B 146 53.32 -61.96 -36.23
CA PRO B 146 54.07 -61.28 -37.31
C PRO B 146 54.13 -62.04 -38.62
N LYS B 147 53.54 -63.24 -38.70
CA LYS B 147 53.49 -63.99 -39.95
C LYS B 147 52.09 -64.07 -40.52
N SER B 148 51.13 -63.38 -39.91
CA SER B 148 49.77 -63.33 -40.45
C SER B 148 49.72 -62.41 -41.67
N ALA B 149 48.60 -62.46 -42.38
CA ALA B 149 48.48 -61.83 -43.70
C ALA B 149 48.59 -60.32 -43.63
N VAL B 150 49.31 -59.75 -44.59
CA VAL B 150 49.48 -58.29 -44.67
C VAL B 150 48.22 -57.67 -45.24
N LYS B 151 47.71 -56.64 -44.57
CA LYS B 151 46.52 -55.92 -45.01
C LYS B 151 46.85 -54.59 -45.65
N GLU B 152 47.83 -53.87 -45.11
CA GLU B 152 48.24 -52.57 -45.63
C GLU B 152 49.73 -52.39 -45.39
N ARG B 153 50.34 -51.57 -46.24
CA ARG B 153 51.70 -51.09 -46.03
C ARG B 153 51.65 -49.58 -46.14
N LEU B 154 52.00 -48.89 -45.06
CA LEU B 154 51.81 -47.45 -44.94
C LEU B 154 53.16 -46.78 -44.88
N GLN B 155 53.50 -46.03 -45.92
CA GLN B 155 54.71 -45.20 -45.90
C GLN B 155 54.43 -43.96 -45.06
N ALA B 156 55.40 -43.56 -44.24
CA ALA B 156 55.18 -42.47 -43.30
C ALA B 156 56.42 -41.61 -43.15
N ASP B 157 56.23 -40.29 -43.24
CA ASP B 157 57.30 -39.38 -42.85
C ASP B 157 57.54 -39.43 -41.35
N HIS B 158 56.46 -39.62 -40.58
CA HIS B 158 56.50 -39.62 -39.12
C HIS B 158 55.66 -40.77 -38.61
N ILE B 159 56.13 -41.42 -37.54
CA ILE B 159 55.42 -42.55 -36.93
C ILE B 159 55.26 -42.26 -35.45
N LEU B 160 54.04 -42.45 -34.93
CA LEU B 160 53.73 -42.26 -33.51
C LEU B 160 53.31 -43.60 -32.90
N LEU B 161 54.05 -44.03 -31.88
CA LEU B 161 53.70 -45.23 -31.12
C LEU B 161 52.77 -44.82 -29.98
N ALA B 162 51.54 -45.35 -29.98
CA ALA B 162 50.55 -44.96 -28.97
C ALA B 162 49.65 -46.15 -28.63
N THR B 163 50.27 -47.29 -28.30
CA THR B 163 49.53 -48.53 -28.08
C THR B 163 49.10 -48.74 -26.63
N GLY B 164 49.49 -47.86 -25.71
CA GLY B 164 48.97 -47.94 -24.35
C GLY B 164 49.67 -49.00 -23.52
N SER B 165 48.92 -49.55 -22.55
CA SER B 165 49.42 -50.58 -21.64
C SER B 165 48.47 -51.78 -21.54
N TRP B 166 48.76 -52.73 -20.65
CA TRP B 166 48.03 -53.97 -20.56
C TRP B 166 48.21 -54.50 -19.13
N PRO B 167 47.24 -55.26 -18.59
CA PRO B 167 47.36 -55.70 -17.20
C PRO B 167 48.53 -56.66 -17.01
N GLN B 168 49.25 -56.48 -15.91
CA GLN B 168 50.38 -57.31 -15.55
C GLN B 168 49.86 -58.51 -14.75
N MET B 169 50.32 -59.71 -15.10
CA MET B 169 49.87 -60.91 -14.41
C MET B 169 51.07 -61.62 -13.80
N PRO B 170 51.06 -61.91 -12.49
CA PRO B 170 52.25 -62.51 -11.87
C PRO B 170 52.44 -63.96 -12.29
N ALA B 171 53.68 -64.41 -12.19
CA ALA B 171 54.05 -65.75 -12.64
C ALA B 171 53.88 -66.73 -11.49
N ILE B 172 52.62 -67.05 -11.19
CA ILE B 172 52.30 -68.00 -10.12
C ILE B 172 51.53 -69.18 -10.70
N PRO B 173 51.67 -70.37 -10.12
CA PRO B 173 50.83 -71.50 -10.53
C PRO B 173 49.34 -71.15 -10.46
N GLY B 174 48.64 -71.41 -11.56
CA GLY B 174 47.21 -71.17 -11.64
C GLY B 174 46.79 -69.76 -11.99
N ILE B 175 47.71 -68.93 -12.48
CA ILE B 175 47.38 -67.55 -12.88
C ILE B 175 46.31 -67.56 -13.97
N GLU B 176 46.21 -68.64 -14.72
CA GLU B 176 45.21 -68.75 -15.78
C GLU B 176 43.78 -68.79 -15.24
N HIS B 177 43.58 -69.02 -13.94
CA HIS B 177 42.26 -69.04 -13.35
C HIS B 177 41.86 -67.70 -12.75
N CYS B 178 42.64 -66.65 -13.00
CA CYS B 178 42.37 -65.29 -12.57
C CYS B 178 41.94 -64.43 -13.77
N ILE B 179 41.32 -63.28 -13.48
CA ILE B 179 40.96 -62.32 -14.52
C ILE B 179 41.68 -61.01 -14.23
N SER B 180 41.51 -60.03 -15.14
CA SER B 180 41.95 -58.65 -14.95
C SER B 180 40.75 -57.73 -15.05
N SER B 181 41.00 -56.41 -14.96
CA SER B 181 39.90 -55.46 -15.10
C SER B 181 39.22 -55.59 -16.45
N ASN B 182 39.95 -56.01 -17.50
CA ASN B 182 39.32 -56.20 -18.82
C ASN B 182 38.10 -57.10 -18.72
N GLU B 183 38.26 -58.28 -18.10
CA GLU B 183 37.16 -59.23 -17.97
C GLU B 183 36.12 -58.78 -16.95
N ALA B 184 36.53 -58.05 -15.91
CA ALA B 184 35.57 -57.60 -14.90
C ALA B 184 34.45 -56.78 -15.54
N PHE B 185 34.76 -56.01 -16.59
CA PHE B 185 33.75 -55.19 -17.24
C PHE B 185 32.66 -56.00 -17.93
N TYR B 186 32.84 -57.32 -18.10
CA TYR B 186 31.89 -58.12 -18.87
C TYR B 186 31.39 -59.36 -18.13
N LEU B 187 31.62 -59.46 -16.82
CA LEU B 187 31.15 -60.62 -16.05
C LEU B 187 29.65 -60.79 -16.20
N PRO B 188 29.16 -61.98 -16.56
CA PRO B 188 27.70 -62.16 -16.70
C PRO B 188 26.93 -61.92 -15.41
N GLU B 189 27.50 -62.24 -14.26
CA GLU B 189 26.84 -62.09 -12.98
C GLU B 189 27.77 -61.39 -12.02
N PRO B 190 27.25 -60.61 -11.07
CA PRO B 190 28.11 -60.02 -10.04
C PRO B 190 28.66 -61.10 -9.13
N PRO B 191 29.97 -61.13 -8.91
CA PRO B 191 30.53 -62.21 -8.08
C PRO B 191 30.07 -62.10 -6.64
N ARG B 192 29.72 -63.24 -6.05
CA ARG B 192 29.29 -63.23 -4.66
C ARG B 192 30.47 -63.05 -3.71
N ARG B 193 31.56 -63.78 -3.95
CA ARG B 193 32.81 -63.63 -3.21
C ARG B 193 33.89 -63.32 -4.24
N VAL B 194 34.62 -62.23 -4.01
CA VAL B 194 35.66 -61.82 -4.95
C VAL B 194 36.88 -61.34 -4.18
N LEU B 195 38.07 -61.70 -4.69
CA LEU B 195 39.33 -61.17 -4.20
C LEU B 195 39.90 -60.25 -5.28
N THR B 196 40.14 -58.98 -4.93
CA THR B 196 40.87 -58.06 -5.80
C THR B 196 42.32 -57.97 -5.29
N VAL B 197 43.27 -58.27 -6.17
CA VAL B 197 44.67 -58.35 -5.80
C VAL B 197 45.35 -57.06 -6.26
N GLY B 198 45.83 -56.28 -5.30
CA GLY B 198 46.64 -55.11 -5.57
C GLY B 198 46.19 -53.93 -4.72
N GLY B 199 47.11 -53.02 -4.46
CA GLY B 199 46.84 -51.87 -3.62
C GLY B 199 46.54 -50.58 -4.36
N GLY B 200 46.55 -50.60 -5.68
CA GLY B 200 46.45 -49.40 -6.48
C GLY B 200 45.01 -49.03 -6.78
N PHE B 201 44.86 -47.98 -7.59
CA PHE B 201 43.53 -47.39 -7.73
C PHE B 201 42.54 -48.33 -8.41
N ILE B 202 43.00 -49.18 -9.34
CA ILE B 202 42.06 -50.04 -10.04
C ILE B 202 41.47 -51.09 -9.10
N SER B 203 42.33 -51.71 -8.28
CA SER B 203 41.86 -52.67 -7.29
C SER B 203 40.88 -52.03 -6.31
N VAL B 204 41.21 -50.84 -5.80
CA VAL B 204 40.36 -50.14 -4.85
C VAL B 204 39.01 -49.78 -5.47
N GLU B 205 39.03 -49.27 -6.71
CA GLU B 205 37.78 -48.85 -7.35
C GLU B 205 36.86 -50.05 -7.60
N PHE B 206 37.42 -51.16 -8.07
CA PHE B 206 36.57 -52.32 -8.33
C PHE B 206 36.10 -52.96 -7.04
N ALA B 207 36.92 -52.92 -5.98
CA ALA B 207 36.43 -53.36 -4.68
C ALA B 207 35.12 -52.64 -4.33
N GLY B 208 35.09 -51.32 -4.49
CA GLY B 208 33.85 -50.59 -4.21
C GLY B 208 32.71 -50.98 -5.11
N ILE B 209 32.99 -51.24 -6.40
CA ILE B 209 31.92 -51.60 -7.34
C ILE B 209 31.31 -52.95 -6.96
N PHE B 210 32.16 -53.97 -6.79
CA PHE B 210 31.67 -55.31 -6.44
C PHE B 210 30.96 -55.31 -5.08
N ASN B 211 31.44 -54.47 -4.13
CA ASN B 211 30.82 -54.42 -2.82
C ASN B 211 29.35 -54.01 -2.89
N ALA B 212 29.00 -53.11 -3.80
CA ALA B 212 27.62 -52.65 -3.87
C ALA B 212 26.71 -53.61 -4.63
N TYR B 213 27.23 -54.30 -5.64
CA TYR B 213 26.40 -55.15 -6.48
C TYR B 213 26.43 -56.62 -6.09
N LYS B 214 27.12 -56.99 -5.00
CA LYS B 214 27.22 -58.40 -4.61
C LYS B 214 25.88 -58.96 -4.16
N PRO B 215 25.56 -60.20 -4.49
CA PRO B 215 24.31 -60.83 -4.04
C PRO B 215 24.31 -61.04 -2.54
N PRO B 216 23.14 -61.37 -1.96
CA PRO B 216 23.06 -61.59 -0.50
C PRO B 216 24.09 -62.59 0.00
N GLY B 217 24.69 -62.29 1.14
CA GLY B 217 25.72 -63.12 1.73
C GLY B 217 27.11 -62.92 1.15
N GLY B 218 27.27 -61.98 0.21
CA GLY B 218 28.55 -61.81 -0.46
C GLY B 218 29.61 -61.13 0.40
N LYS B 219 30.83 -61.11 -0.13
CA LYS B 219 31.97 -60.53 0.57
C LYS B 219 33.05 -60.16 -0.44
N VAL B 220 33.52 -58.91 -0.37
CA VAL B 220 34.66 -58.46 -1.16
C VAL B 220 35.88 -58.45 -0.24
N THR B 221 36.98 -59.04 -0.72
CA THR B 221 38.29 -58.97 -0.07
C THR B 221 39.30 -58.34 -1.01
N LEU B 222 40.08 -57.40 -0.50
CA LEU B 222 41.19 -56.83 -1.23
C LEU B 222 42.47 -57.21 -0.51
N CYS B 223 43.46 -57.71 -1.24
CA CYS B 223 44.74 -58.01 -0.62
C CYS B 223 45.84 -57.18 -1.26
N TYR B 224 46.87 -56.88 -0.47
CA TYR B 224 48.00 -56.08 -0.95
C TYR B 224 49.24 -56.58 -0.24
N ARG B 225 50.34 -56.71 -0.99
CA ARG B 225 51.50 -57.43 -0.46
C ARG B 225 52.28 -56.63 0.58
N ASN B 226 52.12 -55.30 0.64
CA ASN B 226 52.78 -54.50 1.65
C ASN B 226 51.78 -54.02 2.69
N ASN B 227 52.22 -53.08 3.55
CA ASN B 227 51.51 -52.79 4.78
C ASN B 227 50.35 -51.82 4.63
N LEU B 228 50.33 -51.00 3.58
CA LEU B 228 49.31 -49.96 3.49
C LEU B 228 48.99 -49.72 2.02
N ILE B 229 47.71 -49.76 1.66
CA ILE B 229 47.32 -49.64 0.25
C ILE B 229 47.60 -48.25 -0.29
N LEU B 230 47.49 -48.10 -1.61
CA LEU B 230 47.49 -46.81 -2.31
C LEU B 230 48.81 -46.07 -2.13
N ARG B 231 49.91 -46.79 -2.39
CA ARG B 231 51.23 -46.20 -2.37
C ARG B 231 51.32 -45.06 -3.38
N GLY B 232 51.95 -43.96 -2.97
CA GLY B 232 52.10 -42.77 -3.79
C GLY B 232 51.08 -41.68 -3.51
N PHE B 233 50.04 -41.99 -2.75
CA PHE B 233 49.07 -41.01 -2.29
C PHE B 233 49.40 -40.60 -0.86
N ASP B 234 48.75 -39.51 -0.42
CA ASP B 234 48.96 -38.97 0.93
C ASP B 234 48.72 -40.03 1.99
N GLU B 235 49.62 -40.09 2.98
CA GLU B 235 49.57 -41.18 3.96
C GLU B 235 48.33 -41.10 4.85
N THR B 236 47.98 -39.89 5.32
CA THR B 236 46.75 -39.76 6.10
C THR B 236 45.56 -40.31 5.33
N ILE B 237 45.50 -40.02 4.03
CA ILE B 237 44.37 -40.44 3.23
C ILE B 237 44.41 -41.95 2.98
N ARG B 238 45.61 -42.52 2.83
CA ARG B 238 45.75 -43.96 2.68
C ARG B 238 45.18 -44.70 3.89
N GLU B 239 45.49 -44.20 5.08
CA GLU B 239 44.95 -44.81 6.30
C GLU B 239 43.44 -44.62 6.39
N GLU B 240 42.96 -43.42 6.08
CA GLU B 240 41.54 -43.13 6.23
C GLU B 240 40.70 -43.89 5.22
N VAL B 241 41.15 -43.98 3.96
CA VAL B 241 40.32 -44.72 3.02
C VAL B 241 40.31 -46.20 3.38
N THR B 242 41.41 -46.74 3.92
CA THR B 242 41.42 -48.09 4.46
C THR B 242 40.30 -48.26 5.49
N LYS B 243 40.20 -47.30 6.40
CA LYS B 243 39.21 -47.36 7.47
C LYS B 243 37.80 -47.27 6.92
N GLN B 244 37.58 -46.41 5.92
CA GLN B 244 36.22 -46.21 5.42
C GLN B 244 35.77 -47.33 4.50
N LEU B 245 36.70 -47.98 3.77
CA LEU B 245 36.33 -49.18 3.02
C LEU B 245 35.92 -50.30 3.96
N THR B 246 36.70 -50.48 5.04
CA THR B 246 36.37 -51.49 6.05
C THR B 246 34.99 -51.21 6.66
N ALA B 247 34.72 -49.95 6.97
CA ALA B 247 33.42 -49.58 7.54
C ALA B 247 32.26 -49.93 6.62
N ASN B 248 32.49 -50.01 5.31
CA ASN B 248 31.44 -50.37 4.38
C ASN B 248 31.49 -51.85 3.99
N GLY B 249 32.21 -52.67 4.76
CA GLY B 249 32.11 -54.12 4.64
C GLY B 249 33.15 -54.80 3.78
N ILE B 250 34.16 -54.08 3.31
CA ILE B 250 35.23 -54.67 2.51
C ILE B 250 36.36 -55.10 3.44
N GLU B 251 36.85 -56.31 3.28
CA GLU B 251 37.95 -56.81 4.11
C GLU B 251 39.29 -56.51 3.43
N ILE B 252 40.16 -55.77 4.12
CA ILE B 252 41.47 -55.39 3.59
C ILE B 252 42.53 -56.31 4.20
N MET B 253 43.14 -57.18 3.37
CA MET B 253 44.22 -58.07 3.80
C MET B 253 45.56 -57.47 3.41
N THR B 254 46.25 -56.82 4.35
CA THR B 254 47.58 -56.32 4.01
C THR B 254 48.67 -57.32 4.40
N ASN B 255 49.86 -57.08 3.82
CA ASN B 255 51.02 -57.98 3.96
C ASN B 255 50.69 -59.40 3.52
N GLU B 256 49.89 -59.53 2.47
CA GLU B 256 49.52 -60.84 1.93
C GLU B 256 49.62 -60.83 0.41
N ASN B 257 49.98 -61.98 -0.15
CA ASN B 257 50.19 -62.08 -1.61
C ASN B 257 49.88 -63.49 -2.09
N PRO B 258 49.06 -63.65 -3.12
CA PRO B 258 48.76 -65.00 -3.61
C PRO B 258 50.01 -65.72 -4.08
N ALA B 259 50.13 -66.98 -3.66
CA ALA B 259 51.20 -67.87 -4.11
C ALA B 259 50.73 -68.86 -5.17
N LYS B 260 49.45 -69.23 -5.17
CA LYS B 260 48.92 -70.10 -6.22
C LYS B 260 47.40 -70.06 -6.13
N VAL B 261 46.77 -70.43 -7.25
CA VAL B 261 45.33 -70.53 -7.37
C VAL B 261 44.99 -71.87 -8.01
N SER B 262 43.96 -72.55 -7.49
CA SER B 262 43.51 -73.82 -8.06
C SER B 262 42.00 -73.80 -8.23
N LEU B 263 41.51 -74.70 -9.09
CA LEU B 263 40.08 -74.79 -9.40
C LEU B 263 39.38 -75.71 -8.41
N ASN B 264 38.24 -75.26 -7.88
CA ASN B 264 37.39 -76.11 -7.04
C ASN B 264 36.34 -76.81 -7.90
N THR B 265 35.78 -77.90 -7.36
CA THR B 265 34.84 -78.69 -8.16
C THR B 265 33.56 -77.92 -8.48
N ASP B 266 33.22 -76.91 -7.69
CA ASP B 266 32.04 -76.11 -7.98
C ASP B 266 32.33 -74.93 -8.92
N GLY B 267 33.54 -74.82 -9.46
CA GLY B 267 33.89 -73.71 -10.32
C GLY B 267 34.52 -72.52 -9.63
N SER B 268 34.47 -72.44 -8.30
CA SER B 268 35.14 -71.35 -7.60
C SER B 268 36.65 -71.58 -7.58
N LYS B 269 37.37 -70.63 -6.98
CA LYS B 269 38.83 -70.64 -6.95
C LYS B 269 39.32 -70.75 -5.52
N HIS B 270 40.36 -71.57 -5.34
CA HIS B 270 41.04 -71.76 -4.06
C HIS B 270 42.37 -71.02 -4.14
N VAL B 271 42.49 -69.93 -3.39
CA VAL B 271 43.69 -69.10 -3.36
C VAL B 271 44.54 -69.50 -2.18
N THR B 272 45.83 -69.76 -2.40
CA THR B 272 46.78 -69.98 -1.32
C THR B 272 47.77 -68.80 -1.28
N PHE B 273 47.90 -68.18 -0.12
CA PHE B 273 48.80 -67.05 0.01
C PHE B 273 50.20 -67.52 0.42
N GLU B 274 51.19 -66.62 0.23
CA GLU B 274 52.57 -66.93 0.61
C GLU B 274 52.67 -67.27 2.09
N SER B 275 51.80 -66.69 2.92
CA SER B 275 51.81 -66.90 4.36
C SER B 275 51.27 -68.26 4.76
N GLY B 276 50.63 -68.99 3.84
CA GLY B 276 49.95 -70.21 4.17
C GLY B 276 48.45 -70.08 4.31
N LYS B 277 47.94 -68.86 4.47
CA LYS B 277 46.50 -68.65 4.54
C LYS B 277 45.83 -69.09 3.22
N THR B 278 44.53 -69.42 3.30
CA THR B 278 43.76 -69.78 2.13
C THR B 278 42.43 -69.03 2.12
N LEU B 279 41.85 -68.90 0.91
CA LEU B 279 40.59 -68.20 0.71
C LEU B 279 39.91 -68.75 -0.53
N ASP B 280 38.62 -69.10 -0.40
CA ASP B 280 37.80 -69.53 -1.54
C ASP B 280 36.94 -68.36 -2.02
N VAL B 281 37.03 -68.05 -3.32
CA VAL B 281 36.24 -66.98 -3.93
C VAL B 281 35.72 -67.45 -5.28
N ASP B 282 34.69 -66.75 -5.77
CA ASP B 282 34.19 -67.01 -7.12
C ASP B 282 35.07 -66.37 -8.20
N VAL B 283 35.70 -65.24 -7.93
CA VAL B 283 36.49 -64.51 -8.92
C VAL B 283 37.75 -63.98 -8.24
N VAL B 284 38.90 -64.10 -8.92
CA VAL B 284 40.17 -63.49 -8.49
C VAL B 284 40.55 -62.49 -9.57
N MET B 285 40.53 -61.19 -9.24
CA MET B 285 40.88 -60.14 -10.19
C MET B 285 42.27 -59.59 -9.85
N MET B 286 43.23 -59.84 -10.72
CA MET B 286 44.58 -59.30 -10.57
C MET B 286 44.62 -57.86 -11.05
N ALA B 287 45.02 -56.96 -10.17
CA ALA B 287 45.20 -55.55 -10.50
C ALA B 287 46.49 -55.05 -9.86
N ILE B 288 47.59 -55.74 -10.16
CA ILE B 288 48.86 -55.41 -9.51
C ILE B 288 49.68 -54.41 -10.31
N GLY B 289 49.26 -54.06 -11.51
CA GLY B 289 50.03 -53.14 -12.32
C GLY B 289 49.65 -53.24 -13.78
N ARG B 290 50.12 -52.26 -14.55
CA ARG B 290 49.93 -52.24 -16.00
C ARG B 290 51.27 -51.94 -16.65
N ILE B 291 51.55 -52.64 -17.75
CA ILE B 291 52.86 -52.57 -18.39
C ILE B 291 52.75 -52.08 -19.83
N PRO B 292 53.75 -51.35 -20.33
CA PRO B 292 53.69 -50.83 -21.71
C PRO B 292 53.48 -51.96 -22.72
N ARG B 293 52.71 -51.64 -23.76
CA ARG B 293 52.30 -52.62 -24.76
C ARG B 293 53.22 -52.51 -25.97
N THR B 294 54.37 -53.17 -25.87
CA THR B 294 55.44 -53.03 -26.86
C THR B 294 55.73 -54.28 -27.68
N ASN B 295 55.22 -55.45 -27.28
CA ASN B 295 55.75 -56.69 -27.84
C ASN B 295 55.28 -56.93 -29.27
N ASP B 296 54.10 -56.47 -29.64
CA ASP B 296 53.63 -56.70 -31.00
C ASP B 296 54.15 -55.69 -32.02
N LEU B 297 54.89 -54.67 -31.58
CA LEU B 297 55.30 -53.60 -32.49
C LEU B 297 56.56 -53.93 -33.30
N GLN B 298 57.28 -54.99 -32.94
CA GLN B 298 58.52 -55.39 -33.62
C GLN B 298 59.52 -54.24 -33.66
N LEU B 299 59.76 -53.64 -32.48
CA LEU B 299 60.69 -52.52 -32.39
C LEU B 299 62.11 -52.92 -32.77
N GLY B 300 62.41 -54.23 -32.79
CA GLY B 300 63.74 -54.68 -33.20
C GLY B 300 64.03 -54.48 -34.67
N ASN B 301 62.99 -54.42 -35.52
CA ASN B 301 63.19 -54.16 -36.93
C ASN B 301 63.82 -52.81 -37.20
N VAL B 302 63.67 -51.85 -36.30
CA VAL B 302 64.22 -50.51 -36.51
C VAL B 302 65.14 -50.06 -35.39
N GLY B 303 65.19 -50.77 -34.26
CA GLY B 303 66.08 -50.43 -33.18
C GLY B 303 65.59 -49.37 -32.21
N VAL B 304 64.29 -49.30 -31.95
CA VAL B 304 63.77 -48.36 -30.95
C VAL B 304 64.16 -48.84 -29.57
N LYS B 305 64.82 -47.97 -28.79
CA LYS B 305 65.35 -48.34 -27.49
C LYS B 305 64.27 -48.34 -26.41
N LEU B 306 64.27 -49.37 -25.57
CA LEU B 306 63.43 -49.42 -24.39
C LEU B 306 64.22 -49.08 -23.13
N THR B 307 63.50 -48.59 -22.12
CA THR B 307 64.08 -48.40 -20.80
C THR B 307 64.16 -49.74 -20.08
N PRO B 308 64.91 -49.82 -18.98
CA PRO B 308 64.97 -51.09 -18.24
C PRO B 308 63.60 -51.58 -17.80
N LYS B 309 62.66 -50.68 -17.50
CA LYS B 309 61.34 -51.10 -17.05
C LYS B 309 60.42 -51.54 -18.19
N GLY B 310 60.79 -51.28 -19.44
CA GLY B 310 59.99 -51.75 -20.57
C GLY B 310 59.25 -50.67 -21.35
N GLY B 311 59.31 -49.41 -20.92
CA GLY B 311 58.75 -48.35 -21.72
C GLY B 311 59.61 -48.03 -22.92
N VAL B 312 58.98 -47.41 -23.93
CA VAL B 312 59.74 -46.81 -25.01
C VAL B 312 60.44 -45.56 -24.48
N GLN B 313 61.76 -45.49 -24.67
CA GLN B 313 62.50 -44.35 -24.16
C GLN B 313 62.20 -43.12 -25.00
N VAL B 314 61.96 -41.99 -24.34
CA VAL B 314 61.66 -40.73 -25.02
C VAL B 314 62.38 -39.58 -24.33
N ASP B 315 62.65 -38.53 -25.10
CA ASP B 315 63.06 -37.27 -24.49
C ASP B 315 61.82 -36.46 -24.13
N GLU B 316 62.04 -35.23 -23.62
CA GLU B 316 60.94 -34.39 -23.18
C GLU B 316 59.97 -34.03 -24.30
N PHE B 317 60.37 -34.22 -25.56
CA PHE B 317 59.51 -33.91 -26.70
C PHE B 317 58.95 -35.15 -27.34
N SER B 318 59.00 -36.29 -26.63
CA SER B 318 58.42 -37.56 -27.05
C SER B 318 59.14 -38.21 -28.22
N ARG B 319 60.42 -37.87 -28.44
CA ARG B 319 61.19 -38.44 -29.54
C ARG B 319 61.94 -39.68 -29.05
N THR B 320 61.89 -40.75 -29.84
CA THR B 320 62.69 -41.94 -29.56
C THR B 320 64.12 -41.69 -30.03
N ASN B 321 64.95 -42.74 -30.00
CA ASN B 321 66.30 -42.65 -30.53
C ASN B 321 66.33 -42.75 -32.05
N VAL B 322 65.24 -43.19 -32.67
CA VAL B 322 65.16 -43.32 -34.12
C VAL B 322 64.51 -42.06 -34.68
N PRO B 323 65.17 -41.32 -35.57
CA PRO B 323 64.58 -40.08 -36.10
C PRO B 323 63.21 -40.33 -36.74
N ASN B 324 62.28 -39.42 -36.47
CA ASN B 324 60.92 -39.39 -37.01
C ASN B 324 60.01 -40.45 -36.40
N ILE B 325 60.42 -41.13 -35.34
CA ILE B 325 59.55 -42.07 -34.62
C ILE B 325 59.38 -41.54 -33.19
N TYR B 326 58.12 -41.43 -32.75
CA TYR B 326 57.79 -40.82 -31.47
C TYR B 326 56.93 -41.78 -30.65
N ALA B 327 56.87 -41.52 -29.33
CA ALA B 327 56.00 -42.31 -28.46
C ALA B 327 55.38 -41.41 -27.40
N ILE B 328 54.10 -41.65 -27.11
CA ILE B 328 53.36 -40.91 -26.09
C ILE B 328 52.44 -41.87 -25.36
N GLY B 329 51.96 -41.45 -24.20
CA GLY B 329 50.95 -42.21 -23.47
C GLY B 329 51.55 -43.31 -22.62
N ASP B 330 50.70 -44.30 -22.30
CA ASP B 330 51.11 -45.34 -21.34
C ASP B 330 52.32 -46.13 -21.83
N ILE B 331 52.59 -46.13 -23.13
CA ILE B 331 53.72 -46.92 -23.64
C ILE B 331 55.06 -46.33 -23.19
N THR B 332 55.08 -45.06 -22.77
CA THR B 332 56.29 -44.47 -22.20
C THR B 332 56.44 -44.74 -20.71
N ASP B 333 55.45 -45.37 -20.07
CA ASP B 333 55.57 -45.89 -18.70
C ASP B 333 55.90 -44.77 -17.72
N ARG B 334 55.16 -43.67 -17.82
CA ARG B 334 55.37 -42.52 -16.95
C ARG B 334 54.10 -42.27 -16.12
N LEU B 335 53.39 -41.17 -16.38
CA LEU B 335 52.08 -40.96 -15.77
C LEU B 335 51.03 -41.61 -16.65
N MET B 336 50.34 -42.63 -16.12
CA MET B 336 49.35 -43.37 -16.91
C MET B 336 47.98 -42.76 -16.63
N LEU B 337 47.72 -41.63 -17.29
CA LEU B 337 46.47 -40.89 -17.17
C LEU B 337 46.04 -40.44 -18.56
N THR B 338 44.73 -40.48 -18.83
CA THR B 338 44.24 -40.08 -20.14
C THR B 338 44.54 -38.62 -20.48
N PRO B 339 44.29 -37.63 -19.60
CA PRO B 339 44.56 -36.24 -20.01
C PRO B 339 46.04 -35.95 -20.23
N VAL B 340 46.94 -36.71 -19.59
CA VAL B 340 48.36 -36.56 -19.86
C VAL B 340 48.69 -37.06 -21.27
N ALA B 341 48.11 -38.20 -21.66
CA ALA B 341 48.35 -38.73 -23.01
C ALA B 341 47.84 -37.76 -24.07
N ILE B 342 46.66 -37.19 -23.86
CA ILE B 342 46.12 -36.16 -24.76
C ILE B 342 47.07 -34.97 -24.86
N ASN B 343 47.55 -34.48 -23.70
CA ASN B 343 48.44 -33.34 -23.71
C ASN B 343 49.73 -33.65 -24.49
N GLU B 344 50.30 -34.83 -24.25
CA GLU B 344 51.52 -35.24 -24.97
C GLU B 344 51.30 -35.30 -26.48
N GLY B 345 50.17 -35.87 -26.91
CA GLY B 345 49.89 -35.94 -28.34
C GLY B 345 49.77 -34.57 -28.98
N ALA B 346 49.10 -33.64 -28.30
CA ALA B 346 48.95 -32.30 -28.86
C ALA B 346 50.29 -31.57 -28.91
N ALA B 347 51.09 -31.69 -27.84
CA ALA B 347 52.40 -31.05 -27.84
C ALA B 347 53.28 -31.59 -28.97
N LEU B 348 53.22 -32.90 -29.19
CA LEU B 348 54.03 -33.54 -30.23
C LEU B 348 53.73 -32.94 -31.60
N VAL B 349 52.45 -32.84 -31.94
CA VAL B 349 52.06 -32.33 -33.26
C VAL B 349 52.36 -30.84 -33.39
N ASP B 350 52.13 -30.06 -32.33
CA ASP B 350 52.52 -28.64 -32.37
C ASP B 350 54.02 -28.48 -32.63
N THR B 351 54.83 -29.39 -32.10
CA THR B 351 56.27 -29.35 -32.30
C THR B 351 56.66 -29.77 -33.71
N VAL B 352 56.11 -30.90 -34.18
CA VAL B 352 56.56 -31.47 -35.45
C VAL B 352 56.02 -30.67 -36.63
N PHE B 353 54.75 -30.28 -36.58
CA PHE B 353 54.07 -29.69 -37.73
C PHE B 353 53.79 -28.20 -37.58
N GLY B 354 54.06 -27.61 -36.42
CA GLY B 354 53.87 -26.19 -36.21
C GLY B 354 55.20 -25.50 -35.94
N ASN B 355 55.11 -24.19 -35.77
CA ASN B 355 56.30 -23.37 -35.64
C ASN B 355 56.79 -23.23 -34.20
N LYS B 356 56.20 -23.95 -33.26
CA LYS B 356 56.57 -23.75 -31.86
C LYS B 356 56.70 -25.08 -31.12
N PRO B 357 57.91 -25.44 -30.69
CA PRO B 357 58.06 -26.63 -29.85
C PRO B 357 57.30 -26.48 -28.54
N ARG B 358 56.68 -27.57 -28.12
CA ARG B 358 55.93 -27.62 -26.87
C ARG B 358 56.22 -28.95 -26.18
N LYS B 359 56.50 -28.91 -24.88
CA LYS B 359 56.69 -30.13 -24.12
C LYS B 359 55.66 -30.17 -22.98
N THR B 360 55.21 -31.38 -22.69
CA THR B 360 54.23 -31.58 -21.62
C THR B 360 54.88 -31.42 -20.25
N ASP B 361 54.17 -30.75 -19.35
CA ASP B 361 54.58 -30.60 -17.96
C ASP B 361 53.99 -31.75 -17.16
N HIS B 362 54.85 -32.64 -16.66
CA HIS B 362 54.37 -33.79 -15.89
C HIS B 362 54.34 -33.53 -14.38
N THR B 363 54.62 -32.29 -13.94
CA THR B 363 54.46 -31.95 -12.53
C THR B 363 53.08 -31.32 -12.29
N ARG B 364 52.64 -31.38 -11.03
CA ARG B 364 51.42 -30.68 -10.58
C ARG B 364 50.21 -31.08 -11.42
N VAL B 365 50.13 -32.35 -11.79
CA VAL B 365 48.99 -32.88 -12.53
C VAL B 365 47.94 -33.34 -11.52
N ALA B 366 46.75 -32.76 -11.60
CA ALA B 366 45.67 -33.20 -10.73
C ALA B 366 45.13 -34.55 -11.20
N SER B 367 44.74 -35.40 -10.24
CA SER B 367 44.16 -36.69 -10.58
C SER B 367 43.22 -37.11 -9.46
N ALA B 368 42.57 -38.27 -9.66
CA ALA B 368 41.54 -38.69 -8.72
C ALA B 368 41.56 -40.21 -8.58
N VAL B 369 40.95 -40.67 -7.48
CA VAL B 369 40.59 -42.08 -7.31
C VAL B 369 39.11 -42.13 -7.00
N PHE B 370 38.35 -42.90 -7.80
CA PHE B 370 36.92 -42.98 -7.55
C PHE B 370 36.57 -44.15 -6.65
N SER B 371 37.30 -44.17 -5.53
CA SER B 371 36.93 -44.97 -4.39
C SER B 371 35.66 -44.38 -3.77
N ILE B 372 35.06 -45.16 -2.86
CA ILE B 372 33.90 -44.67 -2.12
C ILE B 372 34.31 -44.58 -0.66
N PRO B 373 34.53 -43.38 -0.13
CA PRO B 373 34.46 -42.06 -0.80
C PRO B 373 35.74 -41.79 -1.58
N PRO B 374 35.73 -40.80 -2.49
CA PRO B 374 36.83 -40.62 -3.44
C PRO B 374 37.94 -39.68 -2.99
N ILE B 375 39.03 -39.70 -3.78
CA ILE B 375 40.26 -38.92 -3.55
C ILE B 375 40.44 -37.94 -4.69
N GLY B 376 40.89 -36.73 -4.35
CA GLY B 376 41.39 -35.79 -5.35
C GLY B 376 42.70 -35.22 -4.87
N THR B 377 43.68 -35.16 -5.78
CA THR B 377 45.03 -34.77 -5.37
C THR B 377 45.74 -34.05 -6.51
N CYS B 378 46.63 -33.13 -6.14
CA CYS B 378 47.49 -32.42 -7.09
C CYS B 378 48.80 -32.07 -6.41
N GLY B 379 49.91 -32.47 -7.00
CA GLY B 379 51.21 -32.08 -6.48
C GLY B 379 51.80 -33.08 -5.51
N LEU B 380 52.79 -32.60 -4.73
CA LEU B 380 53.66 -33.47 -3.97
C LEU B 380 53.04 -33.91 -2.64
N ILE B 381 53.23 -35.18 -2.29
CA ILE B 381 52.96 -35.62 -0.93
C ILE B 381 54.10 -35.18 -0.02
N GLU B 382 53.82 -35.11 1.29
CA GLU B 382 54.74 -34.44 2.20
C GLU B 382 56.09 -35.15 2.32
N GLU B 383 56.14 -36.49 2.22
CA GLU B 383 57.45 -37.14 2.36
C GLU B 383 58.32 -36.98 1.12
N VAL B 384 57.73 -36.78 -0.05
CA VAL B 384 58.52 -36.42 -1.22
C VAL B 384 58.98 -34.97 -1.14
N ALA B 385 58.10 -34.08 -0.67
CA ALA B 385 58.50 -32.69 -0.48
C ALA B 385 59.65 -32.57 0.50
N ALA B 386 59.63 -33.38 1.56
CA ALA B 386 60.63 -33.27 2.61
C ALA B 386 62.03 -33.66 2.14
N LYS B 387 62.14 -34.41 1.05
CA LYS B 387 63.45 -34.72 0.47
C LYS B 387 63.95 -33.63 -0.46
N GLU B 388 63.06 -32.75 -0.93
CA GLU B 388 63.42 -31.71 -1.89
C GLU B 388 63.52 -30.32 -1.27
N PHE B 389 63.01 -30.12 -0.06
CA PHE B 389 62.95 -28.81 0.57
C PHE B 389 63.37 -28.92 2.04
N GLU B 390 64.09 -27.90 2.51
CA GLU B 390 64.61 -27.94 3.88
C GLU B 390 63.48 -27.81 4.91
N LYS B 391 62.51 -26.94 4.65
CA LYS B 391 61.40 -26.70 5.59
C LYS B 391 60.07 -26.87 4.86
N VAL B 392 59.28 -27.84 5.30
CA VAL B 392 57.95 -28.16 4.75
C VAL B 392 56.93 -28.03 5.87
N ALA B 393 55.81 -27.37 5.58
CA ALA B 393 54.70 -27.32 6.51
C ALA B 393 53.52 -28.12 5.96
N VAL B 394 52.78 -28.76 6.86
CA VAL B 394 51.57 -29.49 6.52
C VAL B 394 50.41 -28.88 7.29
N TYR B 395 49.39 -28.43 6.56
CA TYR B 395 48.13 -27.93 7.12
C TYR B 395 47.08 -29.01 6.93
N MET B 396 46.34 -29.34 8.00
CA MET B 396 45.47 -30.51 7.97
C MET B 396 44.12 -30.22 8.62
N SER B 397 43.05 -30.68 7.97
CA SER B 397 41.70 -30.60 8.50
C SER B 397 41.02 -31.93 8.24
N SER B 398 40.44 -32.53 9.28
CA SER B 398 39.85 -33.87 9.17
C SER B 398 38.68 -33.97 10.15
N PHE B 399 37.47 -34.13 9.61
CA PHE B 399 36.27 -34.21 10.44
C PHE B 399 35.16 -34.87 9.64
N THR B 400 34.18 -35.41 10.35
CA THR B 400 32.96 -35.88 9.68
C THR B 400 32.04 -34.69 9.41
N PRO B 401 31.65 -34.45 8.16
CA PRO B 401 30.72 -33.35 7.86
C PRO B 401 29.37 -33.53 8.56
N LEU B 402 28.74 -32.40 8.88
CA LEU B 402 27.45 -32.43 9.57
C LEU B 402 26.47 -33.38 8.89
N MET B 403 26.41 -33.36 7.57
CA MET B 403 25.38 -34.18 6.91
C MET B 403 25.62 -35.67 7.13
N HIS B 404 26.85 -36.12 7.35
CA HIS B 404 27.05 -37.54 7.58
C HIS B 404 26.89 -37.93 9.04
N ASN B 405 26.83 -36.96 9.94
CA ASN B 405 26.30 -37.26 11.27
C ASN B 405 24.80 -37.48 11.23
N ILE B 406 24.10 -36.88 10.27
CA ILE B 406 22.66 -37.13 10.13
C ILE B 406 22.40 -38.36 9.27
N SER B 407 23.19 -38.55 8.22
CA SER B 407 22.98 -39.71 7.35
C SER B 407 23.24 -41.03 8.07
N GLY B 408 24.03 -41.01 9.14
CA GLY B 408 24.45 -42.22 9.81
C GLY B 408 25.77 -42.80 9.35
N SER B 409 26.38 -42.25 8.30
CA SER B 409 27.71 -42.69 7.89
C SER B 409 28.78 -41.86 8.61
N LYS B 410 28.82 -41.99 9.94
CA LYS B 410 29.70 -41.15 10.74
C LYS B 410 31.18 -41.45 10.51
N TYR B 411 31.50 -42.59 9.88
CA TYR B 411 32.87 -42.93 9.51
C TYR B 411 33.39 -42.08 8.34
N LYS B 412 32.54 -41.32 7.67
CA LYS B 412 32.96 -40.59 6.47
C LYS B 412 33.58 -39.24 6.84
N LYS B 413 34.80 -39.32 7.40
CA LYS B 413 35.60 -38.13 7.61
C LYS B 413 36.08 -37.54 6.28
N PHE B 414 35.95 -36.23 6.15
CA PHE B 414 36.55 -35.48 5.05
C PHE B 414 37.95 -35.07 5.48
N VAL B 415 38.93 -35.28 4.61
CA VAL B 415 40.31 -34.92 4.88
C VAL B 415 40.76 -33.91 3.85
N ALA B 416 41.37 -32.81 4.31
CA ALA B 416 41.97 -31.82 3.43
C ALA B 416 43.36 -31.50 3.95
N LYS B 417 44.38 -31.68 3.12
CA LYS B 417 45.75 -31.37 3.49
C LYS B 417 46.40 -30.48 2.44
N ILE B 418 47.14 -29.48 2.91
CA ILE B 418 47.95 -28.61 2.06
C ILE B 418 49.40 -28.72 2.51
N VAL B 419 50.30 -28.95 1.56
CA VAL B 419 51.74 -29.11 1.80
C VAL B 419 52.44 -27.90 1.20
N THR B 420 53.27 -27.21 1.99
CA THR B 420 53.92 -26.01 1.48
C THR B 420 55.44 -26.07 1.69
N ASN B 421 56.14 -25.33 0.83
CA ASN B 421 57.51 -24.89 1.15
C ASN B 421 57.40 -23.82 2.22
N HIS B 422 57.76 -24.15 3.46
CA HIS B 422 57.52 -23.18 4.51
C HIS B 422 58.45 -21.97 4.41
N SER B 423 59.52 -22.07 3.64
CA SER B 423 60.44 -20.94 3.50
C SER B 423 59.78 -19.76 2.79
N ASP B 424 58.79 -20.01 1.94
CA ASP B 424 58.13 -18.90 1.25
C ASP B 424 56.63 -19.10 1.08
N GLY B 425 56.02 -20.10 1.71
CA GLY B 425 54.59 -20.31 1.64
C GLY B 425 54.06 -20.98 0.38
N THR B 426 54.92 -21.31 -0.59
CA THR B 426 54.44 -21.84 -1.87
C THR B 426 53.75 -23.19 -1.67
N VAL B 427 52.57 -23.35 -2.27
CA VAL B 427 51.85 -24.62 -2.14
C VAL B 427 52.48 -25.66 -3.06
N LEU B 428 52.89 -26.77 -2.47
CA LEU B 428 53.53 -27.86 -3.20
C LEU B 428 52.57 -29.00 -3.52
N GLY B 429 51.53 -29.18 -2.71
CA GLY B 429 50.58 -30.25 -2.95
C GLY B 429 49.31 -30.00 -2.16
N VAL B 430 48.20 -30.53 -2.68
CA VAL B 430 46.89 -30.49 -2.03
C VAL B 430 46.28 -31.88 -2.20
N HIS B 431 45.75 -32.44 -1.10
CA HIS B 431 45.28 -33.82 -1.06
C HIS B 431 43.95 -33.88 -0.33
N LEU B 432 42.92 -34.44 -0.97
CA LEU B 432 41.54 -34.40 -0.47
C LEU B 432 40.95 -35.80 -0.44
N LEU B 433 40.20 -36.11 0.61
CA LEU B 433 39.38 -37.32 0.65
C LEU B 433 37.97 -36.95 1.10
N GLY B 434 36.96 -37.38 0.32
CA GLY B 434 35.57 -37.11 0.66
C GLY B 434 34.69 -36.82 -0.54
N ASP B 435 33.36 -36.84 -0.35
CA ASP B 435 32.42 -36.52 -1.42
C ASP B 435 32.84 -35.25 -2.14
N GLY B 436 32.94 -35.30 -3.46
CA GLY B 436 33.28 -34.12 -4.24
C GLY B 436 34.75 -33.85 -4.47
N ALA B 437 35.64 -34.61 -3.82
CA ALA B 437 37.07 -34.32 -3.92
C ALA B 437 37.62 -34.26 -5.35
N PRO B 438 37.25 -35.15 -6.28
CA PRO B 438 37.73 -35.00 -7.66
C PRO B 438 37.29 -33.70 -8.34
N GLU B 439 36.10 -33.18 -8.02
CA GLU B 439 35.64 -31.92 -8.61
C GLU B 439 36.32 -30.72 -7.95
N ILE B 440 36.52 -30.77 -6.64
CA ILE B 440 37.17 -29.67 -5.91
C ILE B 440 38.59 -29.45 -6.44
N ILE B 441 39.29 -30.54 -6.78
CA ILE B 441 40.73 -30.44 -7.01
C ILE B 441 41.09 -29.81 -8.36
N GLN B 442 40.16 -29.78 -9.33
CA GLN B 442 40.52 -29.35 -10.67
C GLN B 442 41.10 -27.94 -10.67
N ALA B 443 40.39 -26.99 -10.07
CA ALA B 443 40.88 -25.61 -10.09
C ALA B 443 42.10 -25.42 -9.19
N VAL B 444 42.32 -26.33 -8.24
CA VAL B 444 43.56 -26.31 -7.47
C VAL B 444 44.75 -26.54 -8.40
N GLY B 445 44.58 -27.39 -9.41
CA GLY B 445 45.62 -27.54 -10.43
C GLY B 445 45.94 -26.25 -11.16
N VAL B 446 44.94 -25.38 -11.35
CA VAL B 446 45.22 -24.08 -11.96
C VAL B 446 45.96 -23.18 -10.98
N CYS B 447 45.58 -23.22 -9.69
CA CYS B 447 46.26 -22.44 -8.66
C CYS B 447 47.76 -22.70 -8.63
N LEU B 448 48.15 -23.97 -8.75
CA LEU B 448 49.57 -24.33 -8.67
C LEU B 448 50.37 -23.83 -9.87
N ARG B 449 49.71 -23.45 -10.96
CA ARG B 449 50.35 -22.83 -12.10
C ARG B 449 50.43 -21.30 -11.98
N LEU B 450 49.90 -20.75 -10.89
CA LEU B 450 50.00 -19.32 -10.59
C LEU B 450 50.87 -19.08 -9.36
N ASN B 451 51.68 -20.06 -9.00
CA ASN B 451 52.54 -20.01 -7.81
C ASN B 451 51.78 -19.51 -6.59
N ALA B 452 50.64 -20.16 -6.34
CA ALA B 452 49.80 -19.84 -5.21
C ALA B 452 50.53 -20.16 -3.90
N LYS B 453 50.36 -19.28 -2.91
CA LYS B 453 50.88 -19.49 -1.57
C LYS B 453 49.73 -19.83 -0.64
N ILE B 454 50.07 -20.39 0.53
CA ILE B 454 49.04 -20.71 1.50
C ILE B 454 48.23 -19.46 1.85
N SER B 455 48.87 -18.28 1.88
CA SER B 455 48.11 -17.06 2.17
C SER B 455 47.14 -16.70 1.06
N ASP B 456 47.43 -17.09 -0.19
CA ASP B 456 46.48 -16.86 -1.27
C ASP B 456 45.20 -17.67 -1.07
N PHE B 457 45.33 -18.90 -0.54
CA PHE B 457 44.14 -19.69 -0.21
C PHE B 457 43.39 -19.08 0.97
N TYR B 458 44.10 -18.81 2.07
CA TYR B 458 43.45 -18.33 3.27
C TYR B 458 42.85 -16.93 3.10
N ASN B 459 43.41 -16.10 2.22
CA ASN B 459 42.83 -14.77 2.02
C ASN B 459 41.68 -14.76 1.02
N THR B 460 41.40 -15.88 0.33
CA THR B 460 40.22 -15.99 -0.52
C THR B 460 38.99 -16.23 0.33
N ILE B 461 37.88 -15.58 0.00
CA ILE B 461 36.64 -15.71 0.77
C ILE B 461 35.97 -17.05 0.42
N GLY B 462 35.52 -17.78 1.46
CA GLY B 462 34.96 -19.10 1.23
C GLY B 462 33.57 -19.05 0.62
N VAL B 463 33.19 -20.17 -0.02
CA VAL B 463 31.79 -20.43 -0.40
C VAL B 463 31.22 -21.34 0.67
N HIS B 464 30.09 -20.94 1.26
CA HIS B 464 29.54 -21.57 2.45
C HIS B 464 28.08 -21.91 2.25
N PRO B 465 27.64 -23.12 2.63
CA PRO B 465 28.43 -24.22 3.20
C PRO B 465 28.96 -25.19 2.15
N THR B 466 30.27 -25.48 2.13
CA THR B 466 30.84 -26.50 1.26
C THR B 466 31.96 -27.23 2.00
N SER B 467 32.34 -28.40 1.47
CA SER B 467 33.60 -29.01 1.91
C SER B 467 34.81 -28.22 1.42
N ALA B 468 34.73 -27.64 0.22
CA ALA B 468 35.88 -27.00 -0.40
C ALA B 468 36.37 -25.80 0.40
N GLU B 469 35.47 -25.09 1.11
CA GLU B 469 35.90 -23.91 1.86
C GLU B 469 36.91 -24.23 2.96
N GLU B 470 37.02 -25.50 3.34
CA GLU B 470 38.08 -25.90 4.27
C GLU B 470 39.46 -25.50 3.77
N LEU B 471 39.66 -25.54 2.44
CA LEU B 471 40.94 -25.17 1.85
C LEU B 471 41.31 -23.71 2.06
N CYS B 472 40.31 -22.85 2.31
CA CYS B 472 40.56 -21.43 2.54
C CYS B 472 40.46 -21.04 4.02
N SER B 473 40.47 -22.02 4.92
CA SER B 473 40.33 -21.76 6.35
C SER B 473 41.53 -22.22 7.16
N MET B 474 42.62 -22.62 6.51
CA MET B 474 43.77 -23.16 7.21
C MET B 474 44.89 -22.12 7.25
N ARG B 475 45.23 -21.68 8.46
CA ARG B 475 46.21 -20.64 8.75
C ARG B 475 47.49 -21.15 9.37
N THR B 476 47.38 -22.15 10.25
CA THR B 476 48.48 -22.54 11.10
C THR B 476 48.86 -23.98 10.80
N PRO B 477 50.13 -24.26 10.53
CA PRO B 477 50.53 -25.64 10.26
C PRO B 477 50.19 -26.57 11.42
N SER B 478 49.84 -27.81 11.07
CA SER B 478 49.70 -28.86 12.06
C SER B 478 51.05 -29.45 12.47
N TYR B 479 51.99 -29.56 11.53
CA TYR B 479 53.33 -30.04 11.83
C TYR B 479 54.24 -29.69 10.66
N TYR B 480 55.49 -30.13 10.74
CA TYR B 480 56.54 -29.72 9.82
C TYR B 480 57.45 -30.90 9.50
N TYR B 481 58.24 -30.75 8.44
CA TYR B 481 59.42 -31.55 8.17
C TYR B 481 60.61 -30.62 8.04
N VAL B 482 61.66 -30.85 8.84
CA VAL B 482 62.88 -30.05 8.81
C VAL B 482 64.04 -30.97 8.47
N LYS B 483 64.72 -30.68 7.36
CA LYS B 483 65.80 -31.54 6.85
C LYS B 483 65.35 -32.99 6.76
N GLY B 484 64.07 -33.19 6.44
CA GLY B 484 63.56 -34.52 6.21
C GLY B 484 62.96 -35.21 7.42
N GLU B 485 62.96 -34.60 8.60
CA GLU B 485 62.45 -35.26 9.80
C GLU B 485 61.19 -34.58 10.30
N LYS B 486 60.18 -35.39 10.58
CA LYS B 486 58.85 -34.92 10.99
C LYS B 486 58.86 -34.45 12.44
N MET B 487 58.23 -33.31 12.69
CA MET B 487 58.21 -32.76 14.04
C MET B 487 57.08 -31.76 14.17
N GLU B 488 56.54 -31.65 15.37
CA GLU B 488 55.34 -30.86 15.60
C GLU B 488 55.64 -29.36 15.65
N LYS B 489 56.85 -28.97 16.03
CA LYS B 489 57.22 -27.57 16.17
C LYS B 489 58.55 -27.31 15.49
N LEU B 490 58.76 -26.07 15.10
CA LEU B 490 60.00 -25.71 14.44
C LEU B 490 61.14 -25.57 15.45
N PRO B 491 62.38 -25.91 15.05
CA PRO B 491 63.59 -25.66 15.83
C PRO B 491 64.46 -24.54 15.25
N LYS C 6 -11.10 17.37 -34.91
CA LYS C 6 -10.53 18.66 -35.28
C LYS C 6 -9.62 19.17 -34.17
N ALA C 7 -9.31 20.46 -34.23
CA ALA C 7 -8.51 21.17 -33.24
C ALA C 7 -9.38 22.15 -32.49
N PHE C 8 -8.93 22.49 -31.28
CA PHE C 8 -9.70 23.31 -30.36
C PHE C 8 -8.76 24.19 -29.55
N ASP C 9 -9.28 25.33 -29.10
CA ASP C 9 -8.56 26.14 -28.13
C ASP C 9 -8.46 25.43 -26.79
N LEU C 10 -9.52 24.74 -26.39
CA LEU C 10 -9.61 24.16 -25.06
C LEU C 10 -10.29 22.80 -25.16
N VAL C 11 -9.69 21.79 -24.52
CA VAL C 11 -10.33 20.49 -24.37
C VAL C 11 -10.46 20.20 -22.88
N VAL C 12 -11.69 19.98 -22.43
CA VAL C 12 -12.00 19.71 -21.04
C VAL C 12 -12.37 18.24 -20.92
N ILE C 13 -11.66 17.52 -20.06
CA ILE C 13 -12.01 16.13 -19.75
C ILE C 13 -12.83 16.16 -18.47
N GLY C 14 -14.12 15.88 -18.59
CA GLY C 14 -15.03 15.91 -17.48
C GLY C 14 -16.05 17.02 -17.62
N ALA C 15 -17.30 16.66 -17.97
CA ALA C 15 -18.37 17.64 -18.16
C ALA C 15 -19.16 17.83 -16.85
N GLY C 16 -18.44 18.22 -15.81
CA GLY C 16 -19.00 18.34 -14.48
C GLY C 16 -19.17 19.78 -14.02
N SER C 17 -19.22 19.95 -12.70
CA SER C 17 -19.44 21.28 -12.12
C SER C 17 -18.37 22.26 -12.59
N GLY C 18 -17.10 21.92 -12.41
CA GLY C 18 -16.03 22.81 -12.81
C GLY C 18 -15.75 22.80 -14.30
N GLY C 19 -15.80 21.61 -14.90
CA GLY C 19 -15.54 21.50 -16.33
C GLY C 19 -16.53 22.29 -17.17
N LEU C 20 -17.83 22.14 -16.88
CA LEU C 20 -18.83 22.85 -17.67
C LEU C 20 -18.76 24.36 -17.45
N GLU C 21 -18.37 24.81 -16.26
CA GLU C 21 -18.23 26.25 -16.05
C GLU C 21 -17.09 26.80 -16.90
N ALA C 22 -15.98 26.07 -16.98
CA ALA C 22 -14.86 26.50 -17.79
C ALA C 22 -15.19 26.48 -19.27
N GLY C 23 -15.87 25.42 -19.73
CA GLY C 23 -16.16 25.29 -21.16
C GLY C 23 -17.19 26.29 -21.66
N TRP C 24 -18.23 26.54 -20.87
CA TRP C 24 -19.20 27.56 -21.24
C TRP C 24 -18.58 28.95 -21.22
N ASN C 25 -17.75 29.24 -20.22
CA ASN C 25 -17.15 30.58 -20.11
C ASN C 25 -16.17 30.85 -21.24
N ALA C 26 -15.35 29.86 -21.58
CA ALA C 26 -14.42 30.03 -22.70
C ALA C 26 -15.16 30.25 -24.02
N ALA C 27 -16.23 29.48 -24.27
CA ALA C 27 -16.92 29.58 -25.54
C ALA C 27 -17.73 30.87 -25.65
N THR C 28 -18.45 31.25 -24.59
CA THR C 28 -19.38 32.37 -24.72
C THR C 28 -18.83 33.69 -24.25
N LEU C 29 -17.80 33.70 -23.40
CA LEU C 29 -17.23 34.97 -22.96
C LEU C 29 -15.96 35.34 -23.71
N TYR C 30 -15.34 34.39 -24.42
CA TYR C 30 -14.11 34.65 -25.15
C TYR C 30 -14.13 34.09 -26.56
N GLY C 31 -15.26 33.55 -27.02
CA GLY C 31 -15.39 33.11 -28.40
C GLY C 31 -14.45 32.00 -28.82
N LYS C 32 -13.97 31.19 -27.88
CA LYS C 32 -13.03 30.12 -28.22
C LYS C 32 -13.76 28.86 -28.65
N ARG C 33 -13.02 27.99 -29.34
CA ARG C 33 -13.52 26.69 -29.79
C ARG C 33 -13.20 25.66 -28.71
N VAL C 34 -14.24 25.02 -28.17
CA VAL C 34 -14.11 24.25 -26.93
C VAL C 34 -14.68 22.85 -27.14
N ALA C 35 -13.94 21.84 -26.69
CA ALA C 35 -14.43 20.47 -26.62
C ALA C 35 -14.55 20.04 -25.16
N VAL C 36 -15.60 19.27 -24.86
CA VAL C 36 -15.84 18.74 -23.52
C VAL C 36 -16.19 17.27 -23.66
N VAL C 37 -15.57 16.43 -22.84
CA VAL C 37 -15.69 14.98 -22.94
C VAL C 37 -16.30 14.42 -21.65
N ASP C 38 -17.26 13.51 -21.79
CA ASP C 38 -17.79 12.77 -20.65
C ASP C 38 -18.24 11.39 -21.13
N VAL C 39 -18.37 10.48 -20.16
CA VAL C 39 -18.56 9.06 -20.47
C VAL C 39 -20.02 8.67 -20.66
N GLN C 40 -20.97 9.54 -20.32
CA GLN C 40 -22.38 9.21 -20.37
C GLN C 40 -23.16 10.49 -20.59
N THR C 41 -24.31 10.38 -21.26
CA THR C 41 -25.11 11.56 -21.53
C THR C 41 -26.20 11.80 -20.49
N SER C 42 -26.53 10.81 -19.67
CA SER C 42 -27.51 11.00 -18.60
C SER C 42 -27.18 10.07 -17.44
N HIS C 43 -27.87 10.29 -16.32
CA HIS C 43 -27.51 9.75 -15.02
C HIS C 43 -27.64 8.23 -14.98
N GLY C 44 -26.90 7.61 -14.07
CA GLY C 44 -27.20 6.26 -13.64
C GLY C 44 -26.20 5.21 -14.09
N PRO C 45 -26.46 3.96 -13.73
CA PRO C 45 -25.58 2.87 -14.16
C PRO C 45 -25.49 2.83 -15.67
N PRO C 46 -24.34 2.41 -16.21
CA PRO C 46 -23.15 1.88 -15.52
C PRO C 46 -22.18 2.88 -14.90
N PHE C 47 -22.06 4.11 -15.39
CA PHE C 47 -20.99 4.97 -14.92
C PHE C 47 -21.44 6.00 -13.89
N TYR C 48 -22.75 6.11 -13.63
CA TYR C 48 -23.37 6.90 -12.56
C TYR C 48 -23.26 8.40 -12.77
N ALA C 49 -22.07 8.99 -12.62
CA ALA C 49 -21.87 10.35 -13.09
C ALA C 49 -21.95 10.40 -14.61
N ALA C 50 -22.20 11.60 -15.13
CA ALA C 50 -22.51 11.77 -16.55
C ALA C 50 -22.46 13.26 -16.85
N LEU C 51 -22.83 13.64 -18.07
CA LEU C 51 -23.07 15.03 -18.43
C LEU C 51 -23.78 15.78 -17.31
N GLY C 52 -23.13 16.81 -16.79
CA GLY C 52 -23.60 17.54 -15.62
C GLY C 52 -22.72 17.38 -14.40
N GLY C 53 -22.04 16.24 -14.26
CA GLY C 53 -21.10 16.01 -13.19
C GLY C 53 -21.70 15.18 -12.07
N THR C 54 -20.89 15.00 -11.03
CA THR C 54 -21.32 14.18 -9.90
C THR C 54 -22.45 14.84 -9.11
N CYS C 55 -22.37 16.15 -8.89
CA CYS C 55 -23.38 16.85 -8.10
C CYS C 55 -24.76 16.71 -8.73
N VAL C 56 -24.84 16.90 -10.05
CA VAL C 56 -26.12 16.86 -10.75
C VAL C 56 -26.68 15.44 -10.75
N ASN C 57 -25.83 14.44 -10.97
CA ASN C 57 -26.31 13.10 -11.27
C ASN C 57 -26.43 12.20 -10.05
N VAL C 58 -25.44 12.23 -9.16
CA VAL C 58 -25.39 11.33 -8.01
C VAL C 58 -24.73 12.06 -6.83
N GLY C 59 -25.19 13.28 -6.58
CA GLY C 59 -24.59 14.09 -5.54
C GLY C 59 -25.57 15.11 -4.98
N CYS C 60 -25.14 16.38 -4.87
CA CYS C 60 -25.92 17.40 -4.16
C CYS C 60 -27.37 17.48 -4.62
N VAL C 61 -27.60 17.49 -5.94
CA VAL C 61 -28.96 17.75 -6.43
C VAL C 61 -29.90 16.61 -6.05
N PRO C 62 -29.63 15.34 -6.41
CA PRO C 62 -30.56 14.29 -6.00
C PRO C 62 -30.60 14.05 -4.51
N LYS C 63 -29.48 14.18 -3.79
CA LYS C 63 -29.56 13.91 -2.36
C LYS C 63 -30.40 14.95 -1.64
N LYS C 64 -30.37 16.21 -2.09
CA LYS C 64 -31.16 17.23 -1.40
C LYS C 64 -32.65 16.95 -1.57
N LEU C 65 -33.04 16.50 -2.76
CA LEU C 65 -34.43 16.11 -2.99
C LEU C 65 -34.83 14.96 -2.08
N MET C 66 -33.93 14.00 -1.91
CA MET C 66 -34.22 12.84 -1.07
C MET C 66 -34.25 13.21 0.41
N VAL C 67 -33.37 14.11 0.86
CA VAL C 67 -33.50 14.60 2.24
C VAL C 67 -34.83 15.34 2.42
N THR C 68 -35.22 16.14 1.43
CA THR C 68 -36.49 16.84 1.51
C THR C 68 -37.64 15.85 1.69
N GLY C 69 -37.61 14.75 0.93
CA GLY C 69 -38.60 13.70 1.11
C GLY C 69 -38.57 13.10 2.51
N ALA C 70 -37.36 12.86 3.03
CA ALA C 70 -37.22 12.28 4.37
C ALA C 70 -37.77 13.21 5.44
N GLN C 71 -37.68 14.53 5.23
CA GLN C 71 -38.16 15.49 6.23
C GLN C 71 -39.66 15.35 6.49
N TYR C 72 -40.43 14.79 5.55
CA TYR C 72 -41.86 14.69 5.80
C TYR C 72 -42.20 13.69 6.89
N MET C 73 -41.28 12.75 7.21
CA MET C 73 -41.55 11.91 8.38
C MET C 73 -41.74 12.77 9.60
N ASP C 74 -40.86 13.77 9.77
CA ASP C 74 -40.95 14.70 10.88
C ASP C 74 -42.19 15.60 10.76
N HIS C 75 -42.41 16.19 9.57
CA HIS C 75 -43.54 17.11 9.40
C HIS C 75 -44.88 16.45 9.73
N LEU C 76 -45.09 15.22 9.26
CA LEU C 76 -46.38 14.56 9.51
C LEU C 76 -46.60 14.34 10.99
N ARG C 77 -45.56 13.92 11.72
CA ARG C 77 -45.71 13.73 13.15
C ARG C 77 -45.92 15.06 13.88
N GLU C 78 -45.14 16.07 13.51
CA GLU C 78 -45.15 17.36 14.20
C GLU C 78 -46.41 18.16 13.94
N SER C 79 -47.14 17.85 12.87
CA SER C 79 -48.36 18.60 12.57
C SER C 79 -49.42 18.44 13.64
N ALA C 80 -49.41 17.32 14.37
CA ALA C 80 -50.44 17.02 15.35
C ALA C 80 -50.47 18.07 16.48
N GLY C 81 -49.30 18.52 16.93
CA GLY C 81 -49.22 19.52 17.98
C GLY C 81 -49.84 20.85 17.60
N PHE C 82 -50.02 21.11 16.31
CA PHE C 82 -50.64 22.31 15.81
C PHE C 82 -52.08 22.08 15.37
N GLY C 83 -52.66 20.94 15.75
CA GLY C 83 -54.06 20.73 15.52
C GLY C 83 -54.42 19.88 14.33
N TRP C 84 -53.45 19.36 13.58
CA TRP C 84 -53.80 18.55 12.41
C TRP C 84 -54.12 17.12 12.81
N GLU C 85 -55.22 16.59 12.28
CA GLU C 85 -55.70 15.26 12.58
C GLU C 85 -55.83 14.48 11.28
N PHE C 86 -55.39 13.23 11.28
CA PHE C 86 -55.57 12.31 10.15
C PHE C 86 -55.24 10.90 10.64
N ASP C 87 -55.56 9.91 9.81
CA ASP C 87 -55.37 8.51 10.18
C ASP C 87 -53.89 8.16 10.12
N GLY C 88 -53.22 8.16 11.27
CA GLY C 88 -51.80 7.87 11.28
C GLY C 88 -51.47 6.44 10.87
N SER C 89 -52.41 5.52 11.08
CA SER C 89 -52.15 4.13 10.68
C SER C 89 -52.10 3.96 9.18
N SER C 90 -52.55 4.94 8.39
CA SER C 90 -52.52 4.88 6.94
C SER C 90 -51.26 5.47 6.31
N VAL C 91 -50.33 5.99 7.11
CA VAL C 91 -49.14 6.65 6.54
C VAL C 91 -48.15 5.59 6.05
N LYS C 92 -47.65 5.78 4.82
CA LYS C 92 -46.63 4.92 4.23
C LYS C 92 -45.70 5.79 3.38
N ALA C 93 -44.41 5.48 3.39
CA ALA C 93 -43.41 6.20 2.59
C ALA C 93 -43.04 5.34 1.39
N ASN C 94 -43.34 5.81 0.18
CA ASN C 94 -43.16 5.03 -1.03
C ASN C 94 -41.83 5.42 -1.67
N TRP C 95 -40.81 4.60 -1.41
CA TRP C 95 -39.46 4.85 -1.92
C TRP C 95 -39.42 4.84 -3.45
N LYS C 96 -40.17 3.93 -4.08
CA LYS C 96 -40.11 3.86 -5.54
C LYS C 96 -40.62 5.15 -6.18
N LYS C 97 -41.65 5.78 -5.58
CA LYS C 97 -42.11 7.06 -6.11
C LYS C 97 -41.05 8.14 -5.95
N LEU C 98 -40.35 8.16 -4.81
CA LEU C 98 -39.31 9.16 -4.60
C LEU C 98 -38.20 9.02 -5.64
N ILE C 99 -37.72 7.79 -5.83
CA ILE C 99 -36.64 7.55 -6.78
C ILE C 99 -37.08 7.91 -8.20
N ALA C 100 -38.32 7.58 -8.54
CA ALA C 100 -38.81 7.91 -9.89
C ALA C 100 -38.90 9.42 -10.09
N ALA C 101 -39.37 10.15 -9.08
CA ALA C 101 -39.41 11.62 -9.17
C ALA C 101 -38.01 12.21 -9.26
N LYS C 102 -37.09 11.72 -8.44
CA LYS C 102 -35.69 12.16 -8.54
C LYS C 102 -35.13 11.88 -9.93
N ASN C 103 -35.34 10.68 -10.46
CA ASN C 103 -34.80 10.30 -11.78
C ASN C 103 -35.27 11.27 -12.86
N GLU C 104 -36.56 11.62 -12.85
CA GLU C 104 -37.08 12.52 -13.87
C GLU C 104 -36.50 13.91 -13.74
N ALA C 105 -36.31 14.39 -12.50
CA ALA C 105 -35.72 15.71 -12.30
C ALA C 105 -34.29 15.76 -12.81
N VAL C 106 -33.50 14.74 -12.51
CA VAL C 106 -32.10 14.70 -12.98
C VAL C 106 -32.04 14.54 -14.49
N LEU C 107 -32.88 13.67 -15.06
CA LEU C 107 -32.90 13.51 -16.51
C LEU C 107 -33.24 14.82 -17.22
N ASP C 108 -34.14 15.62 -16.64
CA ASP C 108 -34.44 16.92 -17.23
C ASP C 108 -33.22 17.82 -17.23
N ILE C 109 -32.38 17.72 -16.20
CA ILE C 109 -31.16 18.53 -16.18
C ILE C 109 -30.15 18.00 -17.20
N ASN C 110 -30.03 16.67 -17.34
CA ASN C 110 -29.16 16.12 -18.39
C ASN C 110 -29.58 16.65 -19.77
N LYS C 111 -30.87 16.54 -20.10
CA LYS C 111 -31.35 16.98 -21.40
C LYS C 111 -31.14 18.48 -21.58
N SER C 112 -31.27 19.25 -20.50
CA SER C 112 -31.01 20.68 -20.59
C SER C 112 -29.56 20.96 -20.97
N TYR C 113 -28.60 20.19 -20.42
CA TYR C 113 -27.20 20.38 -20.81
C TYR C 113 -26.95 19.92 -22.24
N GLU C 114 -27.66 18.88 -22.71
CA GLU C 114 -27.56 18.48 -24.10
C GLU C 114 -28.02 19.59 -25.04
N GLY C 115 -29.12 20.27 -24.69
CA GLY C 115 -29.54 21.41 -25.48
C GLY C 115 -28.56 22.57 -25.45
N MET C 116 -27.89 22.76 -24.32
CA MET C 116 -26.87 23.80 -24.22
C MET C 116 -25.77 23.60 -25.26
N PHE C 117 -25.30 22.37 -25.42
CA PHE C 117 -24.27 22.10 -26.44
C PHE C 117 -24.83 22.29 -27.85
N ASN C 118 -25.99 21.72 -28.13
CA ASN C 118 -26.55 21.81 -29.49
C ASN C 118 -26.87 23.24 -29.88
N ASP C 119 -27.11 24.13 -28.92
CA ASP C 119 -27.52 25.50 -29.20
C ASP C 119 -26.37 26.50 -29.13
N THR C 120 -25.16 26.06 -28.85
CA THR C 120 -24.03 26.97 -28.66
C THR C 120 -22.95 26.68 -29.69
N GLU C 121 -22.69 27.66 -30.56
CA GLU C 121 -21.57 27.60 -31.48
C GLU C 121 -20.25 27.67 -30.72
N GLY C 122 -19.29 26.85 -31.14
CA GLY C 122 -17.99 26.85 -30.48
C GLY C 122 -17.91 26.02 -29.22
N LEU C 123 -18.95 25.22 -28.92
CA LEU C 123 -18.95 24.37 -27.73
C LEU C 123 -19.49 23.02 -28.16
N ASP C 124 -18.62 22.01 -28.16
CA ASP C 124 -18.95 20.68 -28.67
C ASP C 124 -18.78 19.64 -27.58
N PHE C 125 -19.65 18.64 -27.58
CA PHE C 125 -19.59 17.55 -26.61
C PHE C 125 -19.18 16.26 -27.31
N PHE C 126 -18.30 15.49 -26.67
CA PHE C 126 -17.84 14.21 -27.20
C PHE C 126 -18.06 13.13 -26.15
N LEU C 127 -18.76 12.06 -26.55
CA LEU C 127 -19.06 10.93 -25.69
C LEU C 127 -17.92 9.92 -25.74
N GLY C 128 -17.36 9.59 -24.59
CA GLY C 128 -16.34 8.58 -24.49
C GLY C 128 -15.41 8.86 -23.32
N TRP C 129 -14.34 8.10 -23.26
CA TRP C 129 -13.35 8.21 -22.20
C TRP C 129 -12.13 9.00 -22.68
N GLY C 130 -11.86 10.11 -22.01
CA GLY C 130 -10.74 10.97 -22.39
C GLY C 130 -9.47 10.63 -21.65
N SER C 131 -8.35 10.69 -22.37
CA SER C 131 -7.03 10.47 -21.77
C SER C 131 -5.99 11.24 -22.58
N LEU C 132 -4.83 11.43 -21.96
CA LEU C 132 -3.74 12.22 -22.54
C LEU C 132 -2.87 11.33 -23.41
N GLU C 133 -2.91 11.57 -24.73
CA GLU C 133 -1.96 10.93 -25.64
C GLU C 133 -0.60 11.62 -25.58
N SER C 134 -0.60 12.93 -25.74
CA SER C 134 0.60 13.74 -25.64
C SER C 134 0.20 15.17 -25.27
N LYS C 135 1.18 16.06 -25.23
CA LYS C 135 1.03 17.38 -24.64
C LYS C 135 -0.15 18.17 -25.20
N ASN C 136 -0.48 17.99 -26.48
CA ASN C 136 -1.55 18.77 -27.09
C ASN C 136 -2.54 17.87 -27.84
N VAL C 137 -2.66 16.62 -27.42
CA VAL C 137 -3.55 15.65 -28.05
C VAL C 137 -4.31 14.92 -26.95
N VAL C 138 -5.64 14.87 -27.09
CA VAL C 138 -6.52 14.15 -26.18
C VAL C 138 -7.22 13.04 -26.97
N VAL C 139 -7.06 11.79 -26.52
CA VAL C 139 -7.75 10.65 -27.12
C VAL C 139 -9.08 10.44 -26.43
N VAL C 140 -10.12 10.18 -27.22
CA VAL C 140 -11.41 9.74 -26.71
C VAL C 140 -11.62 8.30 -27.18
N ARG C 141 -11.73 7.37 -26.24
CA ARG C 141 -11.84 5.96 -26.54
C ARG C 141 -13.21 5.42 -26.12
N GLU C 142 -13.45 4.17 -26.54
CA GLU C 142 -14.76 3.55 -26.32
C GLU C 142 -15.00 3.22 -24.86
N THR C 143 -13.97 2.75 -24.14
CA THR C 143 -14.08 2.41 -22.73
C THR C 143 -12.90 2.99 -21.96
N ALA C 144 -12.91 2.78 -20.64
CA ALA C 144 -11.77 3.18 -19.82
C ALA C 144 -10.52 2.36 -20.13
N ASP C 145 -10.67 1.20 -20.77
CA ASP C 145 -9.54 0.39 -21.19
C ASP C 145 -8.73 1.15 -22.23
N PRO C 146 -7.46 1.48 -21.95
CA PRO C 146 -6.67 2.24 -22.93
C PRO C 146 -6.45 1.51 -24.24
N LYS C 147 -6.71 0.20 -24.29
CA LYS C 147 -6.59 -0.56 -25.51
C LYS C 147 -7.89 -0.56 -26.31
N SER C 148 -8.88 0.21 -25.89
CA SER C 148 -10.16 0.22 -26.58
C SER C 148 -10.09 1.13 -27.81
N ALA C 149 -11.08 0.98 -28.68
CA ALA C 149 -11.06 1.65 -29.97
C ALA C 149 -11.11 3.16 -29.81
N VAL C 150 -10.27 3.85 -30.57
CA VAL C 150 -10.29 5.30 -30.58
C VAL C 150 -11.55 5.78 -31.29
N LYS C 151 -12.18 6.81 -30.72
CA LYS C 151 -13.33 7.47 -31.33
C LYS C 151 -12.99 8.83 -31.90
N GLU C 152 -12.12 9.59 -31.22
CA GLU C 152 -11.67 10.89 -31.69
C GLU C 152 -10.25 11.12 -31.18
N ARG C 153 -9.51 11.96 -31.89
CA ARG C 153 -8.31 12.60 -31.37
C ARG C 153 -8.52 14.10 -31.51
N LEU C 154 -8.47 14.81 -30.38
CA LEU C 154 -8.70 16.24 -30.36
C LEU C 154 -7.37 16.94 -30.12
N GLN C 155 -7.04 17.88 -30.99
CA GLN C 155 -5.86 18.72 -30.79
C GLN C 155 -6.25 19.91 -29.92
N ALA C 156 -5.38 20.27 -28.99
CA ALA C 156 -5.75 21.23 -27.97
C ALA C 156 -4.58 22.16 -27.68
N ASP C 157 -4.81 23.47 -27.83
CA ASP C 157 -3.88 24.44 -27.24
C ASP C 157 -3.77 24.23 -25.74
N HIS C 158 -4.91 24.07 -25.07
CA HIS C 158 -4.99 23.97 -23.62
C HIS C 158 -5.88 22.79 -23.24
N ILE C 159 -5.49 22.10 -22.16
CA ILE C 159 -6.19 20.90 -21.72
C ILE C 159 -6.52 21.04 -20.24
N LEU C 160 -7.78 20.82 -19.89
CA LEU C 160 -8.25 20.93 -18.51
C LEU C 160 -8.70 19.57 -18.01
N LEU C 161 -8.09 19.12 -16.92
CA LEU C 161 -8.49 17.88 -16.26
C LEU C 161 -9.54 18.23 -15.19
N ALA C 162 -10.73 17.65 -15.33
CA ALA C 162 -11.83 17.97 -14.41
C ALA C 162 -12.71 16.74 -14.21
N THR C 163 -12.08 15.60 -13.90
CA THR C 163 -12.75 14.31 -13.83
C THR C 163 -13.28 13.96 -12.44
N GLY C 164 -13.12 14.85 -11.45
CA GLY C 164 -13.76 14.66 -10.15
C GLY C 164 -13.12 13.58 -9.30
N SER C 165 -13.96 12.96 -8.44
CA SER C 165 -13.51 11.95 -7.50
C SER C 165 -14.39 10.71 -7.56
N TRP C 166 -14.18 9.76 -6.66
CA TRP C 166 -14.83 8.46 -6.73
C TRP C 166 -14.84 7.85 -5.34
N PRO C 167 -15.82 7.01 -5.01
CA PRO C 167 -15.88 6.48 -3.64
C PRO C 167 -14.68 5.62 -3.30
N GLN C 168 -14.17 5.81 -2.08
CA GLN C 168 -13.07 5.00 -1.58
C GLN C 168 -13.64 3.74 -0.93
N MET C 169 -13.14 2.57 -1.32
CA MET C 169 -13.63 1.32 -0.77
C MET C 169 -12.48 0.62 -0.05
N PRO C 170 -12.61 0.32 1.24
CA PRO C 170 -11.51 -0.34 1.96
C PRO C 170 -11.26 -1.75 1.47
N ALA C 171 -9.99 -2.15 1.52
CA ALA C 171 -9.60 -3.49 1.04
C ALA C 171 -9.78 -4.52 2.15
N ILE C 172 -11.03 -4.82 2.44
CA ILE C 172 -11.35 -5.85 3.42
C ILE C 172 -12.00 -7.01 2.68
N PRO C 173 -11.93 -8.24 3.20
CA PRO C 173 -12.63 -9.35 2.54
C PRO C 173 -14.13 -9.12 2.52
N GLY C 174 -14.74 -9.36 1.36
CA GLY C 174 -16.16 -9.11 1.18
C GLY C 174 -16.54 -7.70 0.78
N ILE C 175 -15.57 -6.85 0.43
CA ILE C 175 -15.91 -5.49 0.01
C ILE C 175 -16.81 -5.50 -1.21
N GLU C 176 -16.72 -6.54 -2.05
CA GLU C 176 -17.57 -6.63 -3.23
C GLU C 176 -19.04 -6.81 -2.90
N HIS C 177 -19.38 -7.14 -1.65
CA HIS C 177 -20.78 -7.22 -1.23
C HIS C 177 -21.34 -5.89 -0.76
N CYS C 178 -20.53 -4.85 -0.73
CA CYS C 178 -20.94 -3.54 -0.24
C CYS C 178 -21.26 -2.63 -1.42
N ILE C 179 -21.94 -1.53 -1.14
CA ILE C 179 -22.21 -0.53 -2.16
C ILE C 179 -21.62 0.80 -1.71
N SER C 180 -21.74 1.81 -2.56
CA SER C 180 -21.38 3.21 -2.26
C SER C 180 -22.61 4.07 -2.47
N SER C 181 -22.46 5.40 -2.29
CA SER C 181 -23.58 6.30 -2.56
C SER C 181 -24.07 6.20 -4.00
N ASN C 182 -23.19 5.88 -4.96
CA ASN C 182 -23.63 5.71 -6.34
C ASN C 182 -24.82 4.77 -6.45
N GLU C 183 -24.68 3.56 -5.89
CA GLU C 183 -25.73 2.55 -5.99
C GLU C 183 -26.91 2.86 -5.07
N ALA C 184 -26.66 3.56 -3.96
CA ALA C 184 -27.75 3.95 -3.06
C ALA C 184 -28.84 4.74 -3.78
N PHE C 185 -28.46 5.55 -4.77
CA PHE C 185 -29.42 6.36 -5.51
C PHE C 185 -30.36 5.54 -6.39
N TYR C 186 -30.09 4.24 -6.58
CA TYR C 186 -30.88 3.43 -7.49
C TYR C 186 -31.41 2.16 -6.85
N LEU C 187 -31.34 2.03 -5.53
CA LEU C 187 -31.82 0.80 -4.90
C LEU C 187 -33.29 0.58 -5.26
N PRO C 188 -33.68 -0.62 -5.67
CA PRO C 188 -35.08 -0.83 -6.09
C PRO C 188 -36.07 -0.72 -4.94
N GLU C 189 -35.67 -1.13 -3.73
CA GLU C 189 -36.49 -1.11 -2.52
C GLU C 189 -35.68 -0.47 -1.40
N PRO C 190 -36.34 0.21 -0.46
CA PRO C 190 -35.61 0.76 0.67
C PRO C 190 -35.17 -0.36 1.59
N PRO C 191 -33.93 -0.35 2.08
CA PRO C 191 -33.47 -1.46 2.93
C PRO C 191 -34.16 -1.46 4.29
N ARG C 192 -34.49 -2.66 4.76
CA ARG C 192 -35.06 -2.78 6.09
C ARG C 192 -34.01 -2.56 7.16
N ARG C 193 -32.84 -3.16 6.99
CA ARG C 193 -31.70 -2.97 7.87
C ARG C 193 -30.56 -2.46 7.00
N VAL C 194 -29.95 -1.33 7.38
CA VAL C 194 -28.85 -0.78 6.58
C VAL C 194 -27.74 -0.31 7.53
N LEU C 195 -26.49 -0.61 7.15
CA LEU C 195 -25.32 -0.06 7.84
C LEU C 195 -24.67 0.97 6.92
N THR C 196 -24.57 2.23 7.38
CA THR C 196 -23.78 3.24 6.67
C THR C 196 -22.42 3.35 7.38
N VAL C 197 -21.34 3.18 6.63
CA VAL C 197 -20.00 3.11 7.20
C VAL C 197 -19.29 4.44 6.95
N GLY C 198 -18.97 5.16 8.00
CA GLY C 198 -18.32 6.45 7.91
C GLY C 198 -18.97 7.48 8.81
N GLY C 199 -18.16 8.44 9.28
CA GLY C 199 -18.69 9.50 10.11
C GLY C 199 -18.85 10.85 9.43
N GLY C 200 -18.62 10.92 8.12
CA GLY C 200 -18.69 12.17 7.37
C GLY C 200 -20.07 12.48 6.83
N PHE C 201 -20.16 13.54 6.02
CA PHE C 201 -21.48 14.09 5.69
C PHE C 201 -22.31 13.14 4.82
N ILE C 202 -21.69 12.40 3.91
CA ILE C 202 -22.45 11.53 3.03
C ILE C 202 -23.11 10.41 3.82
N SER C 203 -22.37 9.80 4.74
CA SER C 203 -22.92 8.74 5.59
C SER C 203 -24.04 9.26 6.47
N VAL C 204 -23.84 10.42 7.09
CA VAL C 204 -24.86 11.00 7.97
C VAL C 204 -26.12 11.35 7.18
N GLU C 205 -25.96 11.88 5.97
CA GLU C 205 -27.12 12.32 5.21
C GLU C 205 -27.94 11.13 4.75
N PHE C 206 -27.28 10.08 4.27
CA PHE C 206 -28.01 8.90 3.83
C PHE C 206 -28.64 8.16 5.01
N ALA C 207 -27.99 8.19 6.18
CA ALA C 207 -28.62 7.60 7.38
C ALA C 207 -29.99 8.21 7.63
N GLY C 208 -30.12 9.53 7.50
CA GLY C 208 -31.42 10.17 7.66
C GLY C 208 -32.41 9.82 6.56
N ILE C 209 -31.92 9.69 5.32
CA ILE C 209 -32.80 9.31 4.21
C ILE C 209 -33.37 7.90 4.42
N PHE C 210 -32.51 6.91 4.70
CA PHE C 210 -32.98 5.55 4.91
C PHE C 210 -33.88 5.45 6.14
N ASN C 211 -33.61 6.27 7.16
CA ASN C 211 -34.40 6.20 8.39
C ASN C 211 -35.86 6.54 8.13
N ALA C 212 -36.10 7.45 7.19
CA ALA C 212 -37.47 7.88 6.93
C ALA C 212 -38.23 6.93 6.01
N TYR C 213 -37.55 6.27 5.08
CA TYR C 213 -38.22 5.43 4.10
C TYR C 213 -38.13 3.94 4.42
N LYS C 214 -37.57 3.57 5.58
CA LYS C 214 -37.46 2.16 5.94
C LYS C 214 -38.82 1.53 6.19
N PRO C 215 -38.99 0.25 5.86
CA PRO C 215 -40.26 -0.45 6.09
C PRO C 215 -40.49 -0.69 7.57
N PRO C 216 -41.69 -1.12 7.94
CA PRO C 216 -42.00 -1.34 9.37
C PRO C 216 -41.03 -2.29 10.05
N GLY C 217 -40.54 -1.87 11.22
CA GLY C 217 -39.58 -2.66 11.97
C GLY C 217 -38.15 -2.49 11.55
N GLY C 218 -37.89 -1.69 10.53
CA GLY C 218 -36.53 -1.52 10.05
C GLY C 218 -35.65 -0.72 11.02
N LYS C 219 -34.37 -0.65 10.68
CA LYS C 219 -33.39 -0.03 11.57
C LYS C 219 -32.20 0.44 10.76
N VAL C 220 -31.80 1.70 10.97
CA VAL C 220 -30.60 2.28 10.37
C VAL C 220 -29.50 2.31 11.42
N THR C 221 -28.32 1.80 11.07
CA THR C 221 -27.13 1.83 11.92
C THR C 221 -26.01 2.54 11.17
N LEU C 222 -25.35 3.49 11.84
CA LEU C 222 -24.20 4.20 11.29
C LEU C 222 -23.00 3.84 12.15
N CYS C 223 -21.89 3.45 11.54
CA CYS C 223 -20.70 3.14 12.33
C CYS C 223 -19.57 4.06 11.91
N TYR C 224 -18.67 4.32 12.86
CA TYR C 224 -17.53 5.19 12.63
C TYR C 224 -16.39 4.70 13.51
N ARG C 225 -15.18 4.69 12.95
CA ARG C 225 -14.06 4.03 13.61
C ARG C 225 -13.54 4.80 14.83
N ASN C 226 -13.81 6.09 14.94
CA ASN C 226 -13.33 6.87 16.08
C ASN C 226 -14.49 7.24 17.01
N ASN C 227 -14.22 8.14 17.96
CA ASN C 227 -15.14 8.32 19.07
C ASN C 227 -16.35 9.19 18.74
N LEU C 228 -16.26 10.07 17.76
CA LEU C 228 -17.30 11.07 17.55
C LEU C 228 -17.42 11.40 16.07
N ILE C 229 -18.65 11.38 15.53
CA ILE C 229 -18.84 11.56 14.09
C ILE C 229 -18.57 13.00 13.67
N LEU C 230 -18.46 13.19 12.36
CA LEU C 230 -18.37 14.52 11.73
C LEU C 230 -17.11 15.27 12.17
N ARG C 231 -15.99 14.54 12.22
CA ARG C 231 -14.68 15.16 12.43
C ARG C 231 -14.52 16.36 11.49
N GLY C 232 -14.03 17.47 12.03
CA GLY C 232 -13.85 18.69 11.27
C GLY C 232 -14.94 19.72 11.48
N PHE C 233 -16.07 19.32 12.06
CA PHE C 233 -17.14 20.25 12.39
C PHE C 233 -17.05 20.64 13.87
N ASP C 234 -17.81 21.67 14.23
CA ASP C 234 -17.83 22.15 15.61
C ASP C 234 -18.18 21.02 16.57
N GLU C 235 -17.41 20.92 17.68
CA GLU C 235 -17.55 19.78 18.57
C GLU C 235 -18.91 19.75 19.27
N THR C 236 -19.40 20.91 19.75
CA THR C 236 -20.75 20.95 20.33
C THR C 236 -21.77 20.39 19.36
N ILE C 237 -21.65 20.76 18.08
CA ILE C 237 -22.62 20.32 17.08
C ILE C 237 -22.45 18.84 16.76
N ARG C 238 -21.21 18.34 16.73
CA ARG C 238 -21.00 16.90 16.54
C ARG C 238 -21.71 16.10 17.62
N GLU C 239 -21.56 16.52 18.88
CA GLU C 239 -22.24 15.80 19.96
C GLU C 239 -23.75 15.96 19.87
N GLU C 240 -24.22 17.15 19.53
CA GLU C 240 -25.66 17.41 19.55
C GLU C 240 -26.36 16.75 18.36
N VAL C 241 -25.71 16.72 17.19
CA VAL C 241 -26.34 16.01 16.07
C VAL C 241 -26.37 14.50 16.34
N THR C 242 -25.37 13.98 17.06
CA THR C 242 -25.39 12.57 17.48
C THR C 242 -26.60 12.27 18.37
N LYS C 243 -26.90 13.15 19.32
CA LYS C 243 -28.08 12.95 20.16
C LYS C 243 -29.36 13.05 19.34
N GLN C 244 -29.40 13.96 18.37
CA GLN C 244 -30.66 14.18 17.66
C GLN C 244 -30.94 13.10 16.62
N LEU C 245 -29.90 12.53 16.00
CA LEU C 245 -30.10 11.35 15.17
C LEU C 245 -30.53 10.15 16.02
N THR C 246 -29.92 9.98 17.18
CA THR C 246 -30.31 8.89 18.09
C THR C 246 -31.77 9.03 18.52
N ALA C 247 -32.22 10.26 18.77
CA ALA C 247 -33.60 10.48 19.20
C ALA C 247 -34.60 10.16 18.10
N ASN C 248 -34.18 10.21 16.84
CA ASN C 248 -35.07 9.89 15.73
C ASN C 248 -34.90 8.44 15.26
N GLY C 249 -34.24 7.60 16.06
CA GLY C 249 -34.24 6.17 15.85
C GLY C 249 -33.02 5.58 15.16
N ILE C 250 -32.00 6.38 14.85
CA ILE C 250 -30.78 5.88 14.23
C ILE C 250 -29.81 5.43 15.31
N GLU C 251 -29.19 4.27 15.11
CA GLU C 251 -28.21 3.74 16.06
C GLU C 251 -26.82 4.16 15.62
N ILE C 252 -26.08 4.82 16.51
CA ILE C 252 -24.75 5.31 16.16
C ILE C 252 -23.71 4.47 16.90
N MET C 253 -22.97 3.67 16.13
CA MET C 253 -21.93 2.75 16.64
C MET C 253 -20.57 3.41 16.49
N THR C 254 -20.05 4.03 17.55
CA THR C 254 -18.73 4.65 17.43
C THR C 254 -17.65 3.68 17.88
N ASN C 255 -16.40 3.99 17.50
CA ASN C 255 -15.24 3.15 17.82
C ASN C 255 -15.40 1.75 17.24
N GLU C 256 -16.01 1.64 16.06
CA GLU C 256 -16.21 0.35 15.41
C GLU C 256 -15.91 0.48 13.93
N ASN C 257 -15.33 -0.58 13.35
CA ASN C 257 -14.93 -0.54 11.95
C ASN C 257 -15.10 -1.94 11.36
N PRO C 258 -15.71 -2.07 10.18
CA PRO C 258 -15.83 -3.40 9.57
C PRO C 258 -14.48 -4.01 9.23
N ALA C 259 -14.35 -5.30 9.53
CA ALA C 259 -13.18 -6.07 9.16
C ALA C 259 -13.44 -7.07 8.04
N LYS C 260 -14.69 -7.51 7.87
CA LYS C 260 -15.05 -8.50 6.87
C LYS C 260 -16.55 -8.44 6.64
N VAL C 261 -16.97 -8.69 5.39
CA VAL C 261 -18.38 -8.80 5.04
C VAL C 261 -18.58 -10.13 4.33
N SER C 262 -19.56 -10.91 4.76
CA SER C 262 -19.87 -12.14 4.04
C SER C 262 -21.33 -12.14 3.60
N LEU C 263 -21.58 -12.82 2.49
CA LEU C 263 -22.91 -12.87 1.88
C LEU C 263 -23.67 -14.08 2.42
N ASN C 264 -24.85 -13.84 2.99
CA ASN C 264 -25.74 -14.91 3.41
C ASN C 264 -26.51 -15.44 2.20
N THR C 265 -26.95 -16.70 2.26
CA THR C 265 -27.59 -17.17 1.04
C THR C 265 -28.92 -16.48 0.79
N ASP C 266 -29.56 -15.88 1.81
CA ASP C 266 -30.79 -15.13 1.54
C ASP C 266 -30.53 -13.72 1.00
N GLY C 267 -29.28 -13.39 0.72
CA GLY C 267 -28.94 -12.09 0.14
C GLY C 267 -28.52 -11.04 1.14
N SER C 268 -28.79 -11.24 2.43
CA SER C 268 -28.34 -10.25 3.39
C SER C 268 -26.82 -10.38 3.61
N LYS C 269 -26.28 -9.42 4.35
CA LYS C 269 -24.84 -9.34 4.58
C LYS C 269 -24.56 -9.50 6.06
N HIS C 270 -23.53 -10.30 6.38
CA HIS C 270 -23.08 -10.54 7.76
C HIS C 270 -21.77 -9.79 7.94
N VAL C 271 -21.80 -8.74 8.76
CA VAL C 271 -20.64 -7.86 8.96
C VAL C 271 -19.94 -8.24 10.26
N THR C 272 -18.62 -8.45 10.19
CA THR C 272 -17.78 -8.67 11.37
C THR C 272 -16.90 -7.43 11.57
N PHE C 273 -16.93 -6.88 12.78
CA PHE C 273 -16.16 -5.69 13.11
C PHE C 273 -14.79 -6.09 13.67
N GLU C 274 -13.86 -5.13 13.64
CA GLU C 274 -12.54 -5.38 14.20
C GLU C 274 -12.62 -5.81 15.66
N SER C 275 -13.63 -5.32 16.39
CA SER C 275 -13.82 -5.69 17.79
C SER C 275 -14.31 -7.13 17.95
N GLY C 276 -14.83 -7.75 16.91
CA GLY C 276 -15.47 -9.04 17.04
C GLY C 276 -16.98 -9.01 17.08
N LYS C 277 -17.59 -7.83 17.27
CA LYS C 277 -19.03 -7.71 17.13
C LYS C 277 -19.45 -8.07 15.71
N THR C 278 -20.70 -8.53 15.57
CA THR C 278 -21.27 -8.82 14.27
C THR C 278 -22.64 -8.15 14.14
N LEU C 279 -23.04 -7.93 12.89
CA LEU C 279 -24.32 -7.29 12.58
C LEU C 279 -24.80 -7.78 11.23
N ASP C 280 -26.09 -8.15 11.14
CA ASP C 280 -26.70 -8.57 9.87
C ASP C 280 -27.55 -7.44 9.31
N VAL C 281 -27.32 -7.09 8.04
CA VAL C 281 -28.08 -6.02 7.40
C VAL C 281 -28.42 -6.42 5.97
N ASP C 282 -29.38 -5.70 5.39
CA ASP C 282 -29.72 -5.90 3.99
C ASP C 282 -28.75 -5.18 3.04
N VAL C 283 -28.19 -4.05 3.47
CA VAL C 283 -27.30 -3.21 2.65
C VAL C 283 -26.17 -2.68 3.53
N VAL C 284 -24.93 -2.78 3.03
CA VAL C 284 -23.76 -2.08 3.61
C VAL C 284 -23.34 -0.97 2.65
N MET C 285 -23.51 0.29 3.06
CA MET C 285 -23.10 1.42 2.21
C MET C 285 -21.80 2.01 2.74
N MET C 286 -20.73 1.89 1.96
CA MET C 286 -19.42 2.42 2.33
C MET C 286 -19.32 3.90 1.94
N ALA C 287 -19.10 4.76 2.93
CA ALA C 287 -18.97 6.21 2.72
C ALA C 287 -17.83 6.73 3.59
N ILE C 288 -16.64 6.13 3.43
CA ILE C 288 -15.48 6.47 4.27
C ILE C 288 -14.57 7.50 3.62
N GLY C 289 -14.85 7.92 2.40
CA GLY C 289 -14.07 8.96 1.76
C GLY C 289 -14.25 8.94 0.26
N ARG C 290 -13.67 9.95 -0.40
CA ARG C 290 -13.68 10.01 -1.85
C ARG C 290 -12.29 10.38 -2.33
N ILE C 291 -11.85 9.75 -3.42
CA ILE C 291 -10.48 9.90 -3.88
C ILE C 291 -10.42 10.45 -5.30
N PRO C 292 -9.39 11.23 -5.64
CA PRO C 292 -9.31 11.81 -6.99
C PRO C 292 -9.31 10.75 -8.08
N ARG C 293 -9.96 11.08 -9.20
CA ARG C 293 -10.19 10.12 -10.28
C ARG C 293 -9.14 10.33 -11.37
N THR C 294 -7.98 9.74 -11.14
CA THR C 294 -6.82 9.99 -12.00
C THR C 294 -6.40 8.78 -12.84
N ASN C 295 -6.92 7.59 -12.56
CA ASN C 295 -6.34 6.37 -13.12
C ASN C 295 -6.51 6.30 -14.64
N ASP C 296 -7.69 6.64 -15.15
CA ASP C 296 -7.97 6.43 -16.56
C ASP C 296 -7.35 7.49 -17.47
N LEU C 297 -6.75 8.54 -16.90
CA LEU C 297 -6.29 9.68 -17.71
C LEU C 297 -4.96 9.41 -18.43
N GLN C 298 -4.23 8.37 -18.04
CA GLN C 298 -2.94 8.05 -18.67
C GLN C 298 -1.96 9.20 -18.46
N LEU C 299 -1.91 9.69 -17.22
CA LEU C 299 -1.09 10.86 -16.94
C LEU C 299 0.39 10.61 -17.20
N GLY C 300 0.83 9.35 -17.07
CA GLY C 300 2.21 8.99 -17.35
C GLY C 300 2.63 9.25 -18.78
N ASN C 301 1.69 9.27 -19.72
CA ASN C 301 2.04 9.57 -21.11
C ASN C 301 2.63 10.96 -21.29
N VAL C 302 2.39 11.90 -20.36
CA VAL C 302 2.97 13.24 -20.46
C VAL C 302 3.62 13.70 -19.17
N GLY C 303 3.60 12.89 -18.10
CA GLY C 303 4.33 13.22 -16.89
C GLY C 303 3.69 14.22 -15.95
N VAL C 304 2.36 14.31 -15.91
CA VAL C 304 1.69 15.19 -14.95
C VAL C 304 1.85 14.63 -13.54
N LYS C 305 2.34 15.46 -12.62
CA LYS C 305 2.68 15.00 -11.27
C LYS C 305 1.45 14.90 -10.37
N LEU C 306 1.47 13.89 -9.50
CA LEU C 306 0.47 13.69 -8.45
C LEU C 306 1.08 13.91 -7.08
N THR C 307 0.28 14.46 -6.17
CA THR C 307 0.68 14.58 -4.78
C THR C 307 0.77 13.20 -4.15
N PRO C 308 1.44 13.08 -2.99
CA PRO C 308 1.45 11.77 -2.30
C PRO C 308 0.06 11.25 -1.97
N LYS C 309 -0.92 12.14 -1.82
CA LYS C 309 -2.29 11.78 -1.50
C LYS C 309 -3.07 11.28 -2.71
N GLY C 310 -2.60 11.53 -3.93
CA GLY C 310 -3.24 11.03 -5.14
C GLY C 310 -3.85 12.11 -6.02
N GLY C 311 -3.97 13.34 -5.55
CA GLY C 311 -4.51 14.39 -6.41
C GLY C 311 -3.48 14.91 -7.39
N VAL C 312 -3.98 15.51 -8.48
CA VAL C 312 -3.10 16.22 -9.39
C VAL C 312 -2.52 17.43 -8.66
N GLN C 313 -1.20 17.54 -8.64
CA GLN C 313 -0.56 18.67 -7.98
C GLN C 313 -0.74 19.94 -8.81
N VAL C 314 -1.18 21.03 -8.17
CA VAL C 314 -1.38 22.31 -8.84
C VAL C 314 -0.87 23.44 -7.97
N ASP C 315 -0.55 24.56 -8.62
CA ASP C 315 -0.28 25.81 -7.91
C ASP C 315 -1.60 26.53 -7.67
N GLU C 316 -1.54 27.76 -7.15
CA GLU C 316 -2.75 28.50 -6.81
C GLU C 316 -3.60 28.88 -8.02
N PHE C 317 -3.04 28.82 -9.24
CA PHE C 317 -3.78 29.13 -10.44
C PHE C 317 -4.16 27.87 -11.22
N SER C 318 -4.08 26.71 -10.55
CA SER C 318 -4.55 25.43 -11.08
C SER C 318 -3.68 24.91 -12.21
N ARG C 319 -2.40 25.27 -12.22
CA ARG C 319 -1.48 24.83 -13.26
C ARG C 319 -0.73 23.59 -12.79
N THR C 320 -0.65 22.58 -13.65
CA THR C 320 0.18 21.42 -13.38
C THR C 320 1.62 21.74 -13.76
N ASN C 321 2.50 20.75 -13.61
CA ASN C 321 3.89 20.89 -14.02
C ASN C 321 4.07 20.84 -15.54
N VAL C 322 3.06 20.40 -16.28
CA VAL C 322 3.11 20.41 -17.74
C VAL C 322 2.42 21.68 -18.23
N PRO C 323 3.12 22.56 -18.94
CA PRO C 323 2.49 23.78 -19.44
C PRO C 323 1.24 23.47 -20.26
N ASN C 324 0.31 24.42 -20.23
N ASN C 324 0.32 24.43 -20.27
CA ASN C 324 -0.97 24.35 -20.93
CA ASN C 324 -0.98 24.37 -20.94
C ASN C 324 -1.81 23.15 -20.52
C ASN C 324 -1.82 23.15 -20.51
N ILE C 325 -1.51 22.54 -19.37
CA ILE C 325 -2.34 21.49 -18.78
C ILE C 325 -2.70 21.91 -17.35
N TYR C 326 -3.99 21.96 -17.05
CA TYR C 326 -4.49 22.46 -15.77
C TYR C 326 -5.43 21.43 -15.15
N ALA C 327 -5.70 21.62 -13.85
CA ALA C 327 -6.61 20.72 -13.11
C ALA C 327 -7.38 21.54 -12.09
N ILE C 328 -8.70 21.31 -12.03
CA ILE C 328 -9.57 21.96 -11.07
C ILE C 328 -10.54 20.93 -10.53
N GLY C 329 -11.13 21.25 -9.38
CA GLY C 329 -12.19 20.43 -8.83
C GLY C 329 -11.67 19.35 -7.91
N ASP C 330 -12.51 18.32 -7.73
CA ASP C 330 -12.18 17.24 -6.80
C ASP C 330 -10.88 16.53 -7.19
N ILE C 331 -10.54 16.51 -8.48
CA ILE C 331 -9.31 15.83 -8.88
C ILE C 331 -8.08 16.46 -8.22
N THR C 332 -8.18 17.69 -7.71
CA THR C 332 -7.08 18.33 -6.99
C THR C 332 -7.09 18.04 -5.49
N ASP C 333 -8.19 17.51 -4.95
CA ASP C 333 -8.19 17.02 -3.56
C ASP C 333 -7.97 18.16 -2.56
N ARG C 334 -8.56 19.33 -2.83
CA ARG C 334 -8.56 20.44 -1.88
C ARG C 334 -9.89 20.44 -1.11
N LEU C 335 -10.78 21.35 -1.48
CA LEU C 335 -12.13 21.39 -0.95
C LEU C 335 -13.08 20.74 -1.96
N MET C 336 -13.65 19.59 -1.62
CA MET C 336 -14.54 18.88 -2.54
C MET C 336 -15.98 19.40 -2.38
N LEU C 337 -16.21 20.58 -2.95
CA LEU C 337 -17.53 21.20 -3.00
C LEU C 337 -17.80 21.72 -4.40
N THR C 338 -19.05 21.59 -4.85
CA THR C 338 -19.41 22.04 -6.19
C THR C 338 -19.14 23.52 -6.44
N PRO C 339 -19.52 24.46 -5.56
CA PRO C 339 -19.25 25.88 -5.86
C PRO C 339 -17.78 26.25 -5.84
N VAL C 340 -16.93 25.48 -5.13
CA VAL C 340 -15.50 25.69 -5.24
C VAL C 340 -14.98 25.24 -6.60
N ALA C 341 -15.45 24.09 -7.09
CA ALA C 341 -15.04 23.65 -8.43
C ALA C 341 -15.49 24.64 -9.50
N ILE C 342 -16.69 25.21 -9.35
CA ILE C 342 -17.17 26.19 -10.31
C ILE C 342 -16.28 27.43 -10.29
N ASN C 343 -15.95 27.90 -9.09
CA ASN C 343 -15.11 29.08 -8.93
C ASN C 343 -13.73 28.85 -9.55
N GLU C 344 -13.15 27.66 -9.30
CA GLU C 344 -11.83 27.34 -9.84
C GLU C 344 -11.85 27.33 -11.37
N GLY C 345 -12.92 26.80 -11.96
CA GLY C 345 -12.99 26.73 -13.41
C GLY C 345 -13.13 28.09 -14.06
N ALA C 346 -13.95 28.95 -13.47
CA ALA C 346 -14.07 30.30 -14.01
C ALA C 346 -12.78 31.07 -13.83
N ALA C 347 -12.12 30.94 -12.67
CA ALA C 347 -10.87 31.64 -12.43
C ALA C 347 -9.78 31.18 -13.38
N LEU C 348 -9.79 29.90 -13.76
CA LEU C 348 -8.78 29.39 -14.68
C LEU C 348 -8.97 29.98 -16.07
N VAL C 349 -10.20 29.95 -16.59
CA VAL C 349 -10.48 30.52 -17.92
C VAL C 349 -10.13 32.01 -17.94
N ASP C 350 -10.43 32.73 -16.86
CA ASP C 350 -10.06 34.14 -16.79
C ASP C 350 -8.55 34.33 -16.82
N THR C 351 -7.80 33.36 -16.31
CA THR C 351 -6.35 33.48 -16.30
C THR C 351 -5.74 33.13 -17.66
N VAL C 352 -6.22 32.05 -18.28
CA VAL C 352 -5.63 31.60 -19.53
C VAL C 352 -6.06 32.50 -20.68
N PHE C 353 -7.33 32.86 -20.73
CA PHE C 353 -7.89 33.59 -21.86
C PHE C 353 -8.28 35.02 -21.55
N GLY C 354 -7.96 35.52 -20.35
CA GLY C 354 -8.32 36.88 -19.98
C GLY C 354 -7.14 37.77 -19.65
N ASN C 355 -7.42 38.96 -19.14
CA ASN C 355 -6.35 39.91 -18.85
C ASN C 355 -5.70 39.64 -17.50
N LYS C 356 -6.48 39.64 -16.44
CA LYS C 356 -5.86 39.52 -15.13
C LYS C 356 -5.98 38.10 -14.61
N PRO C 357 -4.88 37.47 -14.21
CA PRO C 357 -4.98 36.16 -13.56
C PRO C 357 -5.78 36.26 -12.28
N ARG C 358 -6.49 35.17 -11.95
CA ARG C 358 -7.34 35.10 -10.78
C ARG C 358 -7.18 33.74 -10.10
N LYS C 359 -7.14 33.76 -8.77
CA LYS C 359 -6.99 32.53 -7.98
C LYS C 359 -8.16 32.37 -7.02
N THR C 360 -8.61 31.14 -6.87
CA THR C 360 -9.72 30.84 -5.96
C THR C 360 -9.26 30.92 -4.50
N ASP C 361 -10.07 31.58 -3.66
CA ASP C 361 -9.82 31.67 -2.24
C ASP C 361 -10.49 30.49 -1.55
N HIS C 362 -9.69 29.64 -0.89
CA HIS C 362 -10.20 28.42 -0.27
C HIS C 362 -10.50 28.57 1.22
N THR C 363 -10.32 29.76 1.78
CA THR C 363 -10.63 30.01 3.19
C THR C 363 -12.01 30.63 3.33
N ARG C 364 -12.60 30.44 4.51
CA ARG C 364 -13.87 31.08 4.86
C ARG C 364 -14.97 30.70 3.88
N VAL C 365 -14.92 29.47 3.35
CA VAL C 365 -15.94 28.95 2.44
C VAL C 365 -17.07 28.37 3.27
N ALA C 366 -18.29 28.86 3.05
CA ALA C 366 -19.44 28.37 3.81
C ALA C 366 -19.92 27.05 3.23
N SER C 367 -20.40 26.16 4.08
CA SER C 367 -20.88 24.87 3.60
C SER C 367 -21.95 24.34 4.54
N ALA C 368 -22.54 23.21 4.17
CA ALA C 368 -23.67 22.69 4.92
C ALA C 368 -23.64 21.16 4.94
N VAL C 369 -24.36 20.60 5.92
CA VAL C 369 -24.69 19.18 5.94
C VAL C 369 -26.20 19.08 6.01
N PHE C 370 -26.79 18.34 5.08
CA PHE C 370 -28.24 18.20 5.10
C PHE C 370 -28.68 16.96 5.87
N SER C 371 -28.13 16.89 7.08
CA SER C 371 -28.60 15.99 8.09
C SER C 371 -29.98 16.42 8.57
N ILE C 372 -30.64 15.55 9.31
CA ILE C 372 -31.90 15.91 9.93
C ILE C 372 -31.63 15.87 11.43
N PRO C 373 -31.45 17.03 12.10
CA PRO C 373 -31.51 18.42 11.60
C PRO C 373 -30.22 18.83 10.90
N PRO C 374 -30.21 19.92 10.12
CA PRO C 374 -29.04 20.23 9.29
C PRO C 374 -28.05 21.18 9.96
N ILE C 375 -26.85 21.25 9.36
CA ILE C 375 -25.72 22.06 9.83
C ILE C 375 -25.37 23.13 8.80
N GLY C 376 -25.01 24.32 9.28
CA GLY C 376 -24.47 25.36 8.41
C GLY C 376 -23.22 25.92 9.07
N THR C 377 -22.13 26.09 8.31
CA THR C 377 -20.89 26.50 8.96
C THR C 377 -20.04 27.35 8.02
N CYS C 378 -19.26 28.26 8.60
CA CYS C 378 -18.30 29.04 7.83
C CYS C 378 -17.13 29.44 8.72
N GLY C 379 -15.91 29.17 8.28
CA GLY C 379 -14.72 29.56 9.03
C GLY C 379 -14.24 28.53 10.02
N LEU C 380 -13.39 28.98 10.95
CA LEU C 380 -12.63 28.10 11.84
C LEU C 380 -13.46 27.55 12.99
N ILE C 381 -13.23 26.27 13.31
CA ILE C 381 -13.70 25.75 14.58
C ILE C 381 -12.76 26.20 15.69
N GLU C 382 -13.26 26.15 16.92
CA GLU C 382 -12.54 26.80 18.03
C GLU C 382 -11.20 26.14 18.34
N GLU C 383 -11.07 24.82 18.19
CA GLU C 383 -9.79 24.22 18.57
C GLU C 383 -8.70 24.56 17.56
N VAL C 384 -9.06 24.82 16.30
CA VAL C 384 -8.10 25.29 15.31
C VAL C 384 -7.75 26.75 15.57
N ALA C 385 -8.76 27.58 15.81
CA ALA C 385 -8.51 28.98 16.17
C ALA C 385 -7.60 29.09 17.39
N ALA C 386 -7.79 28.23 18.39
CA ALA C 386 -7.04 28.35 19.63
C ALA C 386 -5.54 28.09 19.47
N LYS C 387 -5.12 27.41 18.39
CA LYS C 387 -3.70 27.22 18.12
C LYS C 387 -3.10 28.37 17.32
N GLU C 388 -3.91 29.15 16.62
CA GLU C 388 -3.42 30.24 15.80
C GLU C 388 -3.55 31.61 16.46
N PHE C 389 -4.31 31.72 17.55
CA PHE C 389 -4.54 32.99 18.22
C PHE C 389 -4.42 32.81 19.73
N GLU C 390 -3.75 33.78 20.38
CA GLU C 390 -3.47 33.66 21.81
C GLU C 390 -4.75 33.75 22.66
N LYS C 391 -5.73 34.55 22.24
CA LYS C 391 -6.97 34.68 23.00
C LYS C 391 -8.16 34.52 22.06
N VAL C 392 -8.98 33.50 22.32
CA VAL C 392 -10.16 33.19 21.51
C VAL C 392 -11.38 33.20 22.41
N ALA C 393 -12.46 33.82 21.94
CA ALA C 393 -13.72 33.83 22.65
C ALA C 393 -14.76 33.02 21.87
N VAL C 394 -15.63 32.33 22.59
CA VAL C 394 -16.70 31.52 22.01
C VAL C 394 -18.02 32.02 22.57
N TYR C 395 -18.93 32.42 21.68
CA TYR C 395 -20.28 32.84 22.04
C TYR C 395 -21.25 31.73 21.64
N MET C 396 -22.10 31.29 22.56
CA MET C 396 -22.91 30.09 22.32
C MET C 396 -24.34 30.30 22.80
N SER C 397 -25.29 29.90 21.97
CA SER C 397 -26.70 29.83 22.33
C SER C 397 -27.20 28.46 21.89
N SER C 398 -27.91 27.76 22.77
CA SER C 398 -28.38 26.41 22.47
C SER C 398 -29.65 26.16 23.30
N PHE C 399 -30.80 26.10 22.63
CA PHE C 399 -32.11 25.90 23.25
C PHE C 399 -33.02 25.22 22.24
N THR C 400 -34.07 24.58 22.75
CA THR C 400 -35.13 24.08 21.89
C THR C 400 -36.11 25.20 21.56
N PRO C 401 -36.28 25.58 20.28
CA PRO C 401 -37.25 26.64 19.95
C PRO C 401 -38.66 26.28 20.40
N LEU C 402 -39.44 27.33 20.66
CA LEU C 402 -40.82 27.18 21.13
C LEU C 402 -41.64 26.26 20.24
N MET C 403 -41.54 26.41 18.92
CA MET C 403 -42.38 25.60 18.05
C MET C 403 -42.15 24.10 18.24
N HIS C 404 -40.94 23.69 18.63
CA HIS C 404 -40.70 22.26 18.85
C HIS C 404 -41.04 21.81 20.26
N ASN C 405 -41.31 22.72 21.18
CA ASN C 405 -41.97 22.29 22.40
C ASN C 405 -43.43 21.94 22.13
N ILE C 406 -44.05 22.63 21.16
CA ILE C 406 -45.43 22.33 20.79
C ILE C 406 -45.49 21.13 19.85
N SER C 407 -44.55 21.02 18.91
CA SER C 407 -44.55 19.91 17.95
C SER C 407 -44.30 18.56 18.61
N GLY C 408 -43.71 18.54 19.80
CA GLY C 408 -43.33 17.31 20.45
C GLY C 408 -41.90 16.88 20.21
N SER C 409 -41.17 17.56 19.32
CA SER C 409 -39.78 17.19 19.02
C SER C 409 -38.81 17.95 19.95
N LYS C 410 -38.95 17.67 21.24
CA LYS C 410 -38.26 18.47 22.25
C LYS C 410 -36.75 18.30 22.21
N TYR C 411 -36.25 17.22 21.59
CA TYR C 411 -34.83 17.01 21.39
C TYR C 411 -34.19 17.97 20.39
N LYS C 412 -34.96 18.77 19.66
CA LYS C 412 -34.43 19.57 18.55
C LYS C 412 -33.92 20.93 19.04
N LYS C 413 -32.79 20.89 19.74
CA LYS C 413 -32.09 22.11 20.11
C LYS C 413 -31.49 22.80 18.88
N PHE C 414 -31.68 24.12 18.79
CA PHE C 414 -30.95 24.95 17.82
C PHE C 414 -29.66 25.46 18.46
N VAL C 415 -28.53 25.25 17.79
CA VAL C 415 -27.21 25.63 18.30
C VAL C 415 -26.63 26.71 17.40
N ALA C 416 -26.19 27.82 18.00
CA ALA C 416 -25.54 28.90 17.28
C ALA C 416 -24.28 29.25 18.05
N LYS C 417 -23.12 29.19 17.38
CA LYS C 417 -21.85 29.55 18.01
C LYS C 417 -21.06 30.48 17.13
N ILE C 418 -20.41 31.47 17.75
CA ILE C 418 -19.51 32.40 17.06
C ILE C 418 -18.15 32.33 17.74
N VAL C 419 -17.09 32.20 16.94
CA VAL C 419 -15.72 32.08 17.44
C VAL C 419 -14.97 33.34 17.03
N THR C 420 -14.31 34.01 17.99
CA THR C 420 -13.63 35.26 17.69
C THR C 420 -12.18 35.21 18.13
N ASN C 421 -11.36 36.06 17.49
CA ASN C 421 -10.10 36.50 18.08
C ASN C 421 -10.44 37.56 19.12
N HIS C 422 -10.37 37.22 20.41
CA HIS C 422 -10.82 38.13 21.45
C HIS C 422 -9.99 39.41 21.52
N SER C 423 -8.79 39.42 20.95
CA SER C 423 -7.93 40.60 21.04
C SER C 423 -8.52 41.79 20.28
N ASP C 424 -9.09 41.55 19.09
CA ASP C 424 -9.71 42.63 18.33
C ASP C 424 -11.16 42.38 17.97
N GLY C 425 -11.73 41.23 18.33
CA GLY C 425 -13.14 40.96 18.10
C GLY C 425 -13.48 40.38 16.73
N THR C 426 -12.48 40.13 15.87
CA THR C 426 -12.75 39.59 14.54
C THR C 426 -13.43 38.24 14.63
N VAL C 427 -14.48 38.05 13.82
CA VAL C 427 -15.18 36.77 13.77
C VAL C 427 -14.39 35.79 12.93
N LEU C 428 -13.99 34.66 13.53
CA LEU C 428 -13.21 33.63 12.84
C LEU C 428 -14.06 32.47 12.33
N GLY C 429 -15.19 32.20 12.97
CA GLY C 429 -16.08 31.15 12.48
C GLY C 429 -17.45 31.30 13.08
N VAL C 430 -18.45 30.77 12.36
CA VAL C 430 -19.83 30.69 12.83
C VAL C 430 -20.33 29.28 12.50
N HIS C 431 -20.98 28.64 13.46
CA HIS C 431 -21.41 27.24 13.34
C HIS C 431 -22.82 27.09 13.88
N LEU C 432 -23.69 26.46 13.09
CA LEU C 432 -25.13 26.44 13.34
C LEU C 432 -25.68 25.05 13.12
N LEU C 433 -26.58 24.63 14.02
CA LEU C 433 -27.30 23.37 13.89
C LEU C 433 -28.79 23.61 14.13
N GLY C 434 -29.61 23.16 13.19
CA GLY C 434 -31.05 23.34 13.33
C GLY C 434 -31.72 23.75 12.04
N ASP C 435 -33.05 23.70 11.99
CA ASP C 435 -33.80 24.02 10.77
C ASP C 435 -33.39 25.36 10.20
N GLY C 436 -33.09 25.39 8.90
CA GLY C 436 -32.70 26.61 8.23
C GLY C 436 -31.22 26.94 8.28
N ALA C 437 -30.42 26.16 8.99
CA ALA C 437 -29.01 26.50 9.15
C ALA C 437 -28.25 26.63 7.82
N PRO C 438 -28.49 25.81 6.80
CA PRO C 438 -27.79 26.05 5.53
C PRO C 438 -28.16 27.37 4.86
N GLU C 439 -29.38 27.86 5.07
CA GLU C 439 -29.78 29.13 4.47
C GLU C 439 -29.25 30.32 5.27
N ILE C 440 -29.22 30.19 6.60
CA ILE C 440 -28.73 31.27 7.46
C ILE C 440 -27.26 31.58 7.17
N ILE C 441 -26.45 30.54 6.95
CA ILE C 441 -25.00 30.72 6.93
C ILE C 441 -24.51 31.47 5.70
N GLN C 442 -25.29 31.51 4.61
CA GLN C 442 -24.77 32.02 3.33
C GLN C 442 -24.26 33.45 3.47
N ALA C 443 -25.09 34.34 4.02
CA ALA C 443 -24.66 35.73 4.11
C ALA C 443 -23.60 35.92 5.18
N VAL C 444 -23.44 34.95 6.10
CA VAL C 444 -22.31 35.01 7.03
C VAL C 444 -21.00 34.89 6.26
N GLY C 445 -20.99 34.09 5.20
CA GLY C 445 -19.83 34.02 4.33
C GLY C 445 -19.42 35.36 3.76
N VAL C 446 -20.40 36.22 3.47
CA VAL C 446 -20.07 37.56 2.99
C VAL C 446 -19.49 38.40 4.11
N CYS C 447 -20.08 38.31 5.31
CA CYS C 447 -19.58 39.05 6.47
C CYS C 447 -18.11 38.77 6.73
N LEU C 448 -17.69 37.52 6.58
CA LEU C 448 -16.30 37.19 6.85
C LEU C 448 -15.34 37.79 5.82
N ARG C 449 -15.81 38.05 4.60
CA ARG C 449 -15.00 38.77 3.63
C ARG C 449 -14.91 40.27 3.91
N LEU C 450 -15.77 40.79 4.79
CA LEU C 450 -15.73 42.17 5.20
C LEU C 450 -15.04 42.35 6.54
N ASN C 451 -14.43 41.30 7.06
CA ASN C 451 -13.74 41.30 8.35
C ASN C 451 -14.65 41.80 9.47
N ALA C 452 -15.83 41.20 9.53
CA ALA C 452 -16.80 41.51 10.56
C ALA C 452 -16.25 41.20 11.94
N LYS C 453 -16.63 42.02 12.91
CA LYS C 453 -16.33 41.81 14.32
C LYS C 453 -17.59 41.38 15.03
N ILE C 454 -17.42 40.84 16.25
CA ILE C 454 -18.59 40.43 17.02
C ILE C 454 -19.53 41.63 17.23
N SER C 455 -18.98 42.83 17.45
CA SER C 455 -19.88 43.96 17.69
C SER C 455 -20.68 44.31 16.43
N ASP C 456 -20.16 44.02 15.24
CA ASP C 456 -20.95 44.21 14.02
C ASP C 456 -22.18 43.32 14.03
N PHE C 457 -22.05 42.07 14.50
CA PHE C 457 -23.23 41.22 14.63
C PHE C 457 -24.16 41.70 15.74
N TYR C 458 -23.61 42.02 16.92
CA TYR C 458 -24.49 42.34 18.04
C TYR C 458 -25.20 43.68 17.84
N ASN C 459 -24.60 44.61 17.12
CA ASN C 459 -25.24 45.90 16.91
C ASN C 459 -26.23 45.89 15.75
N THR C 460 -26.30 44.81 14.98
CA THR C 460 -27.32 44.67 13.94
C THR C 460 -28.64 44.31 14.59
N ILE C 461 -29.73 44.94 14.14
CA ILE C 461 -31.06 44.71 14.71
C ILE C 461 -31.59 43.36 14.21
N GLY C 462 -32.15 42.57 15.13
CA GLY C 462 -32.63 41.25 14.75
C GLY C 462 -33.92 41.30 13.95
N VAL C 463 -34.17 40.20 13.21
CA VAL C 463 -35.47 39.89 12.60
C VAL C 463 -36.20 38.92 13.52
N HIS C 464 -37.42 39.26 13.93
CA HIS C 464 -38.10 38.52 14.98
C HIS C 464 -39.47 38.06 14.49
N PRO C 465 -39.86 36.80 14.73
CA PRO C 465 -39.10 35.72 15.37
C PRO C 465 -38.41 34.83 14.35
N THR C 466 -37.11 34.61 14.52
CA THR C 466 -36.34 33.69 13.71
C THR C 466 -35.34 32.97 14.60
N SER C 467 -34.77 31.87 14.08
CA SER C 467 -33.59 31.31 14.71
C SER C 467 -32.37 32.18 14.46
N ALA C 468 -32.30 32.80 13.28
CA ALA C 468 -31.11 33.53 12.88
C ALA C 468 -30.83 34.72 13.80
N GLU C 469 -31.88 35.30 14.41
CA GLU C 469 -31.66 36.48 15.25
C GLU C 469 -30.78 36.18 16.45
N GLU C 470 -30.57 34.90 16.79
CA GLU C 470 -29.66 34.54 17.87
C GLU C 470 -28.25 35.01 17.58
N LEU C 471 -27.87 35.07 16.29
CA LEU C 471 -26.53 35.50 15.91
C LEU C 471 -26.29 36.97 16.20
N CYS C 472 -27.35 37.75 16.41
CA CYS C 472 -27.23 39.16 16.69
C CYS C 472 -27.62 39.50 18.12
N SER C 473 -27.67 38.49 19.00
CA SER C 473 -28.07 38.70 20.39
C SER C 473 -27.00 38.30 21.37
N MET C 474 -25.78 38.06 20.91
CA MET C 474 -24.73 37.52 21.78
C MET C 474 -23.65 38.58 21.95
N ARG C 475 -23.49 39.07 23.17
CA ARG C 475 -22.48 40.06 23.44
C ARG C 475 -21.50 39.65 24.53
N THR C 476 -21.77 38.59 25.28
CA THR C 476 -20.88 38.14 26.35
C THR C 476 -20.37 36.74 26.05
N PRO C 477 -19.06 36.51 25.99
CA PRO C 477 -18.54 35.17 25.73
C PRO C 477 -19.03 34.15 26.75
N SER C 478 -19.31 32.93 26.25
CA SER C 478 -19.61 31.80 27.11
C SER C 478 -18.35 31.22 27.74
N TYR C 479 -17.23 31.24 27.04
CA TYR C 479 -15.95 30.78 27.56
C TYR C 479 -14.87 31.23 26.57
N TYR C 480 -13.62 30.93 26.92
CA TYR C 480 -12.46 31.42 26.19
C TYR C 480 -11.45 30.29 25.99
N TYR C 481 -10.50 30.54 25.08
CA TYR C 481 -9.23 29.80 25.04
C TYR C 481 -8.10 30.82 25.19
N VAL C 482 -7.22 30.58 26.16
CA VAL C 482 -6.08 31.47 26.41
C VAL C 482 -4.81 30.62 26.29
N LYS C 483 -3.98 30.93 25.29
CA LYS C 483 -2.80 30.13 24.98
C LYS C 483 -3.15 28.65 24.82
N GLY C 484 -4.25 28.38 24.12
CA GLY C 484 -4.68 27.02 23.86
C GLY C 484 -5.43 26.35 24.99
N GLU C 485 -5.65 27.03 26.11
CA GLU C 485 -6.29 26.44 27.27
C GLU C 485 -7.72 26.97 27.42
N LYS C 486 -8.69 26.06 27.44
CA LYS C 486 -10.08 26.43 27.65
C LYS C 486 -10.29 26.90 29.09
N MET C 487 -11.11 27.94 29.27
CA MET C 487 -11.47 28.39 30.61
C MET C 487 -12.73 29.24 30.55
N GLU C 488 -13.52 29.19 31.64
CA GLU C 488 -14.80 29.90 31.67
C GLU C 488 -14.61 31.41 31.69
N LYS C 489 -13.65 31.91 32.48
CA LYS C 489 -13.42 33.34 32.61
C LYS C 489 -11.99 33.67 32.20
N LEU C 490 -11.76 34.95 31.86
CA LEU C 490 -10.38 35.35 31.56
C LEU C 490 -9.59 35.51 32.86
N PRO C 491 -8.31 35.10 32.87
CA PRO C 491 -7.53 35.21 34.12
C PRO C 491 -7.32 36.66 34.56
N GLY D 1 -51.68 61.22 59.64
CA GLY D 1 -51.00 62.15 58.76
C GLY D 1 -50.61 61.50 57.46
N SER D 2 -49.78 62.18 56.68
CA SER D 2 -49.38 61.66 55.39
C SER D 2 -48.19 60.71 55.55
N HIS D 3 -47.91 59.94 54.48
CA HIS D 3 -46.78 59.03 54.45
C HIS D 3 -46.24 58.96 53.02
N MET D 4 -44.98 58.56 52.90
CA MET D 4 -44.24 58.76 51.66
C MET D 4 -44.65 57.78 50.56
N SER D 5 -44.65 58.28 49.32
CA SER D 5 -44.87 57.44 48.13
C SER D 5 -43.67 56.54 47.89
N LYS D 6 -43.92 55.38 47.25
CA LYS D 6 -42.84 54.60 46.67
C LYS D 6 -42.12 55.42 45.59
N ALA D 7 -40.79 55.44 45.62
CA ALA D 7 -40.02 56.34 44.74
C ALA D 7 -39.00 55.55 43.91
N PHE D 8 -38.76 56.02 42.69
CA PHE D 8 -38.00 55.26 41.70
C PHE D 8 -37.08 56.18 40.90
N ASP D 9 -35.93 55.64 40.48
CA ASP D 9 -35.12 56.32 39.47
C ASP D 9 -35.87 56.40 38.15
N LEU D 10 -36.59 55.33 37.80
CA LEU D 10 -37.24 55.25 36.50
C LEU D 10 -38.60 54.58 36.66
N VAL D 11 -39.65 55.19 36.11
CA VAL D 11 -40.96 54.55 36.00
C VAL D 11 -41.24 54.39 34.52
N VAL D 12 -41.48 53.16 34.09
CA VAL D 12 -41.80 52.82 32.71
C VAL D 12 -43.30 52.51 32.66
N ILE D 13 -44.03 53.19 31.77
CA ILE D 13 -45.44 52.91 31.56
C ILE D 13 -45.53 52.05 30.31
N GLY D 14 -45.87 50.77 30.52
CA GLY D 14 -45.97 49.78 29.47
C GLY D 14 -44.88 48.72 29.61
N ALA D 15 -45.27 47.48 29.94
CA ALA D 15 -44.30 46.40 30.15
C ALA D 15 -44.19 45.54 28.89
N GLY D 16 -43.84 46.19 27.77
CA GLY D 16 -43.74 45.54 26.48
C GLY D 16 -42.31 45.35 26.01
N SER D 17 -42.15 45.19 24.68
CA SER D 17 -40.84 44.89 24.10
C SER D 17 -39.80 45.93 24.52
N GLY D 18 -40.10 47.19 24.26
CA GLY D 18 -39.20 48.27 24.64
C GLY D 18 -39.13 48.53 26.14
N GLY D 19 -40.29 48.58 26.80
CA GLY D 19 -40.31 48.92 28.23
C GLY D 19 -39.60 47.90 29.11
N LEU D 20 -39.71 46.61 28.77
CA LEU D 20 -39.02 45.60 29.59
C LEU D 20 -37.52 45.62 29.37
N GLU D 21 -37.06 45.82 28.12
CA GLU D 21 -35.63 45.93 27.89
C GLU D 21 -35.05 47.09 28.68
N ALA D 22 -35.71 48.24 28.63
CA ALA D 22 -35.25 49.42 29.36
C ALA D 22 -35.25 49.16 30.86
N GLY D 23 -36.35 48.62 31.38
CA GLY D 23 -36.47 48.41 32.83
C GLY D 23 -35.45 47.41 33.34
N TRP D 24 -35.37 46.25 32.68
CA TRP D 24 -34.39 45.23 33.06
C TRP D 24 -32.96 45.77 33.00
N ASN D 25 -32.62 46.51 31.94
CA ASN D 25 -31.24 46.99 31.81
C ASN D 25 -30.93 48.03 32.88
N ALA D 26 -31.85 48.97 33.11
CA ALA D 26 -31.63 49.99 34.14
C ALA D 26 -31.41 49.35 35.51
N ALA D 27 -32.20 48.33 35.83
CA ALA D 27 -32.11 47.72 37.16
C ALA D 27 -30.86 46.84 37.30
N THR D 28 -30.57 45.99 36.32
CA THR D 28 -29.55 44.96 36.52
C THR D 28 -28.17 45.37 36.03
N LEU D 29 -28.09 46.23 35.02
CA LEU D 29 -26.80 46.72 34.55
C LEU D 29 -26.35 47.98 35.28
N TYR D 30 -27.29 48.85 35.69
CA TYR D 30 -26.92 50.14 36.23
C TYR D 30 -27.39 50.37 37.66
N GLY D 31 -27.95 49.34 38.31
CA GLY D 31 -28.28 49.44 39.72
C GLY D 31 -29.44 50.35 40.06
N LYS D 32 -30.31 50.65 39.12
CA LYS D 32 -31.36 51.63 39.39
C LYS D 32 -32.60 50.97 39.99
N ARG D 33 -33.38 51.77 40.71
CA ARG D 33 -34.67 51.33 41.22
C ARG D 33 -35.73 51.67 40.17
N VAL D 34 -36.43 50.64 39.67
CA VAL D 34 -37.28 50.75 38.49
C VAL D 34 -38.68 50.23 38.80
N ALA D 35 -39.69 50.96 38.35
CA ALA D 35 -41.07 50.49 38.37
C ALA D 35 -41.55 50.33 36.93
N VAL D 36 -42.34 49.28 36.67
CA VAL D 36 -42.91 49.02 35.36
C VAL D 36 -44.41 48.76 35.53
N VAL D 37 -45.24 49.43 34.74
CA VAL D 37 -46.70 49.38 34.88
C VAL D 37 -47.29 48.70 33.65
N ASP D 38 -48.24 47.78 33.87
CA ASP D 38 -49.05 47.25 32.77
C ASP D 38 -50.45 46.92 33.29
N VAL D 39 -51.39 46.81 32.34
CA VAL D 39 -52.80 46.70 32.68
C VAL D 39 -53.29 45.28 32.92
N GLN D 40 -52.49 44.25 32.58
CA GLN D 40 -52.83 42.84 32.83
C GLN D 40 -51.55 42.05 33.09
N THR D 41 -51.68 40.99 33.89
CA THR D 41 -50.51 40.14 34.15
C THR D 41 -50.42 38.93 33.23
N SER D 42 -51.48 38.61 32.47
CA SER D 42 -51.40 37.58 31.45
C SER D 42 -52.31 37.96 30.26
N HIS D 43 -52.13 37.24 29.14
CA HIS D 43 -52.71 37.58 27.84
C HIS D 43 -54.24 37.49 27.81
N GLY D 44 -54.86 38.21 26.88
CA GLY D 44 -56.23 37.93 26.49
C GLY D 44 -57.23 38.99 26.92
N PRO D 45 -58.50 38.77 26.60
CA PRO D 45 -59.52 39.76 26.95
C PRO D 45 -59.55 39.98 28.45
N PRO D 46 -59.93 41.18 28.89
CA PRO D 46 -60.46 42.30 28.10
C PRO D 46 -59.44 43.18 27.38
N PHE D 47 -58.17 43.25 27.80
CA PHE D 47 -57.26 44.26 27.28
C PHE D 47 -56.22 43.70 26.32
N TYR D 48 -56.15 42.38 26.17
CA TYR D 48 -55.39 41.67 25.12
C TYR D 48 -53.87 41.71 25.29
N ALA D 49 -53.26 42.88 25.10
CA ALA D 49 -51.87 43.00 25.51
C ALA D 49 -51.79 42.98 27.03
N ALA D 50 -50.59 42.68 27.54
CA ALA D 50 -50.37 42.43 28.96
C ALA D 50 -48.88 42.48 29.23
N LEU D 51 -48.50 42.23 30.48
CA LEU D 51 -47.12 41.95 30.85
C LEU D 51 -46.42 41.14 29.75
N GLY D 52 -45.35 41.71 29.19
CA GLY D 52 -44.65 41.13 28.06
C GLY D 52 -44.84 41.90 26.76
N GLY D 53 -46.00 42.50 26.56
CA GLY D 53 -46.17 43.43 25.46
C GLY D 53 -47.03 42.85 24.35
N THR D 54 -47.18 43.65 23.30
CA THR D 54 -48.04 43.22 22.18
C THR D 54 -47.45 42.04 21.44
N CYS D 55 -46.13 42.00 21.30
CA CYS D 55 -45.52 40.93 20.52
C CYS D 55 -45.72 39.58 21.21
N VAL D 56 -45.54 39.55 22.51
CA VAL D 56 -45.63 38.32 23.29
C VAL D 56 -47.06 37.82 23.35
N ASN D 57 -48.02 38.71 23.57
CA ASN D 57 -49.38 38.32 23.90
C ASN D 57 -50.30 38.22 22.67
N VAL D 58 -50.27 39.20 21.76
CA VAL D 58 -51.18 39.23 20.61
C VAL D 58 -50.43 39.75 19.40
N GLY D 59 -49.24 39.21 19.15
CA GLY D 59 -48.37 39.71 18.09
C GLY D 59 -47.44 38.66 17.53
N CYS D 60 -46.15 39.01 17.41
CA CYS D 60 -45.19 38.16 16.70
C CYS D 60 -45.20 36.72 17.22
N VAL D 61 -45.17 36.55 18.54
CA VAL D 61 -44.98 35.20 19.09
C VAL D 61 -46.17 34.29 18.77
N PRO D 62 -47.42 34.61 19.15
CA PRO D 62 -48.53 33.71 18.78
C PRO D 62 -48.81 33.64 17.28
N LYS D 63 -48.67 34.74 16.55
CA LYS D 63 -48.97 34.68 15.12
C LYS D 63 -47.98 33.81 14.38
N LYS D 64 -46.72 33.75 14.83
CA LYS D 64 -45.76 32.88 14.17
C LYS D 64 -46.12 31.42 14.42
N LEU D 65 -46.55 31.11 15.64
CA LEU D 65 -46.99 29.75 15.93
C LEU D 65 -48.16 29.36 15.05
N MET D 66 -49.09 30.29 14.82
CA MET D 66 -50.27 30.02 14.02
C MET D 66 -49.94 29.91 12.54
N VAL D 67 -49.01 30.72 12.03
CA VAL D 67 -48.54 30.53 10.65
C VAL D 67 -47.85 29.18 10.50
N THR D 68 -47.04 28.79 11.49
CA THR D 68 -46.41 27.48 11.42
C THR D 68 -47.46 26.38 11.32
N GLY D 69 -48.53 26.47 12.12
CA GLY D 69 -49.63 25.53 11.97
C GLY D 69 -50.28 25.57 10.59
N ALA D 70 -50.50 26.79 10.08
CA ALA D 70 -51.08 26.94 8.75
C ALA D 70 -50.22 26.29 7.66
N GLN D 71 -48.89 26.31 7.82
CA GLN D 71 -47.99 25.74 6.81
C GLN D 71 -48.19 24.24 6.61
N TYR D 72 -48.72 23.51 7.61
CA TYR D 72 -48.88 22.07 7.44
C TYR D 72 -49.91 21.74 6.36
N MET D 73 -50.84 22.64 6.05
CA MET D 73 -51.71 22.41 4.92
C MET D 73 -50.89 22.18 3.65
N ASP D 74 -49.90 23.04 3.42
CA ASP D 74 -49.02 22.87 2.27
C ASP D 74 -48.15 21.63 2.40
N HIS D 75 -47.61 21.36 3.60
CA HIS D 75 -46.72 20.21 3.78
C HIS D 75 -47.43 18.90 3.51
N LEU D 76 -48.65 18.75 4.01
CA LEU D 76 -49.37 17.49 3.79
C LEU D 76 -49.64 17.28 2.31
N ARG D 77 -50.03 18.34 1.59
CA ARG D 77 -50.25 18.19 0.15
C ARG D 77 -48.95 17.94 -0.61
N GLU D 78 -47.89 18.70 -0.30
CA GLU D 78 -46.61 18.57 -0.98
C GLU D 78 -45.91 17.24 -0.70
N SER D 79 -46.19 16.59 0.43
CA SER D 79 -45.51 15.32 0.73
C SER D 79 -45.77 14.27 -0.33
N ALA D 80 -46.90 14.36 -1.03
CA ALA D 80 -47.28 13.31 -1.97
C ALA D 80 -46.28 13.18 -3.10
N GLY D 81 -45.74 14.30 -3.59
CA GLY D 81 -44.77 14.25 -4.66
C GLY D 81 -43.48 13.53 -4.30
N PHE D 82 -43.16 13.43 -3.02
CA PHE D 82 -41.99 12.72 -2.56
C PHE D 82 -42.30 11.31 -2.07
N GLY D 83 -43.49 10.78 -2.37
CA GLY D 83 -43.83 9.40 -2.09
C GLY D 83 -44.63 9.14 -0.84
N TRP D 84 -45.05 10.18 -0.10
CA TRP D 84 -45.82 9.94 1.13
C TRP D 84 -47.27 9.68 0.78
N GLU D 85 -47.83 8.63 1.35
CA GLU D 85 -49.19 8.20 1.12
C GLU D 85 -49.94 8.18 2.44
N PHE D 86 -51.18 8.62 2.43
CA PHE D 86 -52.07 8.49 3.58
C PHE D 86 -53.48 8.81 3.13
N ASP D 87 -54.44 8.55 4.02
CA ASP D 87 -55.86 8.77 3.72
C ASP D 87 -56.20 10.25 3.74
N GLY D 88 -56.13 10.90 2.57
CA GLY D 88 -56.39 12.32 2.48
C GLY D 88 -57.78 12.73 2.94
N SER D 89 -58.74 11.81 2.90
CA SER D 89 -60.09 12.15 3.32
C SER D 89 -60.21 12.24 4.84
N SER D 90 -59.21 11.78 5.59
CA SER D 90 -59.24 11.88 7.04
C SER D 90 -58.57 13.16 7.56
N VAL D 91 -58.07 14.02 6.69
CA VAL D 91 -57.34 15.20 7.13
C VAL D 91 -58.32 16.26 7.63
N LYS D 92 -58.11 16.74 8.86
CA LYS D 92 -58.91 17.80 9.44
C LYS D 92 -58.02 18.72 10.26
N ALA D 93 -58.24 20.03 10.13
CA ALA D 93 -57.48 21.03 10.86
C ALA D 93 -58.29 21.47 12.08
N ASN D 94 -57.72 21.30 13.27
CA ASN D 94 -58.44 21.55 14.52
C ASN D 94 -57.96 22.89 15.10
N TRP D 95 -58.75 23.94 14.81
CA TRP D 95 -58.45 25.30 15.28
C TRP D 95 -58.42 25.36 16.81
N LYS D 96 -59.33 24.64 17.48
CA LYS D 96 -59.40 24.72 18.93
C LYS D 96 -58.11 24.21 19.57
N LYS D 97 -57.52 23.16 19.01
CA LYS D 97 -56.27 22.65 19.56
C LYS D 97 -55.13 23.64 19.31
N LEU D 98 -55.08 24.23 18.12
CA LEU D 98 -54.08 25.27 17.85
C LEU D 98 -54.16 26.39 18.88
N ILE D 99 -55.36 26.90 19.13
CA ILE D 99 -55.49 28.07 20.01
C ILE D 99 -55.13 27.69 21.45
N ALA D 100 -55.48 26.48 21.88
CA ALA D 100 -55.12 26.07 23.24
C ALA D 100 -53.62 25.90 23.40
N ALA D 101 -52.94 25.38 22.37
CA ALA D 101 -51.48 25.27 22.41
C ALA D 101 -50.83 26.64 22.44
N LYS D 102 -51.33 27.56 21.62
CA LYS D 102 -50.84 28.93 21.62
C LYS D 102 -51.06 29.60 22.97
N ASN D 103 -52.26 29.44 23.55
CA ASN D 103 -52.55 30.06 24.85
C ASN D 103 -51.61 29.56 25.94
N GLU D 104 -51.33 28.26 25.95
CA GLU D 104 -50.41 27.72 26.96
C GLU D 104 -49.01 28.29 26.77
N ALA D 105 -48.54 28.36 25.52
CA ALA D 105 -47.21 28.92 25.25
C ALA D 105 -47.10 30.37 25.69
N VAL D 106 -48.11 31.19 25.41
CA VAL D 106 -48.08 32.59 25.81
C VAL D 106 -48.18 32.73 27.33
N LEU D 107 -49.06 31.95 27.97
CA LEU D 107 -49.18 32.02 29.42
C LEU D 107 -47.86 31.67 30.11
N ASP D 108 -47.14 30.66 29.60
CA ASP D 108 -45.84 30.32 30.17
C ASP D 108 -44.88 31.51 30.11
N ILE D 109 -44.93 32.30 29.03
CA ILE D 109 -44.09 33.49 28.98
C ILE D 109 -44.56 34.52 29.99
N ASN D 110 -45.89 34.73 30.09
CA ASN D 110 -46.42 35.65 31.11
C ASN D 110 -45.87 35.31 32.48
N LYS D 111 -46.00 34.02 32.88
CA LYS D 111 -45.53 33.57 34.19
C LYS D 111 -44.01 33.74 34.35
N SER D 112 -43.25 33.48 33.28
CA SER D 112 -41.80 33.70 33.33
C SER D 112 -41.46 35.13 33.69
N TYR D 113 -42.17 36.10 33.09
CA TYR D 113 -41.90 37.50 33.41
C TYR D 113 -42.30 37.85 34.84
N GLU D 114 -43.38 37.25 35.34
CA GLU D 114 -43.73 37.48 36.75
C GLU D 114 -42.61 37.03 37.67
N GLY D 115 -42.01 35.87 37.38
CA GLY D 115 -40.90 35.41 38.20
C GLY D 115 -39.68 36.28 38.07
N MET D 116 -39.45 36.86 36.90
CA MET D 116 -38.37 37.82 36.74
C MET D 116 -38.52 38.98 37.71
N PHE D 117 -39.73 39.54 37.81
CA PHE D 117 -39.95 40.63 38.75
C PHE D 117 -39.78 40.16 40.18
N ASN D 118 -40.36 39.01 40.52
CA ASN D 118 -40.26 38.52 41.89
C ASN D 118 -38.82 38.29 42.30
N ASP D 119 -37.97 37.88 41.37
CA ASP D 119 -36.62 37.45 41.71
C ASP D 119 -35.56 38.55 41.62
N THR D 120 -35.87 39.69 40.97
CA THR D 120 -34.88 40.71 40.65
C THR D 120 -35.03 41.91 41.60
N GLU D 121 -34.04 42.11 42.47
CA GLU D 121 -34.12 43.23 43.41
C GLU D 121 -33.99 44.56 42.69
N GLY D 122 -34.86 45.52 43.02
CA GLY D 122 -34.84 46.80 42.35
C GLY D 122 -35.72 46.90 41.12
N LEU D 123 -36.40 45.83 40.72
CA LEU D 123 -37.29 45.86 39.56
C LEU D 123 -38.69 45.46 40.04
N ASP D 124 -39.62 46.42 40.06
CA ASP D 124 -40.95 46.23 40.64
C ASP D 124 -42.04 46.35 39.57
N PHE D 125 -43.05 45.49 39.64
CA PHE D 125 -44.18 45.54 38.72
C PHE D 125 -45.41 46.13 39.41
N PHE D 126 -46.17 46.95 38.68
CA PHE D 126 -47.44 47.50 39.17
C PHE D 126 -48.55 47.25 38.16
N LEU D 127 -49.65 46.64 38.63
CA LEU D 127 -50.81 46.35 37.80
C LEU D 127 -51.75 47.55 37.78
N GLY D 128 -52.15 47.99 36.57
CA GLY D 128 -53.13 49.04 36.43
C GLY D 128 -52.81 49.96 35.29
N TRP D 129 -53.49 51.09 35.24
CA TRP D 129 -53.37 52.06 34.16
C TRP D 129 -52.54 53.24 34.62
N GLY D 130 -51.39 53.44 33.98
CA GLY D 130 -50.50 54.52 34.35
C GLY D 130 -50.79 55.78 33.55
N SER D 131 -50.62 56.92 34.20
CA SER D 131 -50.76 58.20 33.52
C SER D 131 -49.92 59.24 34.24
N LEU D 132 -49.72 60.36 33.56
CA LEU D 132 -48.85 61.42 34.07
C LEU D 132 -49.69 62.42 34.85
N GLU D 133 -49.52 62.43 36.17
CA GLU D 133 -50.20 63.46 36.96
C GLU D 133 -49.43 64.77 36.92
N SER D 134 -48.11 64.71 37.06
CA SER D 134 -47.22 65.86 36.89
C SER D 134 -45.86 65.35 36.41
N LYS D 135 -44.90 66.27 36.29
CA LYS D 135 -43.65 65.97 35.60
C LYS D 135 -42.83 64.85 36.26
N ASN D 136 -43.00 64.62 37.55
CA ASN D 136 -42.26 63.59 38.27
C ASN D 136 -43.20 62.74 39.12
N VAL D 137 -44.45 62.59 38.68
CA VAL D 137 -45.46 61.81 39.40
C VAL D 137 -46.24 60.96 38.40
N VAL D 138 -46.16 59.64 38.54
CA VAL D 138 -46.98 58.72 37.77
C VAL D 138 -48.06 58.15 38.69
N VAL D 139 -49.33 58.22 38.27
CA VAL D 139 -50.42 57.58 39.02
C VAL D 139 -50.83 56.31 38.31
N VAL D 140 -51.16 55.29 39.10
CA VAL D 140 -51.65 54.01 38.61
C VAL D 140 -53.09 53.88 39.09
N ARG D 141 -54.04 53.83 38.15
CA ARG D 141 -55.46 53.79 38.44
C ARG D 141 -56.08 52.44 38.09
N GLU D 142 -57.28 52.24 38.63
CA GLU D 142 -57.99 50.97 38.48
C GLU D 142 -58.36 50.70 37.02
N THR D 143 -58.84 51.72 36.29
CA THR D 143 -59.23 51.56 34.89
C THR D 143 -58.64 52.69 34.04
N ALA D 144 -58.92 52.64 32.74
CA ALA D 144 -58.49 53.70 31.83
C ALA D 144 -59.20 55.02 32.08
N ASP D 145 -60.33 54.99 32.77
CA ASP D 145 -61.05 56.22 33.13
C ASP D 145 -60.23 57.04 34.11
N PRO D 146 -59.85 58.28 33.76
CA PRO D 146 -59.04 59.11 34.69
C PRO D 146 -59.77 59.50 35.96
N LYS D 147 -61.03 59.13 36.11
CA LYS D 147 -61.76 59.31 37.37
C LYS D 147 -61.81 58.05 38.21
N SER D 148 -61.25 56.93 37.73
CA SER D 148 -61.21 55.71 38.53
C SER D 148 -60.22 55.87 39.69
N ALA D 149 -60.35 54.96 40.67
CA ALA D 149 -59.58 55.07 41.90
C ALA D 149 -58.08 54.99 41.66
N VAL D 150 -57.32 55.85 42.34
CA VAL D 150 -55.87 55.77 42.31
C VAL D 150 -55.40 54.60 43.19
N LYS D 151 -54.78 53.59 42.56
CA LYS D 151 -54.19 52.51 43.35
C LYS D 151 -52.86 52.92 43.97
N GLU D 152 -52.01 53.58 43.20
CA GLU D 152 -50.65 53.93 43.61
C GLU D 152 -50.28 55.26 42.98
N ARG D 153 -49.59 56.09 43.73
CA ARG D 153 -48.99 57.33 43.23
C ARG D 153 -47.49 57.19 43.42
N LEU D 154 -46.73 57.19 42.31
CA LEU D 154 -45.30 56.89 42.34
C LEU D 154 -44.47 58.14 42.07
N GLN D 155 -43.45 58.34 42.88
CA GLN D 155 -42.47 59.39 42.62
C GLN D 155 -41.44 58.89 41.61
N ALA D 156 -41.20 59.68 40.56
CA ALA D 156 -40.36 59.24 39.44
C ALA D 156 -39.36 60.32 39.08
N ASP D 157 -38.06 60.00 39.16
CA ASP D 157 -37.05 60.92 38.65
C ASP D 157 -37.12 61.03 37.13
N HIS D 158 -37.24 59.89 36.45
CA HIS D 158 -37.34 59.78 35.01
C HIS D 158 -38.56 58.94 34.66
N ILE D 159 -39.22 59.27 33.56
CA ILE D 159 -40.42 58.58 33.11
C ILE D 159 -40.23 58.16 31.66
N LEU D 160 -40.52 56.88 31.38
CA LEU D 160 -40.43 56.33 30.03
C LEU D 160 -41.83 55.92 29.56
N LEU D 161 -42.28 56.52 28.46
CA LEU D 161 -43.57 56.18 27.85
C LEU D 161 -43.34 55.06 26.83
N ALA D 162 -43.98 53.91 27.04
CA ALA D 162 -43.75 52.76 26.18
C ALA D 162 -45.04 51.93 26.05
N THR D 163 -46.15 52.60 25.79
CA THR D 163 -47.48 51.98 25.78
C THR D 163 -47.87 51.36 24.43
N GLY D 164 -47.02 51.46 23.39
CA GLY D 164 -47.25 50.72 22.16
C GLY D 164 -48.25 51.39 21.23
N SER D 165 -48.91 50.58 20.41
CA SER D 165 -49.93 51.04 19.47
C SER D 165 -51.20 50.21 19.65
N TRP D 166 -52.21 50.48 18.82
CA TRP D 166 -53.53 49.86 18.97
C TRP D 166 -54.19 49.81 17.60
N PRO D 167 -55.06 48.82 17.33
CA PRO D 167 -55.65 48.72 15.99
C PRO D 167 -56.50 49.94 15.64
N GLN D 168 -56.30 50.44 14.42
CA GLN D 168 -57.09 51.56 13.91
C GLN D 168 -58.42 51.06 13.36
N MET D 169 -59.52 51.71 13.73
CA MET D 169 -60.84 51.29 13.26
C MET D 169 -61.50 52.41 12.48
N PRO D 170 -61.84 52.21 11.20
CA PRO D 170 -62.46 53.29 10.42
C PRO D 170 -63.82 53.66 10.98
N ALA D 171 -64.14 54.95 10.92
CA ALA D 171 -65.42 55.45 11.41
C ALA D 171 -66.46 55.25 10.29
N ILE D 172 -67.02 54.05 10.23
CA ILE D 172 -68.09 53.72 9.29
C ILE D 172 -69.27 53.15 10.08
N PRO D 173 -70.48 53.24 9.53
CA PRO D 173 -71.61 52.59 10.21
C PRO D 173 -71.45 51.08 10.28
N GLY D 174 -71.71 50.54 11.47
CA GLY D 174 -71.58 49.12 11.70
C GLY D 174 -70.18 48.67 12.08
N ILE D 175 -69.28 49.59 12.41
CA ILE D 175 -67.93 49.21 12.79
C ILE D 175 -67.95 48.34 14.04
N GLU D 176 -69.00 48.46 14.86
CA GLU D 176 -69.11 47.64 16.06
C GLU D 176 -69.32 46.16 15.75
N HIS D 177 -69.66 45.82 14.51
CA HIS D 177 -69.81 44.43 14.10
C HIS D 177 -68.50 43.81 13.62
N CYS D 178 -67.42 44.57 13.62
CA CYS D 178 -66.11 44.17 13.12
C CYS D 178 -65.17 43.87 14.29
N ILE D 179 -64.06 43.20 13.99
CA ILE D 179 -63.02 42.88 14.97
C ILE D 179 -61.68 43.37 14.45
N SER D 180 -60.65 43.17 15.27
CA SER D 180 -59.26 43.46 14.95
C SER D 180 -58.44 42.19 15.18
N SER D 181 -57.11 42.28 14.95
CA SER D 181 -56.27 41.12 15.22
C SER D 181 -56.37 40.66 16.67
N ASN D 182 -56.62 41.58 17.62
CA ASN D 182 -56.75 41.22 19.03
C ASN D 182 -57.75 40.09 19.22
N GLU D 183 -58.97 40.26 18.70
CA GLU D 183 -60.02 39.25 18.88
C GLU D 183 -59.76 38.00 18.03
N ALA D 184 -59.06 38.17 16.90
CA ALA D 184 -58.76 37.02 16.05
C ALA D 184 -58.00 35.93 16.79
N PHE D 185 -57.15 36.30 17.74
CA PHE D 185 -56.39 35.30 18.48
C PHE D 185 -57.24 34.45 19.41
N TYR D 186 -58.53 34.79 19.59
CA TYR D 186 -59.36 34.14 20.60
C TYR D 186 -60.69 33.62 20.05
N LEU D 187 -60.90 33.66 18.74
CA LEU D 187 -62.13 33.13 18.16
C LEU D 187 -62.36 31.70 18.63
N PRO D 188 -63.56 31.38 19.14
CA PRO D 188 -63.80 30.00 19.59
C PRO D 188 -63.81 28.99 18.46
N GLU D 189 -64.28 29.38 17.28
CA GLU D 189 -64.33 28.53 16.08
C GLU D 189 -63.69 29.27 14.92
N PRO D 190 -63.05 28.56 14.00
CA PRO D 190 -62.49 29.21 12.81
C PRO D 190 -63.59 29.66 11.87
N PRO D 191 -63.52 30.88 11.35
CA PRO D 191 -64.64 31.39 10.54
C PRO D 191 -64.73 30.67 9.20
N ARG D 192 -65.96 30.37 8.79
CA ARG D 192 -66.19 29.79 7.47
C ARG D 192 -65.84 30.78 6.37
N ARG D 193 -66.36 32.01 6.48
CA ARG D 193 -66.06 33.10 5.56
C ARG D 193 -65.51 34.26 6.36
N VAL D 194 -64.41 34.84 5.89
CA VAL D 194 -63.78 35.96 6.59
C VAL D 194 -63.27 36.96 5.56
N LEU D 195 -63.47 38.23 5.85
CA LEU D 195 -62.85 39.33 5.11
C LEU D 195 -61.79 39.96 6.02
N THR D 196 -60.54 39.97 5.56
CA THR D 196 -59.49 40.74 6.23
C THR D 196 -59.29 42.03 5.44
N VAL D 197 -59.46 43.16 6.13
CA VAL D 197 -59.47 44.48 5.52
C VAL D 197 -58.10 45.12 5.74
N GLY D 198 -57.36 45.36 4.66
CA GLY D 198 -56.06 46.01 4.73
C GLY D 198 -55.08 45.29 3.82
N GLY D 199 -54.10 46.03 3.34
CA GLY D 199 -53.06 45.47 2.50
C GLY D 199 -51.72 45.23 3.19
N GLY D 200 -51.61 45.50 4.49
CA GLY D 200 -50.37 45.37 5.22
C GLY D 200 -50.06 43.94 5.68
N PHE D 201 -48.97 43.81 6.44
CA PHE D 201 -48.47 42.46 6.77
C PHE D 201 -49.43 41.71 7.68
N ILE D 202 -50.17 42.40 8.55
CA ILE D 202 -51.06 41.70 9.47
C ILE D 202 -52.25 41.07 8.72
N SER D 203 -52.86 41.83 7.80
CA SER D 203 -53.95 41.29 7.00
C SER D 203 -53.50 40.07 6.18
N VAL D 204 -52.35 40.19 5.50
CA VAL D 204 -51.83 39.11 4.67
C VAL D 204 -51.53 37.88 5.50
N GLU D 205 -50.90 38.06 6.67
CA GLU D 205 -50.53 36.91 7.50
C GLU D 205 -51.77 36.18 7.99
N PHE D 206 -52.75 36.93 8.51
CA PHE D 206 -53.97 36.28 8.98
C PHE D 206 -54.78 35.66 7.85
N ALA D 207 -54.77 36.25 6.66
CA ALA D 207 -55.48 35.59 5.56
C ALA D 207 -54.94 34.17 5.34
N GLY D 208 -53.62 34.00 5.43
CA GLY D 208 -53.05 32.67 5.28
C GLY D 208 -53.41 31.74 6.43
N ILE D 209 -53.45 32.27 7.66
CA ILE D 209 -53.86 31.48 8.82
C ILE D 209 -55.29 30.99 8.64
N PHE D 210 -56.21 31.92 8.38
CA PHE D 210 -57.62 31.53 8.23
C PHE D 210 -57.82 30.57 7.06
N ASN D 211 -57.04 30.74 5.99
CA ASN D 211 -57.16 29.88 4.81
C ASN D 211 -56.89 28.41 5.14
N ALA D 212 -55.93 28.15 6.03
CA ALA D 212 -55.57 26.79 6.36
C ALA D 212 -56.57 26.13 7.31
N TYR D 213 -57.17 26.89 8.22
CA TYR D 213 -58.01 26.30 9.26
C TYR D 213 -59.50 26.43 9.00
N LYS D 214 -59.90 27.01 7.88
CA LYS D 214 -61.32 27.22 7.60
C LYS D 214 -62.05 25.88 7.45
N PRO D 215 -63.32 25.82 7.84
CA PRO D 215 -64.10 24.58 7.68
C PRO D 215 -64.45 24.35 6.22
N PRO D 216 -64.97 23.16 5.87
CA PRO D 216 -65.26 22.86 4.46
C PRO D 216 -66.16 23.90 3.80
N GLY D 217 -65.86 24.19 2.54
CA GLY D 217 -66.58 25.21 1.82
C GLY D 217 -66.34 26.63 2.30
N GLY D 218 -65.26 26.87 3.03
CA GLY D 218 -64.96 28.20 3.47
C GLY D 218 -64.30 29.04 2.38
N LYS D 219 -64.20 30.34 2.65
CA LYS D 219 -63.54 31.24 1.70
C LYS D 219 -62.95 32.42 2.47
N VAL D 220 -61.67 32.74 2.20
CA VAL D 220 -60.99 33.92 2.75
C VAL D 220 -60.88 34.97 1.66
N THR D 221 -61.33 36.19 1.96
CA THR D 221 -61.22 37.34 1.07
C THR D 221 -60.40 38.43 1.75
N LEU D 222 -59.42 38.98 1.04
CA LEU D 222 -58.66 40.13 1.51
C LEU D 222 -58.99 41.31 0.61
N CYS D 223 -59.27 42.47 1.21
CA CYS D 223 -59.51 43.68 0.42
C CYS D 223 -58.54 44.78 0.80
N TYR D 224 -58.18 45.60 -0.18
CA TYR D 224 -57.25 46.70 -0.01
C TYR D 224 -57.71 47.87 -0.88
N ARG D 225 -57.63 49.08 -0.33
CA ARG D 225 -58.24 50.24 -0.96
C ARG D 225 -57.49 50.70 -2.21
N ASN D 226 -56.22 50.35 -2.36
CA ASN D 226 -55.43 50.78 -3.50
C ASN D 226 -55.16 49.61 -4.44
N ASN D 227 -54.27 49.81 -5.40
CA ASN D 227 -54.18 48.88 -6.52
C ASN D 227 -53.39 47.61 -6.23
N LEU D 228 -52.52 47.61 -5.22
CA LEU D 228 -51.58 46.50 -5.05
C LEU D 228 -51.19 46.40 -3.58
N ILE D 229 -51.39 45.22 -2.98
CA ILE D 229 -51.14 45.06 -1.55
C ILE D 229 -49.67 45.27 -1.20
N LEU D 230 -49.38 45.41 0.10
CA LEU D 230 -48.02 45.43 0.66
C LEU D 230 -47.20 46.65 0.20
N ARG D 231 -47.86 47.81 0.21
CA ARG D 231 -47.17 49.08 0.00
C ARG D 231 -45.91 49.15 0.89
N GLY D 232 -44.80 49.62 0.30
CA GLY D 232 -43.53 49.71 1.00
C GLY D 232 -42.56 48.57 0.77
N PHE D 233 -43.05 47.44 0.25
CA PHE D 233 -42.22 46.30 -0.10
C PHE D 233 -41.85 46.34 -1.58
N ASP D 234 -40.90 45.49 -1.96
CA ASP D 234 -40.46 45.45 -3.35
C ASP D 234 -41.63 45.14 -4.28
N GLU D 235 -41.65 45.82 -5.43
CA GLU D 235 -42.82 45.75 -6.30
C GLU D 235 -42.95 44.38 -6.97
N THR D 236 -41.84 43.80 -7.42
CA THR D 236 -41.88 42.43 -7.93
C THR D 236 -42.47 41.49 -6.89
N ILE D 237 -42.05 41.65 -5.63
CA ILE D 237 -42.53 40.78 -4.56
C ILE D 237 -44.01 41.02 -4.29
N ARG D 238 -44.46 42.28 -4.30
CA ARG D 238 -45.87 42.56 -4.07
C ARG D 238 -46.74 41.84 -5.09
N GLU D 239 -46.34 41.88 -6.35
CA GLU D 239 -47.14 41.23 -7.39
C GLU D 239 -47.06 39.72 -7.26
N GLU D 240 -45.90 39.20 -6.86
CA GLU D 240 -45.74 37.75 -6.76
C GLU D 240 -46.49 37.19 -5.55
N VAL D 241 -46.45 37.89 -4.40
CA VAL D 241 -47.25 37.45 -3.25
C VAL D 241 -48.73 37.44 -3.59
N THR D 242 -49.19 38.44 -4.33
CA THR D 242 -50.59 38.47 -4.77
C THR D 242 -50.97 37.20 -5.51
N LYS D 243 -50.14 36.80 -6.48
CA LYS D 243 -50.42 35.63 -7.29
C LYS D 243 -50.38 34.35 -6.46
N GLN D 244 -49.47 34.26 -5.49
CA GLN D 244 -49.30 33.04 -4.73
C GLN D 244 -50.36 32.87 -3.65
N LEU D 245 -50.90 33.99 -3.12
CA LEU D 245 -52.10 33.91 -2.30
C LEU D 245 -53.29 33.41 -3.10
N THR D 246 -53.50 33.98 -4.29
CA THR D 246 -54.60 33.56 -5.15
C THR D 246 -54.49 32.07 -5.46
N ALA D 247 -53.28 31.62 -5.79
CA ALA D 247 -53.07 30.22 -6.12
C ALA D 247 -53.42 29.30 -4.96
N ASN D 248 -53.32 29.79 -3.73
CA ASN D 248 -53.68 28.97 -2.58
C ASN D 248 -55.12 29.17 -2.17
N GLY D 249 -55.91 29.88 -2.97
CA GLY D 249 -57.34 29.93 -2.79
C GLY D 249 -57.89 31.15 -2.09
N ILE D 250 -57.07 32.16 -1.81
CA ILE D 250 -57.52 33.39 -1.18
C ILE D 250 -57.93 34.37 -2.27
N GLU D 251 -59.04 35.07 -2.07
CA GLU D 251 -59.54 36.05 -3.03
C GLU D 251 -59.07 37.45 -2.66
N ILE D 252 -58.35 38.12 -3.56
CA ILE D 252 -57.79 39.46 -3.35
C ILE D 252 -58.68 40.49 -4.07
N MET D 253 -59.30 41.40 -3.31
CA MET D 253 -60.14 42.49 -3.84
C MET D 253 -59.41 43.83 -3.71
N THR D 254 -58.69 44.22 -4.75
CA THR D 254 -58.00 45.51 -4.73
C THR D 254 -58.91 46.63 -5.22
N ASN D 255 -58.53 47.88 -4.88
CA ASN D 255 -59.33 49.07 -5.16
C ASN D 255 -60.74 48.99 -4.58
N GLU D 256 -60.86 48.35 -3.41
CA GLU D 256 -62.13 48.26 -2.72
C GLU D 256 -61.96 48.62 -1.25
N ASN D 257 -62.98 49.26 -0.70
CA ASN D 257 -62.92 49.71 0.66
C ASN D 257 -64.30 49.65 1.30
N PRO D 258 -64.44 49.03 2.46
CA PRO D 258 -65.75 48.97 3.13
C PRO D 258 -66.31 50.35 3.45
N ALA D 259 -67.62 50.51 3.19
CA ALA D 259 -68.37 51.72 3.52
C ALA D 259 -69.33 51.53 4.68
N LYS D 260 -69.88 50.34 4.87
CA LYS D 260 -70.69 50.05 6.05
C LYS D 260 -70.82 48.55 6.22
N VAL D 261 -71.24 48.17 7.43
CA VAL D 261 -71.43 46.77 7.78
C VAL D 261 -72.76 46.68 8.52
N SER D 262 -73.58 45.70 8.16
CA SER D 262 -74.82 45.44 8.89
C SER D 262 -74.89 43.97 9.28
N LEU D 263 -75.70 43.70 10.30
CA LEU D 263 -75.91 42.35 10.79
C LEU D 263 -77.08 41.70 10.06
N ASN D 264 -76.83 40.55 9.44
CA ASN D 264 -77.88 39.76 8.83
C ASN D 264 -78.69 39.05 9.90
N THR D 265 -79.90 38.63 9.52
CA THR D 265 -80.76 37.98 10.52
C THR D 265 -80.15 36.69 11.07
N ASP D 266 -79.23 36.05 10.35
CA ASP D 266 -78.58 34.85 10.87
C ASP D 266 -77.29 35.16 11.63
N GLY D 267 -76.96 36.43 11.85
CA GLY D 267 -75.80 36.80 12.62
C GLY D 267 -74.54 37.04 11.81
N SER D 268 -74.52 36.67 10.52
CA SER D 268 -73.40 37.01 9.67
C SER D 268 -73.43 38.50 9.34
N LYS D 269 -72.37 38.95 8.67
CA LYS D 269 -72.15 40.37 8.39
C LYS D 269 -72.31 40.66 6.92
N HIS D 270 -73.01 41.75 6.61
CA HIS D 270 -73.25 42.20 5.25
C HIS D 270 -72.41 43.46 5.02
N VAL D 271 -71.38 43.33 4.19
CA VAL D 271 -70.42 44.41 3.93
C VAL D 271 -70.77 45.08 2.61
N THR D 272 -70.95 46.40 2.65
CA THR D 272 -71.10 47.20 1.44
C THR D 272 -69.82 47.99 1.24
N PHE D 273 -69.24 47.88 0.04
CA PHE D 273 -68.05 48.62 -0.31
C PHE D 273 -68.42 49.99 -0.90
N GLU D 274 -67.44 50.90 -0.91
CA GLU D 274 -67.65 52.23 -1.50
C GLU D 274 -68.08 52.14 -2.97
N SER D 275 -67.61 51.11 -3.69
CA SER D 275 -67.98 50.93 -5.09
C SER D 275 -69.41 50.45 -5.27
N GLY D 276 -70.06 49.95 -4.22
CA GLY D 276 -71.38 49.39 -4.29
C GLY D 276 -71.43 47.88 -4.24
N LYS D 277 -70.30 47.21 -4.47
CA LYS D 277 -70.23 45.76 -4.32
C LYS D 277 -70.61 45.36 -2.89
N THR D 278 -70.99 44.11 -2.72
CA THR D 278 -71.34 43.61 -1.40
C THR D 278 -70.69 42.25 -1.18
N LEU D 279 -70.59 41.87 0.09
CA LEU D 279 -70.01 40.60 0.49
C LEU D 279 -70.57 40.23 1.85
N ASP D 280 -70.92 38.97 2.00
CA ASP D 280 -71.37 38.42 3.28
C ASP D 280 -70.29 37.51 3.84
N VAL D 281 -69.93 37.73 5.11
CA VAL D 281 -68.92 36.93 5.79
C VAL D 281 -69.35 36.71 7.24
N ASP D 282 -68.70 35.76 7.89
CA ASP D 282 -68.94 35.51 9.30
C ASP D 282 -68.07 36.37 10.22
N VAL D 283 -66.92 36.85 9.73
CA VAL D 283 -66.00 37.68 10.49
C VAL D 283 -65.43 38.76 9.57
N VAL D 284 -65.43 40.01 10.03
CA VAL D 284 -64.75 41.12 9.36
C VAL D 284 -63.60 41.56 10.26
N MET D 285 -62.35 41.26 9.86
CA MET D 285 -61.18 41.66 10.65
C MET D 285 -60.55 42.90 10.03
N MET D 286 -60.64 44.02 10.74
CA MET D 286 -60.04 45.28 10.31
C MET D 286 -58.55 45.26 10.64
N ALA D 287 -57.71 45.38 9.62
CA ALA D 287 -56.26 45.47 9.79
C ALA D 287 -55.71 46.59 8.90
N ILE D 288 -56.28 47.79 9.03
CA ILE D 288 -55.92 48.90 8.15
C ILE D 288 -54.78 49.76 8.69
N GLY D 289 -54.31 49.50 9.90
CA GLY D 289 -53.23 50.28 10.47
C GLY D 289 -53.22 50.15 11.98
N ARG D 290 -52.16 50.67 12.58
CA ARG D 290 -52.06 50.74 14.04
C ARG D 290 -51.60 52.14 14.44
N ILE D 291 -52.21 52.68 15.48
CA ILE D 291 -51.97 54.07 15.88
C ILE D 291 -51.33 54.13 17.27
N PRO D 292 -50.47 55.13 17.53
CA PRO D 292 -49.84 55.22 18.84
C PRO D 292 -50.86 55.35 19.96
N ARG D 293 -50.54 54.71 21.08
CA ARG D 293 -51.50 54.56 22.17
C ARG D 293 -51.23 55.62 23.23
N THR D 294 -51.74 56.84 22.96
CA THR D 294 -51.45 58.02 23.77
C THR D 294 -52.62 58.54 24.59
N ASN D 295 -53.85 58.11 24.27
CA ASN D 295 -55.03 58.78 24.80
C ASN D 295 -55.18 58.63 26.30
N ASP D 296 -54.72 57.50 26.88
CA ASP D 296 -54.93 57.29 28.31
C ASP D 296 -53.82 57.88 29.17
N LEU D 297 -52.75 58.40 28.58
CA LEU D 297 -51.60 58.86 29.35
C LEU D 297 -51.77 60.26 29.96
N GLN D 298 -52.82 60.98 29.58
CA GLN D 298 -53.07 62.35 30.09
C GLN D 298 -51.85 63.25 29.88
N LEU D 299 -51.29 63.18 28.67
CA LEU D 299 -50.09 63.95 28.35
C LEU D 299 -50.31 65.47 28.46
N GLY D 300 -51.56 65.92 28.39
CA GLY D 300 -51.81 67.35 28.58
C GLY D 300 -51.44 67.85 29.95
N ASN D 301 -51.45 66.97 30.95
CA ASN D 301 -51.09 67.38 32.32
C ASN D 301 -49.67 67.92 32.40
N VAL D 302 -48.78 67.49 31.51
CA VAL D 302 -47.40 67.92 31.52
C VAL D 302 -46.96 68.57 30.23
N GLY D 303 -47.78 68.57 29.19
CA GLY D 303 -47.41 69.23 27.97
C GLY D 303 -46.49 68.48 27.04
N VAL D 304 -46.51 67.14 27.05
CA VAL D 304 -45.72 66.37 26.11
C VAL D 304 -46.33 66.53 24.71
N LYS D 305 -45.50 66.90 23.74
CA LYS D 305 -45.96 67.25 22.40
C LYS D 305 -46.06 66.01 21.52
N LEU D 306 -47.16 65.94 20.76
CA LEU D 306 -47.39 64.92 19.76
C LEU D 306 -47.01 65.44 18.37
N THR D 307 -46.71 64.51 17.47
CA THR D 307 -46.55 64.83 16.05
C THR D 307 -47.91 65.05 15.42
N PRO D 308 -47.97 65.59 14.19
CA PRO D 308 -49.27 65.74 13.53
C PRO D 308 -49.97 64.41 13.30
N LYS D 309 -49.21 63.34 13.07
CA LYS D 309 -49.79 62.01 12.91
C LYS D 309 -50.24 61.37 14.23
N GLY D 310 -49.85 61.92 15.38
CA GLY D 310 -50.34 61.44 16.66
C GLY D 310 -49.34 60.71 17.54
N GLY D 311 -48.11 60.48 17.07
CA GLY D 311 -47.12 59.86 17.92
C GLY D 311 -46.51 60.86 18.88
N VAL D 312 -45.85 60.35 19.92
CA VAL D 312 -45.08 61.23 20.80
C VAL D 312 -43.84 61.70 20.04
N GLN D 313 -43.68 63.01 19.95
CA GLN D 313 -42.53 63.56 19.23
C GLN D 313 -41.26 63.34 20.05
N VAL D 314 -40.20 62.85 19.42
CA VAL D 314 -38.92 62.63 20.10
C VAL D 314 -37.76 63.05 19.19
N ASP D 315 -36.62 63.35 19.82
CA ASP D 315 -35.36 63.54 19.09
C ASP D 315 -34.70 62.18 18.86
N GLU D 316 -33.45 62.17 18.38
CA GLU D 316 -32.79 60.91 18.03
C GLU D 316 -32.42 60.09 19.26
N PHE D 317 -32.37 60.71 20.43
CA PHE D 317 -32.08 60.01 21.68
C PHE D 317 -33.35 59.68 22.46
N SER D 318 -34.52 59.75 21.80
CA SER D 318 -35.83 59.40 22.36
C SER D 318 -36.31 60.34 23.45
N ARG D 319 -35.82 61.59 23.48
CA ARG D 319 -36.28 62.57 24.46
C ARG D 319 -37.49 63.34 23.93
N THR D 320 -38.48 63.53 24.80
CA THR D 320 -39.59 64.42 24.48
C THR D 320 -39.17 65.87 24.72
N ASN D 321 -40.11 66.80 24.57
CA ASN D 321 -39.83 68.19 24.89
C ASN D 321 -39.79 68.45 26.39
N VAL D 322 -40.22 67.51 27.22
CA VAL D 322 -40.27 67.68 28.67
C VAL D 322 -39.07 66.94 29.26
N PRO D 323 -38.21 67.62 30.02
CA PRO D 323 -37.03 66.95 30.57
C PRO D 323 -37.42 65.80 31.48
N ASN D 324 -36.60 64.74 31.43
CA ASN D 324 -36.77 63.51 32.17
C ASN D 324 -37.97 62.70 31.72
N ILE D 325 -38.58 63.02 30.58
CA ILE D 325 -39.64 62.20 30.00
C ILE D 325 -39.20 61.78 28.60
N TYR D 326 -39.20 60.47 28.35
CA TYR D 326 -38.72 59.85 27.12
C TYR D 326 -39.82 58.97 26.56
N ALA D 327 -39.65 58.53 25.30
CA ALA D 327 -40.60 57.65 24.65
C ALA D 327 -39.89 56.80 23.61
N ILE D 328 -40.23 55.50 23.57
CA ILE D 328 -39.64 54.53 22.67
C ILE D 328 -40.76 53.61 22.16
N GLY D 329 -40.45 52.83 21.12
CA GLY D 329 -41.42 51.84 20.61
C GLY D 329 -42.50 52.43 19.71
N ASP D 330 -43.59 51.67 19.54
CA ASP D 330 -44.65 52.06 18.61
C ASP D 330 -45.28 53.42 18.94
N ILE D 331 -45.18 53.89 20.20
CA ILE D 331 -45.81 55.16 20.54
C ILE D 331 -45.18 56.32 19.78
N THR D 332 -43.96 56.15 19.27
CA THR D 332 -43.29 57.18 18.48
C THR D 332 -43.64 57.14 16.99
N ASP D 333 -44.43 56.17 16.55
CA ASP D 333 -44.98 56.14 15.18
C ASP D 333 -43.87 56.10 14.14
N ARG D 334 -42.87 55.26 14.38
CA ARG D 334 -41.68 55.15 13.55
C ARG D 334 -41.66 53.76 12.90
N LEU D 335 -40.61 52.97 13.07
CA LEU D 335 -40.64 51.57 12.66
C LEU D 335 -41.34 50.77 13.76
N MET D 336 -42.50 50.19 13.44
CA MET D 336 -43.25 49.43 14.44
C MET D 336 -42.83 47.96 14.35
N LEU D 337 -41.67 47.67 14.95
CA LEU D 337 -41.10 46.34 15.02
C LEU D 337 -40.55 46.09 16.41
N THR D 338 -40.66 44.84 16.88
CA THR D 338 -40.21 44.52 18.23
C THR D 338 -38.70 44.73 18.41
N PRO D 339 -37.83 44.25 17.52
CA PRO D 339 -36.40 44.47 17.78
C PRO D 339 -36.02 45.95 17.76
N VAL D 340 -36.78 46.80 17.07
CA VAL D 340 -36.49 48.23 17.08
C VAL D 340 -36.86 48.85 18.44
N ALA D 341 -38.02 48.50 18.99
CA ALA D 341 -38.40 49.01 20.32
C ALA D 341 -37.39 48.58 21.37
N ILE D 342 -36.89 47.34 21.26
CA ILE D 342 -35.88 46.85 22.18
C ILE D 342 -34.60 47.66 22.04
N ASN D 343 -34.14 47.86 20.80
CA ASN D 343 -32.93 48.63 20.56
C ASN D 343 -33.06 50.06 21.09
N GLU D 344 -34.21 50.70 20.86
CA GLU D 344 -34.43 52.04 21.39
C GLU D 344 -34.40 52.05 22.91
N GLY D 345 -34.98 51.03 23.54
CA GLY D 345 -35.02 51.02 25.00
C GLY D 345 -33.65 50.85 25.63
N ALA D 346 -32.85 49.93 25.07
CA ALA D 346 -31.46 49.76 25.50
C ALA D 346 -30.65 51.04 25.31
N ALA D 347 -30.77 51.65 24.12
CA ALA D 347 -30.05 52.89 23.82
C ALA D 347 -30.41 54.01 24.80
N LEU D 348 -31.70 54.16 25.09
CA LEU D 348 -32.14 55.20 26.03
C LEU D 348 -31.52 54.98 27.41
N VAL D 349 -31.57 53.74 27.91
CA VAL D 349 -31.03 53.49 29.25
C VAL D 349 -29.52 53.67 29.26
N ASP D 350 -28.82 53.27 28.18
CA ASP D 350 -27.39 53.53 28.09
C ASP D 350 -27.10 55.04 28.13
N THR D 351 -27.95 55.84 27.48
CA THR D 351 -27.70 57.27 27.39
C THR D 351 -27.99 57.97 28.72
N VAL D 352 -29.07 57.59 29.39
CA VAL D 352 -29.52 58.30 30.58
C VAL D 352 -28.83 57.78 31.84
N PHE D 353 -28.67 56.47 31.98
CA PHE D 353 -28.14 55.87 33.19
C PHE D 353 -26.78 55.23 33.01
N GLY D 354 -26.38 54.93 31.78
CA GLY D 354 -25.03 54.49 31.50
C GLY D 354 -24.13 55.66 31.22
N ASN D 355 -22.94 55.34 30.78
CA ASN D 355 -21.96 56.36 30.42
C ASN D 355 -21.64 56.27 28.93
N LYS D 356 -22.63 55.79 28.17
CA LYS D 356 -22.49 55.53 26.73
C LYS D 356 -23.70 56.10 26.00
N PRO D 357 -23.67 57.39 25.63
CA PRO D 357 -24.71 57.93 24.75
C PRO D 357 -24.79 57.13 23.45
N ARG D 358 -26.01 56.90 22.98
CA ARG D 358 -26.21 56.04 21.83
C ARG D 358 -27.60 56.31 21.27
N LYS D 359 -27.71 56.32 19.95
CA LYS D 359 -29.00 56.47 19.28
C LYS D 359 -29.24 55.29 18.35
N THR D 360 -30.51 54.93 18.21
CA THR D 360 -30.87 53.82 17.33
C THR D 360 -30.78 54.23 15.87
N ASP D 361 -30.21 53.34 15.05
CA ASP D 361 -30.15 53.52 13.61
C ASP D 361 -31.41 52.88 13.02
N HIS D 362 -32.27 53.71 12.43
CA HIS D 362 -33.53 53.21 11.87
C HIS D 362 -33.41 52.88 10.39
N THR D 363 -32.22 52.96 9.82
CA THR D 363 -31.99 52.54 8.45
C THR D 363 -31.46 51.12 8.40
N ARG D 364 -31.71 50.47 7.28
CA ARG D 364 -31.16 49.15 6.96
C ARG D 364 -31.59 48.09 7.99
N VAL D 365 -32.78 48.25 8.55
CA VAL D 365 -33.31 47.26 9.48
C VAL D 365 -33.94 46.11 8.69
N ALA D 366 -33.44 44.90 8.92
CA ALA D 366 -34.04 43.73 8.29
C ALA D 366 -35.38 43.39 8.94
N SER D 367 -36.33 42.89 8.14
CA SER D 367 -37.66 42.55 8.62
C SER D 367 -38.28 41.48 7.73
N ALA D 368 -39.42 40.93 8.17
CA ALA D 368 -40.02 39.80 7.47
C ALA D 368 -41.53 39.95 7.41
N VAL D 369 -42.15 39.20 6.48
CA VAL D 369 -43.59 38.99 6.49
C VAL D 369 -43.82 37.49 6.43
N PHE D 370 -44.61 36.97 7.35
CA PHE D 370 -44.84 35.53 7.39
C PHE D 370 -46.08 35.11 6.60
N SER D 371 -46.09 35.60 5.36
CA SER D 371 -46.94 35.03 4.34
C SER D 371 -46.46 33.62 4.00
N ILE D 372 -47.22 32.92 3.17
CA ILE D 372 -46.91 31.56 2.78
C ILE D 372 -46.77 31.52 1.26
N PRO D 373 -45.53 31.50 0.72
CA PRO D 373 -44.21 31.59 1.37
C PRO D 373 -43.90 33.00 1.88
N PRO D 374 -42.86 33.17 2.71
CA PRO D 374 -42.62 34.45 3.38
C PRO D 374 -41.71 35.41 2.62
N ILE D 375 -41.63 36.64 3.15
CA ILE D 375 -40.77 37.71 2.65
C ILE D 375 -39.68 37.99 3.68
N GLY D 376 -38.46 38.22 3.20
CA GLY D 376 -37.42 38.83 4.02
C GLY D 376 -36.82 40.00 3.26
N THR D 377 -36.58 41.10 3.98
CA THR D 377 -36.11 42.31 3.30
C THR D 377 -35.25 43.15 4.23
N CYS D 378 -34.28 43.85 3.64
CA CYS D 378 -33.43 44.81 4.33
C CYS D 378 -33.02 45.92 3.36
N GLY D 379 -33.25 47.16 3.74
CA GLY D 379 -32.79 48.30 2.97
C GLY D 379 -33.84 48.85 2.04
N LEU D 380 -33.36 49.62 1.05
CA LEU D 380 -34.22 50.44 0.19
C LEU D 380 -34.79 49.64 -0.97
N ILE D 381 -36.07 49.91 -1.29
CA ILE D 381 -36.63 49.43 -2.55
C ILE D 381 -36.18 50.35 -3.68
N GLU D 382 -36.20 49.82 -4.90
CA GLU D 382 -35.51 50.49 -6.00
C GLU D 382 -36.13 51.84 -6.34
N GLU D 383 -37.45 51.99 -6.21
CA GLU D 383 -38.05 53.29 -6.54
C GLU D 383 -37.56 54.37 -5.58
N VAL D 384 -37.35 54.03 -4.31
CA VAL D 384 -36.81 55.00 -3.37
C VAL D 384 -35.33 55.28 -3.68
N ALA D 385 -34.57 54.24 -3.98
CA ALA D 385 -33.15 54.41 -4.27
C ALA D 385 -32.94 55.29 -5.49
N ALA D 386 -33.79 55.15 -6.51
CA ALA D 386 -33.64 55.93 -7.73
C ALA D 386 -33.83 57.43 -7.47
N LYS D 387 -34.58 57.80 -6.45
CA LYS D 387 -34.79 59.22 -6.13
C LYS D 387 -33.62 59.83 -5.36
N GLU D 388 -32.75 59.01 -4.77
CA GLU D 388 -31.66 59.48 -3.94
C GLU D 388 -30.28 59.27 -4.58
N PHE D 389 -30.19 58.48 -5.65
CA PHE D 389 -28.92 58.19 -6.31
C PHE D 389 -29.05 58.38 -7.81
N GLU D 390 -27.98 58.90 -8.42
CA GLU D 390 -27.99 59.16 -9.84
C GLU D 390 -28.08 57.87 -10.64
N LYS D 391 -27.34 56.83 -10.24
CA LYS D 391 -27.29 55.57 -10.99
C LYS D 391 -27.51 54.40 -10.03
N VAL D 392 -28.54 53.61 -10.30
CA VAL D 392 -28.94 52.49 -9.46
C VAL D 392 -28.98 51.23 -10.33
N ALA D 393 -28.42 50.13 -9.83
CA ALA D 393 -28.48 48.85 -10.53
C ALA D 393 -29.40 47.88 -9.79
N VAL D 394 -30.11 47.05 -10.55
CA VAL D 394 -30.98 46.02 -9.98
C VAL D 394 -30.56 44.66 -10.52
N TYR D 395 -30.19 43.75 -9.62
CA TYR D 395 -29.88 42.37 -9.94
C TYR D 395 -31.05 41.49 -9.51
N MET D 396 -31.58 40.69 -10.42
CA MET D 396 -32.80 39.94 -10.12
C MET D 396 -32.65 38.48 -10.53
N SER D 397 -33.14 37.58 -9.69
CA SER D 397 -33.29 36.17 -10.02
C SER D 397 -34.67 35.71 -9.57
N SER D 398 -35.35 34.93 -10.41
CA SER D 398 -36.71 34.51 -10.08
C SER D 398 -37.04 33.26 -10.89
N PHE D 399 -37.44 32.20 -10.19
CA PHE D 399 -37.67 30.90 -10.81
C PHE D 399 -38.37 30.05 -9.77
N THR D 400 -39.09 29.02 -10.23
CA THR D 400 -39.64 28.05 -9.31
C THR D 400 -38.56 27.05 -8.91
N PRO D 401 -38.20 26.95 -7.63
CA PRO D 401 -37.18 25.97 -7.22
C PRO D 401 -37.56 24.55 -7.63
N LEU D 402 -36.54 23.72 -7.78
CA LEU D 402 -36.77 22.36 -8.27
C LEU D 402 -37.71 21.58 -7.35
N MET D 403 -37.53 21.70 -6.04
CA MET D 403 -38.33 20.87 -5.14
C MET D 403 -39.83 21.13 -5.31
N HIS D 404 -40.21 22.35 -5.69
CA HIS D 404 -41.63 22.64 -5.88
C HIS D 404 -42.15 22.24 -7.26
N ASN D 405 -41.26 21.97 -8.22
CA ASN D 405 -41.72 21.22 -9.38
C ASN D 405 -42.14 19.81 -8.99
N ILE D 406 -41.39 19.16 -8.10
CA ILE D 406 -41.75 17.83 -7.61
C ILE D 406 -42.91 17.90 -6.61
N SER D 407 -42.95 18.93 -5.78
CA SER D 407 -44.01 19.04 -4.77
C SER D 407 -45.38 19.29 -5.41
N GLY D 408 -45.41 19.90 -6.59
CA GLY D 408 -46.64 20.28 -7.25
C GLY D 408 -47.00 21.74 -7.12
N SER D 409 -46.40 22.44 -6.17
CA SER D 409 -46.67 23.87 -5.93
C SER D 409 -45.85 24.74 -6.88
N LYS D 410 -46.11 24.57 -8.19
CA LYS D 410 -45.26 25.20 -9.19
C LYS D 410 -45.39 26.72 -9.21
N TYR D 411 -46.43 27.25 -8.58
CA TYR D 411 -46.65 28.69 -8.48
C TYR D 411 -45.72 29.36 -7.48
N LYS D 412 -44.92 28.60 -6.73
CA LYS D 412 -44.08 29.18 -5.67
C LYS D 412 -42.76 29.65 -6.25
N LYS D 413 -42.81 30.80 -6.92
CA LYS D 413 -41.60 31.39 -7.47
C LYS D 413 -40.74 31.99 -6.37
N PHE D 414 -39.46 31.63 -6.33
CA PHE D 414 -38.50 32.31 -5.47
C PHE D 414 -37.99 33.56 -6.17
N VAL D 415 -37.97 34.68 -5.44
CA VAL D 415 -37.51 35.96 -5.96
C VAL D 415 -36.36 36.45 -5.09
N ALA D 416 -35.24 36.81 -5.73
CA ALA D 416 -34.12 37.44 -5.04
C ALA D 416 -33.71 38.68 -5.81
N LYS D 417 -33.67 39.83 -5.13
CA LYS D 417 -33.28 41.09 -5.76
C LYS D 417 -32.27 41.84 -4.90
N ILE D 418 -31.23 42.37 -5.55
CA ILE D 418 -30.23 43.22 -4.93
C ILE D 418 -30.25 44.56 -5.64
N VAL D 419 -30.38 45.65 -4.87
CA VAL D 419 -30.40 47.02 -5.37
C VAL D 419 -29.10 47.70 -4.95
N THR D 420 -28.40 48.31 -5.91
CA THR D 420 -27.10 48.92 -5.59
C THR D 420 -27.05 50.37 -6.06
N ASN D 421 -26.17 51.12 -5.39
CA ASN D 421 -25.67 52.37 -5.93
C ASN D 421 -24.59 52.02 -6.95
N HIS D 422 -24.92 52.14 -8.23
CA HIS D 422 -24.03 51.64 -9.27
C HIS D 422 -22.74 52.44 -9.40
N SER D 423 -22.66 53.63 -8.79
CA SER D 423 -21.43 54.40 -8.91
C SER D 423 -20.28 53.80 -8.10
N ASP D 424 -20.56 53.20 -6.94
CA ASP D 424 -19.51 52.50 -6.21
C ASP D 424 -19.81 51.03 -5.91
N GLY D 425 -20.99 50.52 -6.24
CA GLY D 425 -21.34 49.14 -5.99
C GLY D 425 -21.99 48.87 -4.64
N THR D 426 -22.16 49.88 -3.79
CA THR D 426 -22.72 49.67 -2.47
C THR D 426 -24.11 49.09 -2.55
N VAL D 427 -24.37 48.04 -1.78
CA VAL D 427 -25.69 47.43 -1.74
C VAL D 427 -26.61 48.30 -0.90
N LEU D 428 -27.71 48.75 -1.49
CA LEU D 428 -28.67 49.60 -0.80
C LEU D 428 -29.86 48.83 -0.25
N GLY D 429 -30.19 47.68 -0.84
CA GLY D 429 -31.32 46.89 -0.38
C GLY D 429 -31.28 45.48 -0.96
N VAL D 430 -31.80 44.51 -0.20
CA VAL D 430 -31.94 43.12 -0.61
C VAL D 430 -33.37 42.69 -0.29
N HIS D 431 -34.01 41.99 -1.23
CA HIS D 431 -35.43 41.67 -1.13
C HIS D 431 -35.67 40.24 -1.59
N LEU D 432 -36.34 39.44 -0.74
CA LEU D 432 -36.48 38.00 -0.94
C LEU D 432 -37.90 37.54 -0.70
N LEU D 433 -38.37 36.65 -1.58
CA LEU D 433 -39.64 35.96 -1.40
C LEU D 433 -39.42 34.48 -1.65
N GLY D 434 -39.82 33.63 -0.69
CA GLY D 434 -39.67 32.20 -0.80
C GLY D 434 -39.34 31.55 0.54
N ASP D 435 -39.42 30.22 0.59
CA ASP D 435 -39.14 29.49 1.82
C ASP D 435 -37.79 29.89 2.40
N GLY D 436 -37.77 30.24 3.68
CA GLY D 436 -36.55 30.59 4.37
C GLY D 436 -36.09 32.03 4.23
N ALA D 437 -36.81 32.85 3.47
CA ALA D 437 -36.41 34.25 3.30
C ALA D 437 -36.19 34.98 4.62
N PRO D 438 -37.04 34.86 5.66
CA PRO D 438 -36.74 35.56 6.93
C PRO D 438 -35.44 35.11 7.56
N GLU D 439 -35.10 33.82 7.44
CA GLU D 439 -33.85 33.34 8.00
C GLU D 439 -32.65 33.81 7.18
N ILE D 440 -32.80 33.84 5.85
CA ILE D 440 -31.70 34.24 4.99
C ILE D 440 -31.31 35.69 5.24
N ILE D 441 -32.31 36.54 5.52
CA ILE D 441 -32.06 37.98 5.49
C ILE D 441 -31.30 38.48 6.72
N GLN D 442 -31.24 37.72 7.82
CA GLN D 442 -30.67 38.27 9.05
C GLN D 442 -29.21 38.66 8.86
N ALA D 443 -28.40 37.74 8.33
CA ALA D 443 -26.99 38.08 8.13
C ALA D 443 -26.79 39.07 6.99
N VAL D 444 -27.77 39.21 6.11
CA VAL D 444 -27.74 40.31 5.14
C VAL D 444 -27.77 41.66 5.87
N GLY D 445 -28.54 41.72 6.96
CA GLY D 445 -28.55 42.92 7.77
C GLY D 445 -27.17 43.29 8.29
N VAL D 446 -26.40 42.29 8.70
CA VAL D 446 -25.02 42.56 9.10
C VAL D 446 -24.21 43.07 7.90
N CYS D 447 -24.40 42.45 6.74
CA CYS D 447 -23.69 42.87 5.53
C CYS D 447 -23.89 44.35 5.23
N LEU D 448 -25.11 44.84 5.35
CA LEU D 448 -25.36 46.23 4.97
C LEU D 448 -24.78 47.18 6.00
N ARG D 449 -24.73 46.78 7.27
CA ARG D 449 -24.12 47.69 8.21
C ARG D 449 -22.61 47.73 8.06
N LEU D 450 -22.03 46.77 7.35
CA LEU D 450 -20.63 46.77 6.94
C LEU D 450 -20.41 47.37 5.56
N ASN D 451 -21.45 47.97 4.97
CA ASN D 451 -21.36 48.64 3.68
C ASN D 451 -20.87 47.70 2.58
N ALA D 452 -21.39 46.48 2.56
CA ALA D 452 -21.04 45.52 1.52
C ALA D 452 -21.37 46.07 0.14
N LYS D 453 -20.54 45.68 -0.84
CA LYS D 453 -20.78 45.94 -2.25
C LYS D 453 -21.24 44.66 -2.97
N ILE D 454 -21.81 44.83 -4.16
CA ILE D 454 -22.24 43.66 -4.93
C ILE D 454 -21.07 42.72 -5.16
N SER D 455 -19.85 43.26 -5.31
CA SER D 455 -18.68 42.42 -5.52
C SER D 455 -18.38 41.55 -4.31
N ASP D 456 -18.73 42.02 -3.11
CA ASP D 456 -18.52 41.20 -1.93
C ASP D 456 -19.47 40.00 -1.94
N PHE D 457 -20.73 40.22 -2.33
CA PHE D 457 -21.65 39.12 -2.52
C PHE D 457 -21.17 38.17 -3.61
N TYR D 458 -20.82 38.70 -4.79
CA TYR D 458 -20.46 37.80 -5.89
C TYR D 458 -19.14 37.08 -5.63
N ASN D 459 -18.21 37.71 -4.91
CA ASN D 459 -16.94 37.05 -4.61
C ASN D 459 -17.08 35.94 -3.58
N THR D 460 -18.17 35.94 -2.81
CA THR D 460 -18.39 34.89 -1.81
C THR D 460 -18.86 33.60 -2.49
N ILE D 461 -18.31 32.47 -2.05
CA ILE D 461 -18.66 31.19 -2.65
C ILE D 461 -20.00 30.70 -2.11
N GLY D 462 -20.87 30.24 -3.00
CA GLY D 462 -22.20 29.84 -2.57
C GLY D 462 -22.21 28.53 -1.79
N VAL D 463 -23.25 28.38 -0.98
CA VAL D 463 -23.60 27.12 -0.33
C VAL D 463 -24.59 26.42 -1.24
N HIS D 464 -24.30 25.18 -1.63
CA HIS D 464 -25.09 24.47 -2.63
C HIS D 464 -25.59 23.15 -2.09
N PRO D 465 -26.88 22.80 -2.29
CA PRO D 465 -27.92 23.62 -2.94
C PRO D 465 -28.73 24.39 -1.90
N THR D 466 -28.84 25.70 -2.05
CA THR D 466 -29.71 26.53 -1.21
C THR D 466 -30.42 27.55 -2.09
N SER D 467 -31.46 28.18 -1.54
CA SER D 467 -32.00 29.38 -2.19
C SER D 467 -31.05 30.55 -2.00
N ALA D 468 -30.38 30.62 -0.83
CA ALA D 468 -29.60 31.79 -0.49
C ALA D 468 -28.43 32.00 -1.44
N GLU D 469 -27.93 30.93 -2.07
CA GLU D 469 -26.77 31.09 -2.94
C GLU D 469 -27.07 31.93 -4.17
N GLU D 470 -28.35 32.17 -4.50
CA GLU D 470 -28.66 33.08 -5.61
C GLU D 470 -28.07 34.46 -5.37
N LEU D 471 -27.95 34.89 -4.10
CA LEU D 471 -27.44 36.21 -3.76
C LEU D 471 -25.95 36.33 -4.04
N CYS D 472 -25.24 35.23 -4.20
CA CYS D 472 -23.81 35.24 -4.43
C CYS D 472 -23.46 34.81 -5.86
N SER D 473 -24.45 34.79 -6.75
CA SER D 473 -24.29 34.32 -8.12
C SER D 473 -24.70 35.36 -9.14
N MET D 474 -24.84 36.61 -8.73
CA MET D 474 -25.34 37.68 -9.60
C MET D 474 -24.23 38.71 -9.82
N ARG D 475 -23.81 38.86 -11.07
CA ARG D 475 -22.74 39.78 -11.45
C ARG D 475 -23.19 40.85 -12.45
N THR D 476 -24.24 40.61 -13.22
CA THR D 476 -24.70 41.51 -14.26
C THR D 476 -26.07 42.06 -13.92
N PRO D 477 -26.25 43.39 -13.88
CA PRO D 477 -27.57 43.93 -13.59
C PRO D 477 -28.61 43.50 -14.63
N SER D 478 -29.85 43.33 -14.15
CA SER D 478 -30.99 43.10 -15.02
C SER D 478 -31.43 44.38 -15.71
N TYR D 479 -31.35 45.51 -14.99
CA TYR D 479 -31.71 46.82 -15.51
C TYR D 479 -31.19 47.86 -14.52
N TYR D 480 -31.40 49.14 -14.87
CA TYR D 480 -30.85 50.27 -14.15
C TYR D 480 -31.91 51.36 -14.00
N TYR D 481 -31.65 52.27 -13.07
CA TYR D 481 -32.27 53.58 -13.05
C TYR D 481 -31.17 54.62 -13.21
N VAL D 482 -31.34 55.53 -14.17
CA VAL D 482 -30.41 56.63 -14.39
C VAL D 482 -31.21 57.92 -14.28
N LYS D 483 -30.87 58.75 -13.31
CA LYS D 483 -31.59 59.99 -13.02
C LYS D 483 -33.09 59.74 -12.90
N GLY D 484 -33.48 58.57 -12.38
CA GLY D 484 -34.87 58.25 -12.12
C GLY D 484 -35.56 57.43 -13.20
N GLU D 485 -34.87 57.11 -14.29
CA GLU D 485 -35.49 56.48 -15.44
C GLU D 485 -34.98 55.06 -15.61
N LYS D 486 -35.92 54.12 -15.70
CA LYS D 486 -35.60 52.70 -15.82
C LYS D 486 -35.17 52.37 -17.27
N MET D 487 -34.16 51.51 -17.40
CA MET D 487 -33.65 51.11 -18.71
C MET D 487 -32.78 49.87 -18.58
N GLU D 488 -32.73 49.06 -19.63
CA GLU D 488 -32.08 47.76 -19.59
C GLU D 488 -30.55 47.88 -19.64
N LYS D 489 -30.04 48.80 -20.43
CA LYS D 489 -28.60 49.05 -20.56
C LYS D 489 -28.30 50.49 -20.19
N LEU D 490 -27.03 50.77 -19.91
CA LEU D 490 -26.62 52.15 -19.62
C LEU D 490 -26.43 52.97 -20.90
PA FAD E . 23.65 -12.44 11.33
O1A FAD E . 22.26 -12.24 10.82
O2A FAD E . 24.44 -13.65 11.03
O5B FAD E . 23.67 -12.07 12.90
C5B FAD E . 22.95 -10.95 13.42
C4B FAD E . 22.50 -11.28 14.85
O4B FAD E . 22.08 -10.07 15.52
C3B FAD E . 21.31 -12.26 14.96
O3B FAD E . 21.73 -13.42 15.68
C2B FAD E . 20.25 -11.42 15.69
O2B FAD E . 19.45 -12.19 16.55
C1B FAD E . 21.05 -10.35 16.42
N9A FAD E . 20.44 -9.08 16.70
C8A FAD E . 19.68 -8.31 15.87
N7A FAD E . 19.31 -7.18 16.40
C5A FAD E . 19.84 -7.21 17.67
C6A FAD E . 19.84 -6.30 18.75
N6A FAD E . 19.21 -5.11 18.70
N1A FAD E . 20.49 -6.66 19.86
C2A FAD E . 21.13 -7.82 19.92
N3A FAD E . 21.21 -8.74 18.97
C4A FAD E . 20.55 -8.38 17.87
N1 FAD E . 24.81 -16.84 3.19
C2 FAD E . 25.79 -17.59 2.62
O2 FAD E . 26.96 -17.23 2.53
N3 FAD E . 25.43 -18.86 2.12
C4 FAD E . 24.19 -19.44 2.14
O4 FAD E . 23.99 -20.54 1.69
C4X FAD E . 23.16 -18.59 2.78
N5 FAD E . 21.94 -19.04 2.85
C5X FAD E . 20.99 -18.25 3.45
C6 FAD E . 19.67 -18.72 3.56
C7 FAD E . 18.68 -17.97 4.15
C7M FAD E . 17.25 -18.50 4.26
C8 FAD E . 19.01 -16.70 4.67
C8M FAD E . 17.97 -15.84 5.34
C9 FAD E . 20.31 -16.23 4.59
C9A FAD E . 21.33 -16.98 3.98
N10 FAD E . 22.63 -16.52 3.87
C10 FAD E . 23.58 -17.30 3.27
C1' FAD E . 23.03 -15.19 4.38
C2' FAD E . 23.66 -15.20 5.76
O2' FAD E . 22.73 -15.83 6.63
C3' FAD E . 23.98 -13.75 6.17
O3' FAD E . 24.71 -13.13 5.10
C4' FAD E . 24.88 -13.69 7.41
O4' FAD E . 24.30 -14.47 8.45
C5' FAD E . 25.01 -12.24 7.86
O5' FAD E . 25.87 -12.24 9.00
P FAD E . 25.84 -10.94 9.97
O1P FAD E . 27.00 -11.13 10.90
O2P FAD E . 25.61 -9.78 9.08
O3P FAD E . 24.42 -11.14 10.74
N1 IMD F . 11.71 -49.14 -9.65
C2 IMD F . 11.33 -48.18 -8.82
N3 IMD F . 12.43 -47.69 -8.26
C4 IMD F . 13.53 -48.35 -8.74
C5 IMD F . 13.06 -49.27 -9.62
C1 PEG G . 4.30 -13.33 9.09
O1 PEG G . 3.75 -12.06 8.80
C2 PEG G . 5.80 -13.29 8.96
O2 PEG G . 6.35 -12.48 9.97
C3 PEG G . 7.07 -11.39 9.44
C4 PEG G . 8.44 -11.85 9.01
O4 PEG G . 9.03 -10.89 8.18
C1 PEG H . 20.51 8.53 12.69
O1 PEG H . 20.48 9.93 12.47
C2 PEG H . 19.90 7.79 11.52
O2 PEG H . 18.49 7.69 11.65
C3 PEG H . 18.09 6.90 12.73
C4 PEG H . 17.11 5.85 12.26
O4 PEG H . 17.66 4.56 12.37
BR BR I . 5.70 -35.71 7.27
BR BR J . 45.09 -20.63 -24.57
PA FAD K . 45.13 -46.15 -25.01
O1A FAD K . 45.33 -47.41 -24.20
O2A FAD K . 44.02 -45.19 -24.67
O5B FAD K . 44.97 -46.69 -26.52
C5B FAD K . 45.86 -47.68 -27.02
C4B FAD K . 45.15 -48.35 -28.20
O4B FAD K . 46.12 -49.08 -28.98
C3B FAD K . 44.07 -49.35 -27.81
O3B FAD K . 42.84 -48.93 -28.35
C2B FAD K . 44.55 -50.66 -28.47
O2B FAD K . 43.50 -51.43 -28.94
C1B FAD K . 45.48 -50.17 -29.57
N9A FAD K . 46.55 -51.05 -29.98
C8A FAD K . 47.41 -51.73 -29.15
N7A FAD K . 48.32 -52.41 -29.79
C5A FAD K . 48.06 -52.18 -31.13
C6A FAD K . 48.66 -52.62 -32.33
N6A FAD K . 49.72 -53.43 -32.35
N1A FAD K . 48.16 -52.18 -33.50
C2A FAD K . 47.11 -51.36 -33.49
N3A FAD K . 46.46 -50.89 -32.43
C4A FAD K . 46.97 -51.32 -31.27
N1 FAD K . 43.01 -42.58 -16.60
C2 FAD K . 42.52 -41.39 -16.16
O2 FAD K . 43.02 -40.31 -16.43
N3 FAD K . 41.40 -41.40 -15.34
C4 FAD K . 40.70 -42.51 -14.94
O4 FAD K . 39.73 -42.43 -14.24
C4X FAD K . 41.26 -43.79 -15.43
N5 FAD K . 40.66 -44.92 -15.10
C5X FAD K . 41.20 -46.07 -15.60
C6 FAD K . 40.59 -47.31 -15.26
C7 FAD K . 41.04 -48.52 -15.71
C7M FAD K . 40.36 -49.82 -15.34
C8 FAD K . 42.20 -48.53 -16.55
C8M FAD K . 42.76 -49.82 -17.08
C9 FAD K . 42.80 -47.33 -16.88
C9A FAD K . 42.34 -46.08 -16.42
N10 FAD K . 42.94 -44.87 -16.75
C10 FAD K . 42.42 -43.70 -16.28
C1' FAD K . 44.15 -44.80 -17.60
C2' FAD K . 43.85 -44.43 -19.05
O2' FAD K . 42.89 -45.34 -19.50
C3' FAD K . 45.17 -44.49 -19.87
O3' FAD K . 46.13 -43.66 -19.25
C4' FAD K . 44.96 -44.01 -21.33
O4' FAD K . 43.85 -44.69 -21.90
C5' FAD K . 46.24 -44.24 -22.13
O5' FAD K . 46.13 -43.51 -23.34
P FAD K . 47.13 -43.95 -24.56
O1P FAD K . 46.90 -43.01 -25.69
O2P FAD K . 48.49 -44.26 -24.04
O3P FAD K . 46.57 -45.42 -25.00
N1 IMD L . 15.00 -48.20 4.49
C2 IMD L . 14.07 -47.72 5.32
N3 IMD L . 14.01 -46.41 5.12
C4 IMD L . 14.90 -46.04 4.16
C5 IMD L . 15.53 -47.17 3.76
N1 A1I3U M . 50.42 -37.15 -10.45
C4 A1I3U M . 49.89 -39.20 -9.27
C5 A1I3U M . 50.57 -39.97 -8.14
C6 A1I3U M . 49.61 -40.94 -7.48
C7 A1I3U M . 50.89 -38.31 -9.99
N A1I3U M . 49.04 -41.85 -8.48
C A1I3U M . 48.26 -44.04 -9.25
O A1I3U M . 50.16 -43.69 -7.85
C1 A1I3U M . 49.23 -43.20 -8.47
C2 A1I3U M . 48.30 -41.13 -9.52
C3 A1I3U M . 49.23 -40.17 -10.26
O1 A1I3U M . 52.05 -38.66 -10.14
BR BR N . 53.53 -49.69 2.21
BR BR O . 49.93 -56.80 -4.36
PA FAD P . -17.61 16.24 -11.25
O1A FAD P . -17.45 14.98 -10.42
O2A FAD P . -18.76 17.20 -11.05
O5B FAD P . -17.42 15.84 -12.81
C5B FAD P . -16.48 14.86 -13.20
C4B FAD P . -17.04 14.27 -14.49
O4B FAD P . -15.97 13.70 -15.26
C3B FAD P . -18.10 13.17 -14.27
O3B FAD P . -19.29 13.54 -14.92
C2B FAD P . -17.47 11.93 -14.92
O2B FAD P . -18.44 11.19 -15.57
C1B FAD P . -16.44 12.54 -15.89
N9A FAD P . -15.29 11.71 -16.19
C8A FAD P . -14.52 10.97 -15.33
N7A FAD P . -13.51 10.36 -15.91
C5A FAD P . -13.61 10.72 -17.23
C6A FAD P . -12.84 10.41 -18.36
N6A FAD P . -11.77 9.62 -18.33
N1A FAD P . -13.22 10.95 -19.53
C2A FAD P . -14.29 11.73 -19.58
N3A FAD P . -15.08 12.09 -18.59
C4A FAD P . -14.70 11.56 -17.43
N1 FAD P . -20.99 19.34 -2.97
C2 FAD P . -21.60 20.46 -2.50
O2 FAD P . -21.14 21.59 -2.67
N3 FAD P . -22.82 20.33 -1.81
C4 FAD P . -23.45 19.15 -1.55
O4 FAD P . -24.52 19.10 -0.96
C4X FAD P . -22.75 17.94 -2.06
N5 FAD P . -23.28 16.77 -1.87
C5X FAD P . -22.63 15.67 -2.35
C6 FAD P . -23.19 14.39 -2.16
C7 FAD P . -22.58 13.25 -2.62
C7M FAD P . -23.19 11.89 -2.41
C8 FAD P . -21.35 13.38 -3.33
C8M FAD P . -20.63 12.16 -3.85
C9 FAD P . -20.78 14.62 -3.53
C9A FAD P . -21.41 15.80 -3.05
N10 FAD P . -20.88 17.06 -3.24
C10 FAD P . -21.51 18.16 -2.76
C1' FAD P . -19.60 17.27 -3.94
C2' FAD P . -19.72 17.64 -5.41
O2' FAD P . -20.52 16.68 -6.06
C3' FAD P . -18.29 17.71 -6.03
O3' FAD P . -17.48 18.53 -5.23
C4' FAD P . -18.32 18.28 -7.46
O4' FAD P . -19.31 17.59 -8.19
C5' FAD P . -16.97 18.10 -8.13
O5' FAD P . -16.99 18.86 -9.33
P FAD P . -15.86 18.53 -10.46
O1P FAD P . -16.09 19.45 -11.60
O2P FAD P . -14.57 18.31 -9.75
O3P FAD P . -16.23 17.05 -11.00
N1 IMD Q . -52.40 11.33 13.53
C2 IMD Q . -53.34 11.98 14.19
N3 IMD Q . -53.03 13.26 14.18
C4 IMD Q . -51.86 13.44 13.50
C5 IMD Q . -51.45 12.21 13.09
C1 PEG R . -18.33 -2.65 -6.42
O1 PEG R . -18.00 -3.55 -7.47
C2 PEG R . -18.91 -1.37 -6.95
O2 PEG R . -18.94 -0.41 -5.92
C3 PEG R . -17.65 0.09 -5.63
C4 PEG R . -17.36 1.25 -6.53
O4 PEG R . -17.83 2.43 -5.92
C1 PEG S . -0.71 28.20 21.41
O1 PEG S . -1.45 27.02 21.68
C2 PEG S . -1.64 29.34 21.10
O2 PEG S . -1.08 30.56 21.53
C3 PEG S . -0.09 31.06 20.66
C4 PEG S . -0.71 31.42 19.34
O4 PEG S . -0.06 32.54 18.79
N1 IMD T . -19.71 42.83 21.76
C2 IMD T . -19.15 43.94 22.21
N3 IMD T . -19.93 44.94 21.86
C4 IMD T . -21.03 44.48 21.18
C5 IMD T . -20.89 43.13 21.11
N1 A1I3U U . -14.87 24.51 4.10
C4 A1I3U U . -15.32 22.59 5.50
C5 A1I3U U . -14.68 21.90 6.72
C6 A1I3U U . -15.65 20.88 7.32
C7 A1I3U U . -14.33 23.54 4.84
N A1I3U U . -16.07 19.91 6.31
C A1I3U U . -14.73 18.10 7.27
O A1I3U U . -16.49 17.79 5.71
C1 A1I3U U . -15.83 18.57 6.37
C2 A1I3U U . -16.73 20.55 5.17
C3 A1I3U U . -15.80 21.53 4.50
O1 A1I3U U . -13.12 23.41 4.98
PA FAD V . -45.83 46.89 23.26
O1A FAD V . -47.11 47.10 22.51
O2A FAD V . -44.95 45.70 23.09
O5B FAD V . -46.14 47.15 24.84
C5B FAD V . -47.06 48.14 25.29
C4B FAD V . -47.64 47.65 26.60
O4B FAD V . -48.22 48.80 27.28
C3B FAD V . -48.79 46.64 26.46
O3B FAD V . -48.43 45.48 27.20
C2B FAD V . -50.01 47.38 27.04
O2B FAD V . -50.85 46.51 27.73
C1B FAD V . -49.38 48.40 27.96
N9A FAD V . -50.09 49.63 28.21
C8A FAD V . -50.73 50.43 27.31
N7A FAD V . -51.23 51.51 27.84
C5A FAD V . -50.88 51.43 29.18
C6A FAD V . -51.09 52.28 30.30
N6A FAD V . -51.77 53.42 30.21
N1A FAD V . -50.62 51.89 31.50
C2A FAD V . -49.96 50.74 31.59
N3A FAD V . -49.69 49.88 30.61
C4A FAD V . -50.16 50.28 29.43
N1 FAD V . -43.07 42.98 15.19
C2 FAD V . -42.00 42.27 14.75
O2 FAD V . -40.85 42.65 14.86
N3 FAD V . -42.22 41.03 14.14
C4 FAD V . -43.43 40.42 13.94
O4 FAD V . -43.53 39.32 13.42
C4X FAD V . -44.58 41.21 14.45
N5 FAD V . -45.79 40.74 14.30
C5X FAD V . -46.85 41.47 14.77
C6 FAD V . -48.16 40.95 14.64
C7 FAD V . -49.26 41.64 15.10
C7M FAD V . -50.64 41.08 14.94
C8 FAD V . -49.06 42.91 15.72
C8M FAD V . -50.22 43.69 16.24
C9 FAD V . -47.78 43.42 15.88
C9A FAD V . -46.65 42.73 15.40
N10 FAD V . -45.36 43.21 15.53
C10 FAD V . -44.29 42.49 15.05
C1' FAD V . -45.10 44.52 16.15
C2' FAD V . -44.62 44.47 17.60
O2' FAD V . -45.59 43.74 18.30
C3' FAD V . -44.54 45.91 18.16
O3' FAD V . -43.72 46.66 17.27
C4' FAD V . -43.90 45.93 19.54
O4' FAD V . -44.60 45.05 20.43
C5' FAD V . -43.88 47.36 20.10
O5' FAD V . -43.16 47.30 21.32
P FAD V . -43.43 48.49 22.40
O1P FAD V . -42.47 48.30 23.52
O2P FAD V . -43.62 49.77 21.67
O3P FAD V . -44.96 48.21 22.89
N1 IMD W . -54.65 24.70 -4.83
C2 IMD W . -53.75 24.88 -3.87
N3 IMD W . -52.58 24.52 -4.35
C4 IMD W . -52.71 24.08 -5.64
C5 IMD W . -54.02 24.20 -5.96
C1 PEG X . -60.94 47.65 19.08
O1 PEG X . -59.87 47.02 18.40
C2 PEG X . -62.20 47.54 18.25
O2 PEG X . -62.59 46.19 18.10
C3 PEG X . -63.59 45.76 19.00
C4 PEG X . -64.87 46.54 18.86
O4 PEG X . -65.18 46.81 17.50
N1 A1I3U Y . -38.97 50.38 7.26
C4 A1I3U Y . -39.62 48.12 6.73
C5 A1I3U Y . -40.27 48.63 5.44
C6 A1I3U Y . -41.35 47.65 4.97
C7 A1I3U Y . -38.57 49.11 7.23
N A1I3U Y . -42.35 47.45 6.03
C A1I3U Y . -44.07 48.61 4.74
O A1I3U Y . -44.50 47.25 6.65
C1 A1I3U Y . -43.67 47.73 5.88
C2 A1I3U Y . -41.75 46.91 7.26
C3 A1I3U Y . -40.68 47.87 7.79
O1 A1I3U Y . -37.45 48.75 7.56
BR BR Z . -35.74 40.84 29.59
BR BR AA . -57.50 49.23 3.13
#